data_1NHO
#
_entry.id   1NHO
#
_entity_poly.entity_id   1
_entity_poly.type   'polypeptide(L)'
_entity_poly.pdbx_seq_one_letter_code
;MVVNIEVFTSPTCPYCPMAIEVVDEAKKEFGDKIDVEKIDIMVDREKAIEYGLMAVPAIAINGVVRFVGAPSREELFEAI
NDEME
;
_entity_poly.pdbx_strand_id   A
#
# COMPACT_ATOMS: atom_id res chain seq x y z
N MET A 1 -1.19 4.49 -13.92
CA MET A 1 -2.14 5.07 -12.92
C MET A 1 -1.46 6.17 -12.11
N VAL A 2 -2.23 7.02 -11.51
CA VAL A 2 -1.63 8.11 -10.68
C VAL A 2 -1.24 7.57 -9.30
N VAL A 3 -2.08 7.76 -8.35
CA VAL A 3 -1.78 7.27 -6.99
C VAL A 3 -2.30 5.85 -6.82
N ASN A 4 -1.49 4.95 -6.35
CA ASN A 4 -1.96 3.54 -6.19
C ASN A 4 -1.23 2.92 -5.02
N ILE A 5 -1.94 2.86 -3.95
CA ILE A 5 -1.42 2.31 -2.66
C ILE A 5 -2.27 1.17 -2.09
N GLU A 6 -1.72 0.14 -1.56
CA GLU A 6 -2.63 -0.84 -0.97
C GLU A 6 -2.07 -1.18 0.39
N VAL A 7 -2.86 -0.96 1.43
CA VAL A 7 -2.38 -1.18 2.79
C VAL A 7 -3.13 -2.33 3.36
N PHE A 8 -2.42 -3.40 3.56
CA PHE A 8 -3.06 -4.60 4.08
C PHE A 8 -2.47 -4.94 5.45
N THR A 9 -3.13 -4.51 6.48
CA THR A 9 -2.65 -4.84 7.85
C THR A 9 -3.78 -5.48 8.63
N SER A 10 -4.88 -4.81 8.80
CA SER A 10 -6.02 -5.41 9.54
C SER A 10 -7.19 -4.43 9.64
N PRO A 11 -8.37 -4.98 9.63
CA PRO A 11 -9.60 -4.15 9.69
C PRO A 11 -9.83 -3.65 11.12
N THR A 12 -9.40 -4.39 12.09
CA THR A 12 -9.57 -3.96 13.50
C THR A 12 -8.51 -2.93 13.87
N CYS A 13 -7.49 -2.80 13.05
CA CYS A 13 -6.42 -1.81 13.34
C CYS A 13 -6.24 -0.87 12.16
N PRO A 14 -5.32 0.06 12.31
CA PRO A 14 -5.04 1.04 11.25
C PRO A 14 -4.08 0.45 10.22
N TYR A 15 -4.58 0.11 9.07
CA TYR A 15 -3.69 -0.48 8.01
C TYR A 15 -2.45 0.40 7.84
N CYS A 16 -2.28 1.00 6.69
CA CYS A 16 -1.11 1.90 6.46
C CYS A 16 -1.49 3.01 5.47
N PRO A 17 -2.70 3.50 5.61
CA PRO A 17 -3.20 4.57 4.71
C PRO A 17 -2.57 5.93 5.07
N MET A 18 -1.36 5.93 5.57
CA MET A 18 -0.72 7.22 5.93
C MET A 18 0.37 7.57 4.92
N ALA A 19 1.31 6.69 4.71
CA ALA A 19 2.39 6.97 3.73
C ALA A 19 1.80 7.22 2.36
N ILE A 20 0.60 6.77 2.16
CA ILE A 20 -0.06 6.97 0.85
C ILE A 20 -0.46 8.44 0.68
N GLU A 21 -0.98 9.03 1.74
CA GLU A 21 -1.39 10.45 1.68
C GLU A 21 -0.21 11.28 1.17
N VAL A 22 0.99 10.90 1.56
CA VAL A 22 2.20 11.64 1.08
C VAL A 22 2.40 11.35 -0.41
N VAL A 23 2.30 10.11 -0.78
CA VAL A 23 2.44 9.74 -2.23
C VAL A 23 1.30 10.38 -3.01
N ASP A 24 0.14 10.50 -2.41
CA ASP A 24 -1.01 11.13 -3.09
C ASP A 24 -0.74 12.60 -3.33
N GLU A 25 -0.16 13.22 -2.34
CA GLU A 25 0.18 14.67 -2.44
C GLU A 25 1.09 14.90 -3.64
N ALA A 26 2.12 14.10 -3.77
CA ALA A 26 3.05 14.24 -4.93
C ALA A 26 2.43 13.64 -6.18
N LYS A 27 1.74 12.54 -6.06
CA LYS A 27 1.15 11.90 -7.28
C LYS A 27 -0.04 12.72 -7.75
N LYS A 28 -0.56 13.55 -6.89
CA LYS A 28 -1.67 14.43 -7.31
C LYS A 28 -1.07 15.48 -8.23
N GLU A 29 0.04 16.05 -7.83
CA GLU A 29 0.73 17.09 -8.65
C GLU A 29 0.83 16.61 -10.11
N PHE A 30 1.06 15.35 -10.27
CA PHE A 30 1.15 14.76 -11.63
C PHE A 30 -0.24 14.24 -11.97
N GLY A 31 -0.66 13.16 -11.34
CA GLY A 31 -2.03 12.66 -11.61
C GLY A 31 -3.05 13.43 -10.74
N ASP A 32 -3.62 14.53 -11.15
CA ASP A 32 -4.67 15.17 -10.26
C ASP A 32 -5.58 14.07 -9.63
N LYS A 33 -5.76 12.98 -10.32
CA LYS A 33 -6.59 11.82 -9.81
C LYS A 33 -5.80 10.95 -8.83
N ILE A 34 -6.46 10.30 -7.90
CA ILE A 34 -5.72 9.41 -6.96
C ILE A 34 -6.36 8.03 -6.92
N ASP A 35 -5.63 7.04 -6.48
CA ASP A 35 -6.19 5.67 -6.39
C ASP A 35 -5.48 4.92 -5.26
N VAL A 36 -5.74 5.28 -4.05
CA VAL A 36 -5.05 4.58 -2.95
C VAL A 36 -5.99 3.51 -2.45
N GLU A 37 -5.54 2.28 -2.46
CA GLU A 37 -6.41 1.16 -2.04
C GLU A 37 -5.90 0.66 -0.70
N LYS A 38 -6.79 0.19 0.11
CA LYS A 38 -6.46 -0.23 1.52
C LYS A 38 -7.22 -1.47 1.98
N ILE A 39 -6.53 -2.55 2.14
CA ILE A 39 -7.22 -3.79 2.55
C ILE A 39 -6.86 -4.24 3.96
N ASP A 40 -7.65 -5.14 4.50
CA ASP A 40 -7.37 -5.69 5.87
C ASP A 40 -6.68 -7.07 5.78
N ILE A 41 -6.04 -7.50 6.85
CA ILE A 41 -5.36 -8.85 6.85
C ILE A 41 -6.37 -9.97 6.63
N MET A 42 -7.63 -9.73 6.85
CA MET A 42 -8.64 -10.82 6.64
C MET A 42 -9.20 -10.82 5.21
N VAL A 43 -9.00 -9.75 4.48
CA VAL A 43 -9.54 -9.68 3.08
C VAL A 43 -8.41 -9.66 2.07
N ASP A 44 -7.29 -9.09 2.42
CA ASP A 44 -6.17 -9.05 1.46
C ASP A 44 -5.02 -9.92 1.97
N ARG A 45 -5.29 -11.06 2.55
CA ARG A 45 -4.14 -11.88 3.04
C ARG A 45 -3.32 -12.34 1.84
N GLU A 46 -3.80 -12.02 0.66
CA GLU A 46 -3.05 -12.32 -0.57
C GLU A 46 -1.69 -11.60 -0.51
N LYS A 47 -1.56 -10.57 0.30
CA LYS A 47 -0.25 -9.85 0.35
C LYS A 47 0.88 -10.87 0.39
N ALA A 48 0.88 -11.62 1.44
CA ALA A 48 1.89 -12.67 1.63
C ALA A 48 1.88 -13.67 0.46
N ILE A 49 0.90 -13.65 -0.40
CA ILE A 49 0.94 -14.62 -1.53
C ILE A 49 2.38 -15.03 -1.75
N GLU A 50 3.26 -14.06 -1.61
CA GLU A 50 4.71 -14.29 -1.74
C GLU A 50 5.14 -15.38 -0.74
N TYR A 51 4.77 -15.21 0.50
CA TYR A 51 5.11 -16.23 1.56
C TYR A 51 3.83 -16.71 2.24
N GLY A 52 2.81 -15.89 2.34
CA GLY A 52 1.51 -16.29 2.99
C GLY A 52 1.73 -17.04 4.31
N LEU A 53 2.97 -17.13 4.71
CA LEU A 53 3.35 -17.75 6.00
C LEU A 53 3.01 -16.74 7.10
N MET A 54 3.90 -15.78 7.25
CA MET A 54 3.71 -14.71 8.25
C MET A 54 3.05 -13.51 7.56
N ALA A 55 1.82 -13.65 7.12
CA ALA A 55 1.20 -12.51 6.39
C ALA A 55 0.15 -11.87 7.25
N VAL A 56 0.47 -10.69 7.72
CA VAL A 56 -0.46 -9.94 8.61
C VAL A 56 -0.32 -8.42 8.39
N PRO A 57 0.81 -7.85 8.72
CA PRO A 57 0.95 -6.41 8.48
C PRO A 57 1.84 -6.20 7.29
N ALA A 58 1.18 -5.81 6.23
CA ALA A 58 1.81 -5.61 4.90
C ALA A 58 0.95 -4.74 3.99
N ILE A 59 1.46 -4.47 2.83
CA ILE A 59 0.72 -3.62 1.87
C ILE A 59 1.01 -4.09 0.47
N ALA A 60 0.14 -3.87 -0.48
CA ALA A 60 0.52 -4.37 -1.82
C ALA A 60 1.30 -3.25 -2.39
N ILE A 61 2.16 -3.51 -3.31
CA ILE A 61 2.98 -2.42 -3.77
C ILE A 61 2.39 -2.07 -5.08
N ASN A 62 1.48 -1.13 -4.97
CA ASN A 62 0.75 -0.63 -6.14
C ASN A 62 1.77 -0.20 -7.13
N GLY A 63 2.21 -1.15 -7.90
CA GLY A 63 3.25 -0.91 -8.90
C GLY A 63 3.82 -2.25 -9.30
N VAL A 64 4.07 -3.08 -8.32
CA VAL A 64 4.63 -4.42 -8.60
C VAL A 64 3.77 -5.52 -7.96
N VAL A 65 3.62 -5.53 -6.65
CA VAL A 65 2.79 -6.62 -6.00
C VAL A 65 2.40 -6.28 -4.56
N ARG A 66 3.11 -6.82 -3.58
CA ARG A 66 2.79 -6.59 -2.14
C ARG A 66 3.97 -7.01 -1.28
N PHE A 67 4.07 -6.50 -0.08
CA PHE A 67 5.25 -6.83 0.79
C PHE A 67 4.87 -6.88 2.27
N VAL A 68 5.81 -7.23 3.10
CA VAL A 68 5.56 -7.26 4.57
C VAL A 68 5.77 -5.87 5.19
N GLY A 69 4.78 -5.29 5.83
CA GLY A 69 5.02 -3.93 6.44
C GLY A 69 3.95 -3.62 7.46
N ALA A 70 4.30 -3.60 8.73
CA ALA A 70 3.30 -3.26 9.77
C ALA A 70 3.32 -1.75 10.01
N PRO A 71 4.28 -1.28 10.77
CA PRO A 71 4.39 0.17 10.99
C PRO A 71 5.18 0.79 9.82
N SER A 72 5.28 0.09 8.72
CA SER A 72 6.03 0.61 7.55
C SER A 72 5.05 1.12 6.49
N ARG A 73 4.30 2.13 6.81
CA ARG A 73 3.34 2.69 5.82
C ARG A 73 4.15 3.43 4.73
N GLU A 74 5.17 4.18 5.13
CA GLU A 74 6.01 4.92 4.14
C GLU A 74 6.33 4.03 2.95
N GLU A 75 6.56 2.78 3.21
CA GLU A 75 6.87 1.82 2.10
C GLU A 75 5.87 2.01 0.97
N LEU A 76 4.63 2.26 1.30
CA LEU A 76 3.59 2.49 0.26
C LEU A 76 3.93 3.77 -0.49
N PHE A 77 4.34 4.78 0.22
CA PHE A 77 4.69 6.07 -0.44
C PHE A 77 5.80 5.83 -1.49
N GLU A 78 6.71 4.96 -1.19
CA GLU A 78 7.81 4.66 -2.14
C GLU A 78 7.31 3.72 -3.24
N ALA A 79 6.38 2.87 -2.94
CA ALA A 79 5.86 1.92 -3.97
C ALA A 79 5.05 2.66 -5.03
N ILE A 80 4.29 3.64 -4.64
CA ILE A 80 3.45 4.40 -5.63
C ILE A 80 4.38 5.16 -6.58
N ASN A 81 5.41 5.75 -6.00
CA ASN A 81 6.41 6.45 -6.79
C ASN A 81 7.24 5.44 -7.57
N ASP A 82 7.30 4.18 -7.18
CA ASP A 82 8.16 3.25 -7.97
C ASP A 82 7.24 2.43 -8.83
N GLU A 83 6.00 2.76 -8.71
CA GLU A 83 4.99 2.10 -9.53
C GLU A 83 4.93 2.99 -10.76
N MET A 84 4.63 4.27 -10.56
CA MET A 84 4.53 5.18 -11.72
C MET A 84 5.91 5.43 -12.33
N GLU A 85 6.95 5.17 -11.58
CA GLU A 85 8.33 5.39 -12.10
C GLU A 85 9.05 4.05 -12.20
N MET A 1 -1.18 4.47 -13.88
CA MET A 1 -2.14 5.06 -12.90
C MET A 1 -1.45 6.16 -12.08
N VAL A 2 -2.22 7.03 -11.50
CA VAL A 2 -1.61 8.13 -10.68
C VAL A 2 -1.23 7.59 -9.30
N VAL A 3 -2.10 7.78 -8.35
CA VAL A 3 -1.81 7.29 -6.99
C VAL A 3 -2.31 5.85 -6.83
N ASN A 4 -1.50 4.95 -6.35
CA ASN A 4 -1.98 3.55 -6.17
C ASN A 4 -1.22 2.90 -5.02
N ILE A 5 -1.95 2.85 -3.93
CA ILE A 5 -1.44 2.32 -2.65
C ILE A 5 -2.29 1.18 -2.07
N GLU A 6 -1.73 0.13 -1.55
CA GLU A 6 -2.64 -0.86 -0.97
C GLU A 6 -2.07 -1.18 0.40
N VAL A 7 -2.85 -0.93 1.43
CA VAL A 7 -2.35 -1.15 2.81
C VAL A 7 -3.12 -2.30 3.37
N PHE A 8 -2.41 -3.39 3.56
CA PHE A 8 -3.05 -4.61 4.07
C PHE A 8 -2.48 -4.97 5.43
N THR A 9 -3.12 -4.52 6.47
CA THR A 9 -2.64 -4.85 7.84
C THR A 9 -3.79 -5.51 8.61
N SER A 10 -4.88 -4.82 8.78
CA SER A 10 -6.03 -5.41 9.52
C SER A 10 -7.19 -4.42 9.60
N PRO A 11 -8.38 -4.97 9.60
CA PRO A 11 -9.60 -4.14 9.67
C PRO A 11 -9.82 -3.65 11.11
N THR A 12 -9.39 -4.40 12.08
CA THR A 12 -9.56 -3.97 13.50
C THR A 12 -8.50 -2.93 13.87
N CYS A 13 -7.49 -2.81 13.05
CA CYS A 13 -6.42 -1.81 13.34
C CYS A 13 -6.24 -0.87 12.16
N PRO A 14 -5.32 0.05 12.31
CA PRO A 14 -5.05 1.03 11.24
C PRO A 14 -4.09 0.44 10.20
N TYR A 15 -4.58 0.09 9.04
CA TYR A 15 -3.68 -0.49 8.00
C TYR A 15 -2.45 0.41 7.82
N CYS A 16 -2.31 1.01 6.68
CA CYS A 16 -1.13 1.91 6.45
C CYS A 16 -1.49 3.01 5.46
N PRO A 17 -2.69 3.50 5.60
CA PRO A 17 -3.20 4.57 4.71
C PRO A 17 -2.56 5.93 5.06
N MET A 18 -1.37 5.92 5.57
CA MET A 18 -0.71 7.21 5.93
C MET A 18 0.38 7.55 4.92
N ALA A 19 1.32 6.67 4.72
CA ALA A 19 2.41 6.95 3.74
C ALA A 19 1.80 7.20 2.36
N ILE A 20 0.59 6.75 2.16
CA ILE A 20 -0.06 6.97 0.84
C ILE A 20 -0.47 8.43 0.70
N GLU A 21 -0.99 9.01 1.74
CA GLU A 21 -1.39 10.45 1.68
C GLU A 21 -0.20 11.27 1.18
N VAL A 22 0.99 10.88 1.55
CA VAL A 22 2.19 11.63 1.08
C VAL A 22 2.41 11.34 -0.41
N VAL A 23 2.30 10.10 -0.79
CA VAL A 23 2.44 9.73 -2.23
C VAL A 23 1.29 10.37 -3.03
N ASP A 24 0.14 10.50 -2.41
CA ASP A 24 -1.01 11.13 -3.11
C ASP A 24 -0.73 12.60 -3.33
N GLU A 25 -0.16 13.22 -2.34
CA GLU A 25 0.19 14.66 -2.43
C GLU A 25 1.09 14.90 -3.64
N ALA A 26 2.11 14.09 -3.78
CA ALA A 26 3.04 14.23 -4.93
C ALA A 26 2.42 13.63 -6.19
N LYS A 27 1.75 12.51 -6.07
CA LYS A 27 1.17 11.89 -7.28
C LYS A 27 -0.02 12.72 -7.76
N LYS A 28 -0.54 13.54 -6.89
CA LYS A 28 -1.64 14.42 -7.31
C LYS A 28 -1.06 15.48 -8.24
N GLU A 29 0.04 16.04 -7.82
CA GLU A 29 0.73 17.08 -8.65
C GLU A 29 0.83 16.60 -10.10
N PHE A 30 1.07 15.34 -10.26
CA PHE A 30 1.16 14.76 -11.62
C PHE A 30 -0.22 14.23 -11.97
N GLY A 31 -0.64 13.16 -11.33
CA GLY A 31 -2.04 12.67 -11.60
C GLY A 31 -3.07 13.42 -10.74
N ASP A 32 -3.61 14.53 -11.13
CA ASP A 32 -4.68 15.15 -10.27
C ASP A 32 -5.58 14.09 -9.65
N LYS A 33 -5.73 12.98 -10.32
CA LYS A 33 -6.54 11.83 -9.80
C LYS A 33 -5.77 10.96 -8.80
N ILE A 34 -6.44 10.30 -7.89
CA ILE A 34 -5.69 9.42 -6.96
C ILE A 34 -6.34 8.02 -6.92
N ASP A 35 -5.60 7.04 -6.48
CA ASP A 35 -6.16 5.67 -6.39
C ASP A 35 -5.45 4.91 -5.27
N VAL A 36 -5.71 5.28 -4.05
CA VAL A 36 -5.02 4.57 -2.95
C VAL A 36 -5.96 3.51 -2.44
N GLU A 37 -5.52 2.27 -2.46
CA GLU A 37 -6.41 1.16 -2.04
C GLU A 37 -5.89 0.65 -0.73
N LYS A 38 -6.78 0.21 0.10
CA LYS A 38 -6.44 -0.22 1.51
C LYS A 38 -7.20 -1.46 1.97
N ILE A 39 -6.52 -2.56 2.14
CA ILE A 39 -7.23 -3.80 2.56
C ILE A 39 -6.87 -4.25 3.97
N ASP A 40 -7.65 -5.16 4.50
CA ASP A 40 -7.37 -5.70 5.87
C ASP A 40 -6.68 -7.09 5.80
N ILE A 41 -6.04 -7.50 6.86
CA ILE A 41 -5.35 -8.83 6.85
C ILE A 41 -6.37 -9.97 6.65
N MET A 42 -7.63 -9.70 6.85
CA MET A 42 -8.63 -10.80 6.64
C MET A 42 -9.21 -10.79 5.22
N VAL A 43 -9.00 -9.73 4.49
CA VAL A 43 -9.54 -9.67 3.10
C VAL A 43 -8.41 -9.64 2.08
N ASP A 44 -7.29 -9.08 2.43
CA ASP A 44 -6.18 -9.03 1.46
C ASP A 44 -5.02 -9.91 1.94
N ARG A 45 -5.28 -11.05 2.55
CA ARG A 45 -4.12 -11.86 3.04
C ARG A 45 -3.32 -12.34 1.84
N GLU A 46 -3.79 -12.00 0.67
CA GLU A 46 -3.05 -12.31 -0.59
C GLU A 46 -1.67 -11.60 -0.52
N LYS A 47 -1.54 -10.59 0.30
CA LYS A 47 -0.25 -9.84 0.37
C LYS A 47 0.90 -10.83 0.40
N ALA A 48 0.89 -11.60 1.45
CA ALA A 48 1.90 -12.68 1.64
C ALA A 48 1.90 -13.66 0.44
N ILE A 49 0.92 -13.61 -0.42
CA ILE A 49 0.94 -14.59 -1.52
C ILE A 49 2.39 -15.00 -1.73
N GLU A 50 3.24 -14.03 -1.62
CA GLU A 50 4.70 -14.27 -1.74
C GLU A 50 5.11 -15.36 -0.72
N TYR A 51 4.75 -15.18 0.53
CA TYR A 51 5.09 -16.21 1.57
C TYR A 51 3.82 -16.69 2.27
N GLY A 52 2.82 -15.85 2.34
CA GLY A 52 1.52 -16.25 2.99
C GLY A 52 1.74 -17.03 4.31
N LEU A 53 2.99 -17.12 4.69
CA LEU A 53 3.35 -17.73 5.98
C LEU A 53 3.03 -16.74 7.10
N MET A 54 3.88 -15.76 7.22
CA MET A 54 3.72 -14.71 8.24
C MET A 54 3.04 -13.51 7.55
N ALA A 55 1.82 -13.65 7.10
CA ALA A 55 1.21 -12.50 6.37
C ALA A 55 0.15 -11.87 7.24
N VAL A 56 0.46 -10.68 7.72
CA VAL A 56 -0.48 -9.92 8.61
C VAL A 56 -0.36 -8.41 8.42
N PRO A 57 0.78 -7.84 8.73
CA PRO A 57 0.94 -6.39 8.50
C PRO A 57 1.83 -6.19 7.29
N ALA A 58 1.16 -5.82 6.22
CA ALA A 58 1.79 -5.62 4.90
C ALA A 58 0.95 -4.74 3.99
N ILE A 59 1.46 -4.47 2.83
CA ILE A 59 0.74 -3.61 1.87
C ILE A 59 1.01 -4.08 0.46
N ALA A 60 0.14 -3.86 -0.48
CA ALA A 60 0.50 -4.39 -1.81
C ALA A 60 1.29 -3.28 -2.40
N ILE A 61 2.18 -3.55 -3.32
CA ILE A 61 2.98 -2.42 -3.76
C ILE A 61 2.39 -2.07 -5.08
N ASN A 62 1.47 -1.13 -4.96
CA ASN A 62 0.74 -0.62 -6.12
C ASN A 62 1.78 -0.21 -7.12
N GLY A 63 2.21 -1.15 -7.89
CA GLY A 63 3.26 -0.90 -8.89
C GLY A 63 3.84 -2.25 -9.28
N VAL A 64 4.09 -3.07 -8.31
CA VAL A 64 4.65 -4.43 -8.61
C VAL A 64 3.79 -5.53 -7.94
N VAL A 65 3.64 -5.52 -6.63
CA VAL A 65 2.81 -6.60 -5.99
C VAL A 65 2.42 -6.26 -4.55
N ARG A 66 3.11 -6.83 -3.59
CA ARG A 66 2.77 -6.59 -2.15
C ARG A 66 3.96 -7.01 -1.27
N PHE A 67 4.05 -6.50 -0.06
CA PHE A 67 5.22 -6.84 0.79
C PHE A 67 4.83 -6.89 2.27
N VAL A 68 5.80 -7.22 3.10
CA VAL A 68 5.54 -7.26 4.57
C VAL A 68 5.75 -5.86 5.18
N GLY A 69 4.77 -5.28 5.81
CA GLY A 69 5.02 -3.93 6.42
C GLY A 69 3.95 -3.62 7.46
N ALA A 70 4.31 -3.60 8.72
CA ALA A 70 3.31 -3.26 9.76
C ALA A 70 3.33 -1.75 9.99
N PRO A 71 4.27 -1.30 10.76
CA PRO A 71 4.39 0.16 10.99
C PRO A 71 5.17 0.78 9.83
N SER A 72 5.28 0.08 8.73
CA SER A 72 6.02 0.61 7.56
C SER A 72 5.05 1.14 6.49
N ARG A 73 4.30 2.15 6.81
CA ARG A 73 3.35 2.72 5.80
C ARG A 73 4.14 3.46 4.72
N GLU A 74 5.15 4.19 5.12
CA GLU A 74 5.98 4.93 4.13
C GLU A 74 6.30 4.02 2.95
N GLU A 75 6.54 2.77 3.21
CA GLU A 75 6.86 1.83 2.11
C GLU A 75 5.86 2.01 0.99
N LEU A 76 4.62 2.25 1.32
CA LEU A 76 3.60 2.48 0.27
C LEU A 76 3.93 3.77 -0.49
N PHE A 77 4.35 4.78 0.22
CA PHE A 77 4.68 6.07 -0.45
C PHE A 77 5.79 5.85 -1.49
N GLU A 78 6.70 4.97 -1.20
CA GLU A 78 7.80 4.66 -2.14
C GLU A 78 7.31 3.73 -3.25
N ALA A 79 6.36 2.87 -2.94
CA ALA A 79 5.86 1.93 -3.97
C ALA A 79 5.04 2.66 -5.03
N ILE A 80 4.26 3.63 -4.63
CA ILE A 80 3.44 4.40 -5.61
C ILE A 80 4.37 5.15 -6.56
N ASN A 81 5.39 5.75 -6.00
CA ASN A 81 6.41 6.44 -6.81
C ASN A 81 7.23 5.42 -7.58
N ASP A 82 7.32 4.16 -7.16
CA ASP A 82 8.17 3.26 -7.95
C ASP A 82 7.24 2.43 -8.80
N GLU A 83 5.99 2.76 -8.66
CA GLU A 83 4.98 2.07 -9.52
C GLU A 83 4.92 2.99 -10.73
N MET A 84 4.62 4.25 -10.54
CA MET A 84 4.52 5.17 -11.72
C MET A 84 5.90 5.43 -12.32
N GLU A 85 6.94 5.17 -11.56
CA GLU A 85 8.32 5.39 -12.09
C GLU A 85 9.05 4.05 -12.20
N MET A 1 -1.54 4.52 -14.06
CA MET A 1 -2.33 4.98 -12.89
C MET A 1 -1.60 6.10 -12.16
N VAL A 2 -2.33 6.96 -11.49
CA VAL A 2 -1.67 8.07 -10.75
C VAL A 2 -1.34 7.63 -9.33
N VAL A 3 -2.23 7.88 -8.43
CA VAL A 3 -1.98 7.49 -7.03
C VAL A 3 -2.47 6.06 -6.76
N ASN A 4 -1.59 5.14 -6.51
CA ASN A 4 -2.07 3.76 -6.22
C ASN A 4 -1.35 3.24 -4.99
N ILE A 5 -2.06 3.21 -3.91
CA ILE A 5 -1.49 2.72 -2.62
C ILE A 5 -2.29 1.53 -2.11
N GLU A 6 -1.67 0.54 -1.60
CA GLU A 6 -2.52 -0.55 -1.07
C GLU A 6 -2.02 -0.88 0.31
N VAL A 7 -2.89 -0.77 1.29
CA VAL A 7 -2.47 -1.04 2.70
C VAL A 7 -3.10 -2.33 3.12
N PHE A 8 -2.38 -3.09 3.87
CA PHE A 8 -2.95 -4.37 4.30
C PHE A 8 -2.62 -4.71 5.78
N THR A 9 -3.34 -4.17 6.74
CA THR A 9 -2.98 -4.55 8.14
C THR A 9 -4.15 -5.27 8.81
N SER A 10 -5.19 -4.57 9.08
CA SER A 10 -6.37 -5.21 9.71
C SER A 10 -7.49 -4.18 9.93
N PRO A 11 -8.66 -4.70 10.19
CA PRO A 11 -9.83 -3.84 10.42
C PRO A 11 -9.84 -3.31 11.86
N THR A 12 -9.25 -4.04 12.77
CA THR A 12 -9.21 -3.57 14.19
C THR A 12 -8.13 -2.51 14.35
N CYS A 13 -7.20 -2.46 13.44
CA CYS A 13 -6.11 -1.46 13.53
C CYS A 13 -6.07 -0.62 12.24
N PRO A 14 -5.22 0.36 12.24
CA PRO A 14 -5.08 1.25 11.07
C PRO A 14 -4.13 0.62 10.04
N TYR A 15 -4.64 0.27 8.89
CA TYR A 15 -3.76 -0.34 7.85
C TYR A 15 -2.50 0.51 7.68
N CYS A 16 -2.34 1.15 6.55
CA CYS A 16 -1.14 2.00 6.32
C CYS A 16 -1.48 3.14 5.36
N PRO A 17 -2.66 3.66 5.51
CA PRO A 17 -3.13 4.77 4.64
C PRO A 17 -2.50 6.10 5.07
N MET A 18 -1.45 6.06 5.83
CA MET A 18 -0.80 7.33 6.29
C MET A 18 0.36 7.71 5.36
N ALA A 19 1.41 6.95 5.38
CA ALA A 19 2.57 7.27 4.50
C ALA A 19 2.09 7.39 3.06
N ILE A 20 0.98 6.80 2.75
CA ILE A 20 0.45 6.88 1.35
C ILE A 20 -0.05 8.31 1.09
N GLU A 21 -0.68 8.90 2.06
CA GLU A 21 -1.17 10.29 1.88
C GLU A 21 -0.03 11.13 1.30
N VAL A 22 1.17 10.82 1.68
CA VAL A 22 2.35 11.58 1.15
C VAL A 22 2.54 11.19 -0.32
N VAL A 23 2.53 9.91 -0.60
CA VAL A 23 2.67 9.45 -2.00
C VAL A 23 1.51 10.00 -2.83
N ASP A 24 0.36 10.14 -2.22
CA ASP A 24 -0.81 10.70 -2.93
C ASP A 24 -0.57 12.17 -3.24
N GLU A 25 0.02 12.87 -2.31
CA GLU A 25 0.33 14.30 -2.49
C GLU A 25 1.20 14.48 -3.73
N ALA A 26 2.22 13.67 -3.84
CA ALA A 26 3.14 13.77 -5.01
C ALA A 26 2.50 13.14 -6.25
N LYS A 27 1.82 12.03 -6.09
CA LYS A 27 1.19 11.38 -7.27
C LYS A 27 0.02 12.22 -7.76
N LYS A 28 -0.45 13.10 -6.92
CA LYS A 28 -1.55 13.99 -7.33
C LYS A 28 -0.94 15.03 -8.28
N GLU A 29 0.19 15.56 -7.88
CA GLU A 29 0.90 16.57 -8.71
C GLU A 29 1.04 16.09 -10.15
N PHE A 30 1.19 14.81 -10.31
CA PHE A 30 1.31 14.24 -11.66
C PHE A 30 -0.08 13.75 -12.04
N GLY A 31 -0.57 12.73 -11.36
CA GLY A 31 -1.98 12.28 -11.69
C GLY A 31 -3.01 13.13 -10.90
N ASP A 32 -3.43 14.28 -11.38
CA ASP A 32 -4.47 15.03 -10.60
C ASP A 32 -5.48 14.05 -9.95
N LYS A 33 -5.68 12.93 -10.59
CA LYS A 33 -6.61 11.86 -10.06
C LYS A 33 -5.94 11.03 -8.94
N ILE A 34 -6.70 10.44 -8.07
CA ILE A 34 -6.07 9.63 -7.01
C ILE A 34 -6.73 8.25 -6.95
N ASP A 35 -5.99 7.26 -6.53
CA ASP A 35 -6.55 5.88 -6.43
C ASP A 35 -5.80 5.14 -5.33
N VAL A 36 -6.11 5.40 -4.10
CA VAL A 36 -5.37 4.69 -3.03
C VAL A 36 -6.22 3.51 -2.61
N GLU A 37 -5.64 2.34 -2.56
CA GLU A 37 -6.42 1.12 -2.20
C GLU A 37 -5.91 0.60 -0.86
N LYS A 38 -6.86 0.31 -0.02
CA LYS A 38 -6.57 -0.15 1.38
C LYS A 38 -7.27 -1.47 1.77
N ILE A 39 -6.56 -2.43 2.27
CA ILE A 39 -7.26 -3.69 2.70
C ILE A 39 -6.78 -4.16 4.07
N ASP A 40 -7.46 -5.13 4.64
CA ASP A 40 -7.03 -5.67 5.97
C ASP A 40 -6.24 -7.01 5.81
N ILE A 41 -5.67 -7.51 6.88
CA ILE A 41 -4.93 -8.81 6.81
C ILE A 41 -5.91 -9.93 6.42
N MET A 42 -7.12 -9.89 6.92
CA MET A 42 -8.09 -10.96 6.55
C MET A 42 -8.74 -10.68 5.19
N VAL A 43 -8.44 -9.57 4.57
CA VAL A 43 -9.05 -9.26 3.24
C VAL A 43 -7.97 -9.24 2.17
N ASP A 44 -6.87 -8.60 2.43
CA ASP A 44 -5.79 -8.56 1.41
C ASP A 44 -4.66 -9.49 1.85
N ARG A 45 -4.95 -10.66 2.34
CA ARG A 45 -3.85 -11.56 2.78
C ARG A 45 -3.03 -11.99 1.57
N GLU A 46 -3.44 -11.53 0.43
CA GLU A 46 -2.72 -11.82 -0.82
C GLU A 46 -1.30 -11.22 -0.75
N LYS A 47 -1.12 -10.21 0.08
CA LYS A 47 0.22 -9.60 0.21
C LYS A 47 1.26 -10.71 0.30
N ALA A 48 1.21 -11.40 1.39
CA ALA A 48 2.17 -12.52 1.62
C ALA A 48 2.09 -13.55 0.48
N ILE A 49 1.13 -13.45 -0.42
CA ILE A 49 1.11 -14.47 -1.51
C ILE A 49 2.52 -14.98 -1.65
N GLU A 50 3.44 -14.07 -1.56
CA GLU A 50 4.89 -14.45 -1.64
C GLU A 50 5.16 -15.54 -0.60
N TYR A 51 4.82 -15.29 0.64
CA TYR A 51 5.04 -16.31 1.72
C TYR A 51 3.68 -16.69 2.37
N GLY A 52 2.76 -15.77 2.43
CA GLY A 52 1.42 -16.06 3.02
C GLY A 52 1.53 -16.89 4.31
N LEU A 53 2.73 -17.10 4.74
CA LEU A 53 2.98 -17.82 6.03
C LEU A 53 2.63 -16.86 7.15
N MET A 54 3.56 -15.98 7.45
CA MET A 54 3.33 -14.95 8.49
C MET A 54 2.84 -13.64 7.83
N ALA A 55 1.66 -13.62 7.25
CA ALA A 55 1.24 -12.36 6.59
C ALA A 55 0.12 -11.70 7.39
N VAL A 56 0.38 -10.49 7.83
CA VAL A 56 -0.62 -9.74 8.66
C VAL A 56 -0.52 -8.23 8.44
N PRO A 57 0.64 -7.68 8.65
CA PRO A 57 0.83 -6.23 8.40
C PRO A 57 1.77 -6.03 7.21
N ALA A 58 1.18 -5.58 6.13
CA ALA A 58 1.91 -5.35 4.86
C ALA A 58 1.14 -4.41 3.94
N ILE A 59 1.72 -4.05 2.85
CA ILE A 59 1.03 -3.16 1.89
C ILE A 59 1.24 -3.74 0.51
N ALA A 60 0.39 -3.49 -0.42
CA ALA A 60 0.66 -4.08 -1.73
C ALA A 60 1.42 -3.00 -2.42
N ILE A 61 2.19 -3.30 -3.40
CA ILE A 61 2.95 -2.24 -3.99
C ILE A 61 2.24 -1.89 -5.24
N ASN A 62 1.36 -0.95 -5.09
CA ASN A 62 0.53 -0.50 -6.21
C ASN A 62 1.45 -0.15 -7.33
N GLY A 63 1.83 -1.15 -8.05
CA GLY A 63 2.77 -0.95 -9.16
C GLY A 63 3.35 -2.31 -9.51
N VAL A 64 3.71 -3.08 -8.52
CA VAL A 64 4.28 -4.42 -8.79
C VAL A 64 3.52 -5.51 -8.00
N VAL A 65 3.47 -5.44 -6.69
CA VAL A 65 2.72 -6.52 -5.94
C VAL A 65 2.38 -6.12 -4.49
N ARG A 66 3.16 -6.59 -3.55
CA ARG A 66 2.87 -6.31 -2.10
C ARG A 66 4.07 -6.74 -1.25
N PHE A 67 4.20 -6.21 -0.05
CA PHE A 67 5.39 -6.55 0.80
C PHE A 67 5.04 -6.59 2.28
N VAL A 68 5.98 -6.97 3.10
CA VAL A 68 5.74 -7.02 4.57
C VAL A 68 5.93 -5.62 5.17
N GLY A 69 4.92 -5.05 5.78
CA GLY A 69 5.12 -3.71 6.39
C GLY A 69 4.00 -3.40 7.39
N ALA A 70 4.30 -3.43 8.66
CA ALA A 70 3.25 -3.11 9.67
C ALA A 70 3.24 -1.60 9.91
N PRO A 71 4.15 -1.14 10.74
CA PRO A 71 4.24 0.32 10.98
C PRO A 71 5.10 0.95 9.88
N SER A 72 5.27 0.26 8.79
CA SER A 72 6.11 0.82 7.68
C SER A 72 5.21 1.32 6.54
N ARG A 73 4.37 2.27 6.80
CA ARG A 73 3.50 2.81 5.72
C ARG A 73 4.35 3.56 4.70
N GLU A 74 5.42 4.17 5.14
CA GLU A 74 6.31 4.90 4.18
C GLU A 74 6.60 4.03 2.97
N GLU A 75 6.91 2.78 3.20
CA GLU A 75 7.20 1.87 2.05
C GLU A 75 6.13 2.07 0.98
N LEU A 76 4.96 2.45 1.39
CA LEU A 76 3.87 2.70 0.40
C LEU A 76 4.20 3.97 -0.38
N PHE A 77 4.71 4.97 0.29
CA PHE A 77 5.06 6.25 -0.41
C PHE A 77 6.08 5.98 -1.51
N GLU A 78 7.04 5.15 -1.22
CA GLU A 78 8.08 4.80 -2.23
C GLU A 78 7.49 3.81 -3.25
N ALA A 79 6.54 3.02 -2.85
CA ALA A 79 5.93 2.04 -3.80
C ALA A 79 5.12 2.75 -4.88
N ILE A 80 4.35 3.74 -4.52
CA ILE A 80 3.54 4.46 -5.55
C ILE A 80 4.49 5.11 -6.55
N ASN A 81 5.52 5.73 -6.04
CA ASN A 81 6.53 6.37 -6.93
C ASN A 81 7.35 5.29 -7.61
N ASP A 82 7.51 4.14 -7.02
CA ASP A 82 8.34 3.11 -7.68
C ASP A 82 7.42 2.17 -8.41
N GLU A 83 6.20 2.57 -8.43
CA GLU A 83 5.18 1.79 -9.12
C GLU A 83 5.00 2.54 -10.44
N MET A 84 4.65 3.80 -10.40
CA MET A 84 4.54 4.57 -11.67
C MET A 84 5.92 4.77 -12.31
N GLU A 85 6.97 4.55 -11.58
CA GLU A 85 8.33 4.73 -12.16
C GLU A 85 9.36 3.93 -11.35
N MET A 1 -1.69 5.05 -13.81
CA MET A 1 -1.63 4.75 -12.35
C MET A 1 -1.10 5.96 -11.58
N VAL A 2 -1.97 6.86 -11.17
CA VAL A 2 -1.50 8.04 -10.42
C VAL A 2 -1.27 7.69 -8.96
N VAL A 3 -2.26 7.92 -8.13
CA VAL A 3 -2.11 7.60 -6.69
C VAL A 3 -2.63 6.18 -6.40
N ASN A 4 -1.77 5.19 -6.48
CA ASN A 4 -2.22 3.81 -6.18
C ASN A 4 -1.47 3.29 -4.94
N ILE A 5 -2.15 3.18 -3.85
CA ILE A 5 -1.52 2.68 -2.60
C ILE A 5 -2.28 1.48 -2.06
N GLU A 6 -1.62 0.49 -1.54
CA GLU A 6 -2.39 -0.65 -0.99
C GLU A 6 -1.89 -0.96 0.42
N VAL A 7 -2.63 -0.52 1.41
CA VAL A 7 -2.20 -0.80 2.80
C VAL A 7 -2.91 -2.05 3.28
N PHE A 8 -2.15 -3.12 3.45
CA PHE A 8 -2.77 -4.39 3.89
C PHE A 8 -2.18 -4.83 5.23
N THR A 9 -2.79 -4.42 6.30
CA THR A 9 -2.29 -4.81 7.65
C THR A 9 -3.37 -5.59 8.40
N SER A 10 -4.43 -4.94 8.79
CA SER A 10 -5.52 -5.66 9.51
C SER A 10 -6.65 -4.70 9.89
N PRO A 11 -7.83 -5.26 9.98
CA PRO A 11 -9.02 -4.46 10.33
C PRO A 11 -9.04 -4.16 11.84
N THR A 12 -8.27 -4.88 12.60
CA THR A 12 -8.25 -4.62 14.08
C THR A 12 -7.41 -3.41 14.39
N CYS A 13 -6.94 -2.73 13.38
CA CYS A 13 -6.10 -1.51 13.60
C CYS A 13 -6.09 -0.65 12.33
N PRO A 14 -5.24 0.34 12.35
CA PRO A 14 -5.08 1.23 11.18
C PRO A 14 -4.10 0.61 10.16
N TYR A 15 -4.60 0.24 9.01
CA TYR A 15 -3.69 -0.36 7.98
C TYR A 15 -2.44 0.52 7.81
N CYS A 16 -2.30 1.15 6.68
CA CYS A 16 -1.10 2.03 6.46
C CYS A 16 -1.44 3.14 5.46
N PRO A 17 -2.63 3.66 5.56
CA PRO A 17 -3.08 4.73 4.64
C PRO A 17 -2.47 6.09 5.03
N MET A 18 -1.42 6.08 5.82
CA MET A 18 -0.80 7.38 6.22
C MET A 18 0.35 7.77 5.30
N ALA A 19 1.40 6.99 5.31
CA ALA A 19 2.56 7.31 4.42
C ALA A 19 2.09 7.42 2.98
N ILE A 20 0.99 6.82 2.67
CA ILE A 20 0.46 6.89 1.28
C ILE A 20 -0.05 8.30 1.00
N GLU A 21 -0.71 8.89 1.97
CA GLU A 21 -1.22 10.27 1.77
C GLU A 21 -0.09 11.13 1.20
N VAL A 22 1.13 10.82 1.58
CA VAL A 22 2.29 11.59 1.06
C VAL A 22 2.50 11.25 -0.42
N VAL A 23 2.46 9.98 -0.75
CA VAL A 23 2.61 9.57 -2.17
C VAL A 23 1.40 10.03 -2.97
N ASP A 24 0.28 10.18 -2.31
CA ASP A 24 -0.94 10.63 -3.02
C ASP A 24 -0.80 12.11 -3.30
N GLU A 25 -0.24 12.81 -2.36
CA GLU A 25 -0.02 14.27 -2.52
C GLU A 25 0.85 14.53 -3.75
N ALA A 26 1.89 13.77 -3.91
CA ALA A 26 2.79 13.96 -5.08
C ALA A 26 2.19 13.30 -6.31
N LYS A 27 1.62 12.14 -6.16
CA LYS A 27 1.03 11.46 -7.34
C LYS A 27 -0.17 12.25 -7.83
N LYS A 28 -0.76 13.03 -6.96
CA LYS A 28 -1.91 13.87 -7.39
C LYS A 28 -1.37 14.96 -8.31
N GLU A 29 -0.28 15.56 -7.91
CA GLU A 29 0.36 16.62 -8.74
C GLU A 29 0.50 16.12 -10.16
N PHE A 30 0.86 14.89 -10.32
CA PHE A 30 1.02 14.31 -11.68
C PHE A 30 -0.31 13.73 -12.13
N GLY A 31 -0.87 12.84 -11.36
CA GLY A 31 -2.19 12.23 -11.72
C GLY A 31 -3.33 12.94 -11.00
N ASP A 32 -3.74 14.08 -11.45
CA ASP A 32 -4.84 14.80 -10.76
C ASP A 32 -5.85 13.79 -10.18
N LYS A 33 -5.91 12.62 -10.73
CA LYS A 33 -6.83 11.56 -10.21
C LYS A 33 -6.17 10.78 -9.08
N ILE A 34 -6.93 10.18 -8.20
CA ILE A 34 -6.31 9.41 -7.11
C ILE A 34 -6.92 8.00 -7.01
N ASP A 35 -6.13 7.04 -6.59
CA ASP A 35 -6.64 5.65 -6.46
C ASP A 35 -5.90 4.95 -5.34
N VAL A 36 -6.18 5.31 -4.11
CA VAL A 36 -5.46 4.65 -2.99
C VAL A 36 -6.24 3.43 -2.52
N GLU A 37 -5.65 2.27 -2.64
CA GLU A 37 -6.38 1.04 -2.20
C GLU A 37 -5.88 0.65 -0.83
N LYS A 38 -6.78 0.26 0.03
CA LYS A 38 -6.39 -0.10 1.42
C LYS A 38 -7.18 -1.31 1.94
N ILE A 39 -6.52 -2.31 2.41
CA ILE A 39 -7.23 -3.52 2.91
C ILE A 39 -6.54 -4.02 4.19
N ASP A 40 -7.08 -5.04 4.81
CA ASP A 40 -6.48 -5.60 6.04
C ASP A 40 -5.99 -7.04 5.82
N ILE A 41 -5.31 -7.60 6.78
CA ILE A 41 -4.86 -9.01 6.67
C ILE A 41 -6.03 -9.99 6.55
N MET A 42 -7.24 -9.49 6.68
CA MET A 42 -8.42 -10.40 6.58
C MET A 42 -9.06 -10.32 5.19
N VAL A 43 -8.79 -9.28 4.45
CA VAL A 43 -9.41 -9.13 3.11
C VAL A 43 -8.35 -9.27 2.02
N ASP A 44 -7.17 -8.74 2.26
CA ASP A 44 -6.11 -8.83 1.21
C ASP A 44 -4.96 -9.71 1.69
N ARG A 45 -5.24 -10.92 2.13
CA ARG A 45 -4.13 -11.78 2.60
C ARG A 45 -3.22 -12.13 1.42
N GLU A 46 -3.59 -11.73 0.23
CA GLU A 46 -2.74 -11.96 -0.95
C GLU A 46 -1.39 -11.25 -0.77
N LYS A 47 -1.31 -10.36 0.17
CA LYS A 47 -0.02 -9.63 0.36
C LYS A 47 1.11 -10.64 0.49
N ALA A 48 1.01 -11.49 1.43
CA ALA A 48 2.00 -12.55 1.66
C ALA A 48 2.03 -13.51 0.50
N ILE A 49 1.23 -13.30 -0.50
CA ILE A 49 1.23 -14.28 -1.60
C ILE A 49 2.69 -14.73 -1.71
N GLU A 50 3.56 -13.78 -1.54
CA GLU A 50 5.01 -14.07 -1.53
C GLU A 50 5.30 -15.18 -0.52
N TYR A 51 4.85 -15.02 0.71
CA TYR A 51 5.09 -16.10 1.73
C TYR A 51 3.78 -16.58 2.32
N GLY A 52 2.81 -15.73 2.34
CA GLY A 52 1.48 -16.09 2.91
C GLY A 52 1.63 -16.93 4.17
N LEU A 53 2.80 -16.98 4.74
CA LEU A 53 3.02 -17.72 6.01
C LEU A 53 2.67 -16.78 7.17
N MET A 54 3.45 -15.75 7.27
CA MET A 54 3.25 -14.73 8.33
C MET A 54 2.65 -13.49 7.68
N ALA A 55 1.53 -13.62 7.05
CA ALA A 55 0.97 -12.44 6.33
C ALA A 55 -0.10 -11.75 7.16
N VAL A 56 0.24 -10.60 7.68
CA VAL A 56 -0.73 -9.81 8.50
C VAL A 56 -0.49 -8.32 8.31
N PRO A 57 0.68 -7.86 8.66
CA PRO A 57 1.01 -6.43 8.50
C PRO A 57 1.84 -6.21 7.24
N ALA A 58 1.20 -5.70 6.21
CA ALA A 58 1.91 -5.48 4.92
C ALA A 58 1.20 -4.45 4.04
N ILE A 59 1.72 -4.24 2.86
CA ILE A 59 1.11 -3.26 1.94
C ILE A 59 1.36 -3.71 0.50
N ALA A 60 0.37 -3.62 -0.36
CA ALA A 60 0.64 -4.06 -1.75
C ALA A 60 1.33 -2.91 -2.44
N ILE A 61 2.32 -3.24 -3.27
CA ILE A 61 3.06 -2.10 -3.87
C ILE A 61 2.31 -1.75 -5.16
N ASN A 62 1.30 -0.92 -4.97
CA ASN A 62 0.50 -0.44 -6.12
C ASN A 62 1.44 -0.06 -7.24
N GLY A 63 1.85 -1.03 -8.00
CA GLY A 63 2.80 -0.79 -9.11
C GLY A 63 3.40 -2.14 -9.48
N VAL A 64 3.77 -2.92 -8.49
CA VAL A 64 4.36 -4.25 -8.77
C VAL A 64 3.62 -5.37 -8.00
N VAL A 65 3.55 -5.32 -6.68
CA VAL A 65 2.83 -6.41 -5.95
C VAL A 65 2.49 -6.02 -4.51
N ARG A 66 3.20 -6.59 -3.56
CA ARG A 66 2.94 -6.30 -2.11
C ARG A 66 4.15 -6.75 -1.27
N PHE A 67 4.23 -6.30 -0.04
CA PHE A 67 5.41 -6.68 0.80
C PHE A 67 4.99 -6.88 2.26
N VAL A 68 5.94 -7.25 3.10
CA VAL A 68 5.64 -7.44 4.54
C VAL A 68 5.93 -6.15 5.31
N GLY A 69 4.95 -5.54 5.89
CA GLY A 69 5.22 -4.29 6.65
C GLY A 69 4.06 -3.98 7.59
N ALA A 70 4.32 -3.79 8.84
CA ALA A 70 3.23 -3.47 9.78
C ALA A 70 3.14 -1.95 9.91
N PRO A 71 3.96 -1.38 10.76
CA PRO A 71 3.95 0.09 10.89
C PRO A 71 4.77 0.70 9.75
N SER A 72 4.90 -0.02 8.66
CA SER A 72 5.70 0.52 7.52
C SER A 72 4.79 1.13 6.45
N ARG A 73 4.19 2.25 6.73
CA ARG A 73 3.31 2.90 5.71
C ARG A 73 4.17 3.60 4.66
N GLU A 74 5.29 4.15 5.07
CA GLU A 74 6.19 4.84 4.10
C GLU A 74 6.42 3.94 2.90
N GLU A 75 6.44 2.65 3.10
CA GLU A 75 6.66 1.72 1.97
C GLU A 75 5.69 2.07 0.83
N LEU A 76 4.48 2.40 1.17
CA LEU A 76 3.49 2.78 0.12
C LEU A 76 3.95 4.06 -0.57
N PHE A 77 4.51 4.97 0.18
CA PHE A 77 4.99 6.24 -0.43
C PHE A 77 6.07 5.93 -1.46
N GLU A 78 6.97 5.05 -1.15
CA GLU A 78 8.04 4.67 -2.10
C GLU A 78 7.50 3.70 -3.14
N ALA A 79 6.43 3.00 -2.82
CA ALA A 79 5.86 2.03 -3.77
C ALA A 79 5.15 2.77 -4.91
N ILE A 80 4.50 3.86 -4.60
CA ILE A 80 3.82 4.63 -5.68
C ILE A 80 4.87 5.15 -6.66
N ASN A 81 5.93 5.70 -6.16
CA ASN A 81 7.00 6.22 -7.06
C ASN A 81 7.70 5.05 -7.71
N ASP A 82 7.83 3.93 -6.99
CA ASP A 82 8.53 2.82 -7.68
C ASP A 82 7.50 2.03 -8.46
N GLU A 83 6.24 2.36 -8.28
CA GLU A 83 5.17 1.80 -9.12
C GLU A 83 5.09 2.56 -10.42
N MET A 84 4.82 3.83 -10.35
CA MET A 84 4.75 4.67 -11.58
C MET A 84 6.15 4.87 -12.17
N GLU A 85 7.17 4.53 -11.43
CA GLU A 85 8.56 4.73 -11.95
C GLU A 85 9.58 4.39 -10.86
N MET A 1 -2.34 5.54 -14.50
CA MET A 1 -2.30 5.20 -13.05
C MET A 1 -1.65 6.33 -12.25
N VAL A 2 -2.43 7.19 -11.68
CA VAL A 2 -1.85 8.31 -10.89
C VAL A 2 -1.47 7.83 -9.48
N VAL A 3 -2.37 7.96 -8.54
CA VAL A 3 -2.08 7.53 -7.16
C VAL A 3 -2.56 6.10 -6.94
N ASN A 4 -1.67 5.20 -6.60
CA ASN A 4 -2.10 3.79 -6.37
C ASN A 4 -1.36 3.25 -5.15
N ILE A 5 -2.10 2.97 -4.11
CA ILE A 5 -1.50 2.45 -2.85
C ILE A 5 -2.31 1.29 -2.29
N GLU A 6 -1.71 0.36 -1.61
CA GLU A 6 -2.53 -0.72 -1.03
C GLU A 6 -2.09 -0.98 0.41
N VAL A 7 -2.88 -0.55 1.36
CA VAL A 7 -2.48 -0.76 2.79
C VAL A 7 -3.16 -2.03 3.29
N PHE A 8 -2.37 -3.09 3.41
CA PHE A 8 -2.95 -4.38 3.86
C PHE A 8 -2.31 -4.78 5.19
N THR A 9 -2.86 -4.33 6.27
CA THR A 9 -2.31 -4.69 7.61
C THR A 9 -3.37 -5.40 8.44
N SER A 10 -4.45 -4.74 8.74
CA SER A 10 -5.53 -5.40 9.52
C SER A 10 -6.69 -4.44 9.77
N PRO A 11 -7.84 -5.02 10.01
CA PRO A 11 -9.06 -4.22 10.25
C PRO A 11 -9.15 -3.82 11.73
N THR A 12 -8.50 -4.56 12.60
CA THR A 12 -8.56 -4.21 14.04
C THR A 12 -7.59 -3.05 14.35
N CYS A 13 -7.11 -2.40 13.32
CA CYS A 13 -6.16 -1.27 13.52
C CYS A 13 -6.12 -0.39 12.28
N PRO A 14 -5.23 0.57 12.31
CA PRO A 14 -5.05 1.46 11.14
C PRO A 14 -4.10 0.82 10.12
N TYR A 15 -4.61 0.46 8.97
CA TYR A 15 -3.74 -0.16 7.94
C TYR A 15 -2.47 0.69 7.75
N CYS A 16 -2.35 1.35 6.63
CA CYS A 16 -1.15 2.21 6.39
C CYS A 16 -1.46 3.33 5.38
N PRO A 17 -2.64 3.87 5.51
CA PRO A 17 -3.08 4.96 4.59
C PRO A 17 -2.43 6.29 4.96
N MET A 18 -1.38 6.26 5.76
CA MET A 18 -0.72 7.54 6.14
C MET A 18 0.43 7.91 5.20
N ALA A 19 1.46 7.10 5.19
CA ALA A 19 2.62 7.39 4.30
C ALA A 19 2.16 7.48 2.86
N ILE A 20 1.00 6.95 2.58
CA ILE A 20 0.47 7.01 1.18
C ILE A 20 -0.05 8.41 0.90
N GLU A 21 -0.69 9.02 1.86
CA GLU A 21 -1.20 10.39 1.64
C GLU A 21 -0.06 11.25 1.10
N VAL A 22 1.15 10.97 1.52
CA VAL A 22 2.31 11.74 1.01
C VAL A 22 2.54 11.40 -0.46
N VAL A 23 2.49 10.14 -0.79
CA VAL A 23 2.68 9.72 -2.21
C VAL A 23 1.48 10.17 -3.03
N ASP A 24 0.34 10.29 -2.40
CA ASP A 24 -0.88 10.72 -3.13
C ASP A 24 -0.79 12.21 -3.36
N GLU A 25 -0.25 12.91 -2.41
CA GLU A 25 -0.10 14.37 -2.52
C GLU A 25 0.78 14.70 -3.74
N ALA A 26 1.84 13.98 -3.91
CA ALA A 26 2.74 14.23 -5.09
C ALA A 26 2.15 13.59 -6.34
N LYS A 27 1.60 12.42 -6.21
CA LYS A 27 1.01 11.75 -7.42
C LYS A 27 -0.22 12.51 -7.85
N LYS A 28 -0.82 13.24 -6.95
CA LYS A 28 -2.00 14.06 -7.32
C LYS A 28 -1.54 15.19 -8.22
N GLU A 29 -0.45 15.80 -7.85
CA GLU A 29 0.12 16.91 -8.66
C GLU A 29 0.21 16.47 -10.11
N PHE A 30 0.58 15.25 -10.34
CA PHE A 30 0.67 14.73 -11.72
C PHE A 30 -0.68 14.16 -12.13
N GLY A 31 -1.19 13.22 -11.38
CA GLY A 31 -2.51 12.60 -11.70
C GLY A 31 -3.61 13.26 -10.88
N ASP A 32 -4.07 14.42 -11.24
CA ASP A 32 -5.14 15.07 -10.44
C ASP A 32 -6.08 14.01 -9.83
N LYS A 33 -6.18 12.87 -10.47
CA LYS A 33 -7.03 11.76 -9.95
C LYS A 33 -6.25 10.91 -8.96
N ILE A 34 -6.92 10.20 -8.08
CA ILE A 34 -6.18 9.34 -7.13
C ILE A 34 -6.74 7.91 -7.14
N ASP A 35 -5.95 6.96 -6.71
CA ASP A 35 -6.41 5.55 -6.68
C ASP A 35 -5.70 4.82 -5.54
N VAL A 36 -5.92 5.25 -4.33
CA VAL A 36 -5.23 4.58 -3.20
C VAL A 36 -6.11 3.45 -2.66
N GLU A 37 -5.62 2.24 -2.76
CA GLU A 37 -6.44 1.08 -2.28
C GLU A 37 -5.96 0.69 -0.88
N LYS A 38 -6.86 0.28 -0.04
CA LYS A 38 -6.51 -0.06 1.36
C LYS A 38 -7.25 -1.31 1.84
N ILE A 39 -6.55 -2.32 2.24
CA ILE A 39 -7.23 -3.57 2.70
C ILE A 39 -6.70 -4.00 4.08
N ASP A 40 -7.23 -5.06 4.62
CA ASP A 40 -6.77 -5.58 5.93
C ASP A 40 -6.09 -6.95 5.78
N ILE A 41 -5.40 -7.40 6.77
CA ILE A 41 -4.76 -8.75 6.69
C ILE A 41 -5.76 -9.85 6.26
N MET A 42 -6.98 -9.79 6.72
CA MET A 42 -7.97 -10.84 6.32
C MET A 42 -8.67 -10.48 5.00
N VAL A 43 -8.39 -9.34 4.44
CA VAL A 43 -9.06 -8.95 3.16
C VAL A 43 -8.05 -8.95 2.03
N ASP A 44 -6.89 -8.40 2.25
CA ASP A 44 -5.86 -8.37 1.18
C ASP A 44 -4.69 -9.27 1.54
N ARG A 45 -4.95 -10.46 2.02
CA ARG A 45 -3.82 -11.35 2.40
C ARG A 45 -2.96 -11.63 1.17
N GLU A 46 -3.38 -11.16 0.02
CA GLU A 46 -2.56 -11.33 -1.22
C GLU A 46 -1.16 -10.78 -1.01
N LYS A 47 -0.98 -9.94 -0.04
CA LYS A 47 0.37 -9.37 0.20
C LYS A 47 1.40 -10.49 0.25
N ALA A 48 1.22 -11.37 1.14
CA ALA A 48 2.11 -12.53 1.32
C ALA A 48 2.05 -13.44 0.12
N ILE A 49 1.26 -13.13 -0.87
CA ILE A 49 1.16 -14.08 -1.99
C ILE A 49 2.56 -14.65 -2.12
N GLU A 50 3.53 -13.79 -1.89
CA GLU A 50 4.94 -14.21 -1.91
C GLU A 50 5.13 -15.39 -0.94
N TYR A 51 4.70 -15.24 0.28
CA TYR A 51 4.84 -16.37 1.26
C TYR A 51 3.47 -16.75 1.82
N GLY A 52 2.59 -15.80 1.88
CA GLY A 52 1.23 -16.06 2.42
C GLY A 52 1.28 -16.96 3.65
N LEU A 53 2.43 -17.15 4.22
CA LEU A 53 2.58 -17.96 5.45
C LEU A 53 2.30 -17.07 6.66
N MET A 54 3.14 -16.08 6.82
CA MET A 54 3.02 -15.12 7.93
C MET A 54 2.51 -13.80 7.36
N ALA A 55 1.42 -13.82 6.66
CA ALA A 55 0.95 -12.55 6.02
C ALA A 55 -0.15 -11.90 6.85
N VAL A 56 0.19 -10.77 7.44
CA VAL A 56 -0.81 -10.04 8.27
C VAL A 56 -0.59 -8.52 8.16
N PRO A 57 0.51 -8.03 8.69
CA PRO A 57 0.77 -6.58 8.57
C PRO A 57 1.69 -6.32 7.38
N ALA A 58 1.10 -5.83 6.29
CA ALA A 58 1.92 -5.57 5.08
C ALA A 58 1.25 -4.54 4.17
N ILE A 59 1.92 -4.17 3.11
CA ILE A 59 1.35 -3.18 2.18
C ILE A 59 1.65 -3.60 0.75
N ALA A 60 0.68 -3.52 -0.13
CA ALA A 60 0.97 -3.94 -1.51
C ALA A 60 1.65 -2.77 -2.19
N ILE A 61 2.66 -3.06 -2.98
CA ILE A 61 3.38 -1.92 -3.56
C ILE A 61 2.67 -1.56 -4.85
N ASN A 62 1.60 -0.78 -4.68
CA ASN A 62 0.82 -0.30 -5.84
C ASN A 62 1.78 0.14 -6.93
N GLY A 63 2.25 -0.81 -7.69
CA GLY A 63 3.22 -0.53 -8.77
C GLY A 63 3.88 -1.84 -9.15
N VAL A 64 4.26 -2.63 -8.16
CA VAL A 64 4.90 -3.93 -8.43
C VAL A 64 4.14 -5.07 -7.71
N VAL A 65 4.03 -5.06 -6.40
CA VAL A 65 3.31 -6.18 -5.71
C VAL A 65 2.92 -5.83 -4.27
N ARG A 66 3.60 -6.42 -3.31
CA ARG A 66 3.28 -6.17 -1.87
C ARG A 66 4.44 -6.67 -0.99
N PHE A 67 4.50 -6.25 0.25
CA PHE A 67 5.63 -6.68 1.12
C PHE A 67 5.17 -6.88 2.57
N VAL A 68 6.06 -7.32 3.42
CA VAL A 68 5.70 -7.51 4.85
C VAL A 68 5.95 -6.22 5.63
N GLY A 69 4.93 -5.62 6.16
CA GLY A 69 5.14 -4.35 6.91
C GLY A 69 3.91 -4.04 7.77
N ALA A 70 4.08 -3.86 9.05
CA ALA A 70 2.92 -3.52 9.91
C ALA A 70 2.83 -1.99 10.01
N PRO A 71 3.65 -1.43 10.87
CA PRO A 71 3.65 0.04 11.00
C PRO A 71 4.50 0.65 9.88
N SER A 72 4.63 -0.04 8.77
CA SER A 72 5.46 0.55 7.67
C SER A 72 4.56 1.13 6.59
N ARG A 73 4.11 2.34 6.82
CA ARG A 73 3.27 3.04 5.81
C ARG A 73 4.13 3.58 4.68
N GLU A 74 5.32 4.03 5.00
CA GLU A 74 6.22 4.58 3.95
C GLU A 74 6.24 3.66 2.74
N GLU A 75 6.05 2.38 2.96
CA GLU A 75 6.06 1.44 1.81
C GLU A 75 5.10 1.95 0.74
N LEU A 76 3.96 2.43 1.14
CA LEU A 76 2.99 2.97 0.14
C LEU A 76 3.60 4.19 -0.54
N PHE A 77 4.19 5.08 0.23
CA PHE A 77 4.80 6.28 -0.38
C PHE A 77 5.91 5.88 -1.35
N GLU A 78 6.67 4.88 -1.02
CA GLU A 78 7.76 4.40 -1.90
C GLU A 78 7.19 3.51 -3.00
N ALA A 79 6.03 2.97 -2.79
CA ALA A 79 5.43 2.04 -3.80
C ALA A 79 4.83 2.86 -4.94
N ILE A 80 4.20 3.96 -4.64
CA ILE A 80 3.63 4.81 -5.72
C ILE A 80 4.76 5.37 -6.57
N ASN A 81 5.83 5.78 -5.95
CA ASN A 81 6.99 6.33 -6.72
C ASN A 81 7.71 5.16 -7.37
N ASP A 82 7.70 4.01 -6.74
CA ASP A 82 8.44 2.91 -7.42
C ASP A 82 7.48 2.21 -8.35
N GLU A 83 6.21 2.55 -8.26
CA GLU A 83 5.23 2.09 -9.27
C GLU A 83 5.32 2.95 -10.52
N MET A 84 5.09 4.22 -10.38
CA MET A 84 5.19 5.15 -11.54
C MET A 84 6.65 5.35 -11.95
N GLU A 85 7.57 4.88 -11.16
CA GLU A 85 9.02 5.08 -11.48
C GLU A 85 9.28 4.79 -12.96
N MET A 1 -1.46 5.19 -14.54
CA MET A 1 -2.12 5.22 -13.20
C MET A 1 -1.47 6.30 -12.32
N VAL A 2 -2.26 7.10 -11.66
CA VAL A 2 -1.70 8.16 -10.79
C VAL A 2 -1.28 7.57 -9.44
N VAL A 3 -2.16 7.62 -8.48
CA VAL A 3 -1.83 7.08 -7.14
C VAL A 3 -2.25 5.61 -7.04
N ASN A 4 -1.35 4.76 -6.61
CA ASN A 4 -1.71 3.31 -6.48
C ASN A 4 -1.07 2.77 -5.21
N ILE A 5 -1.89 2.50 -4.21
CA ILE A 5 -1.37 1.99 -2.92
C ILE A 5 -2.21 0.85 -2.38
N GLU A 6 -1.63 -0.20 -1.88
CA GLU A 6 -2.47 -1.26 -1.30
C GLU A 6 -2.04 -1.48 0.15
N VAL A 7 -2.81 -0.94 1.07
CA VAL A 7 -2.44 -1.09 2.50
C VAL A 7 -3.16 -2.28 3.11
N PHE A 8 -2.41 -3.35 3.35
CA PHE A 8 -3.03 -4.58 3.91
C PHE A 8 -2.39 -4.89 5.27
N THR A 9 -3.06 -4.58 6.34
CA THR A 9 -2.50 -4.86 7.69
C THR A 9 -3.57 -5.51 8.57
N SER A 10 -4.65 -4.80 8.83
CA SER A 10 -5.71 -5.38 9.70
C SER A 10 -6.93 -4.45 9.77
N PRO A 11 -8.08 -5.07 9.84
CA PRO A 11 -9.36 -4.32 9.90
C PRO A 11 -9.57 -3.75 11.30
N THR A 12 -8.76 -4.13 12.25
CA THR A 12 -8.94 -3.60 13.63
C THR A 12 -8.35 -2.19 13.72
N CYS A 13 -7.72 -1.74 12.67
CA CYS A 13 -7.10 -0.39 12.67
C CYS A 13 -6.87 0.08 11.23
N PRO A 14 -6.09 1.12 11.12
CA PRO A 14 -5.71 1.64 9.79
C PRO A 14 -4.53 0.87 9.21
N TYR A 15 -4.70 0.21 8.10
CA TYR A 15 -3.57 -0.56 7.50
C TYR A 15 -2.33 0.34 7.43
N CYS A 16 -2.22 1.14 6.40
CA CYS A 16 -1.04 2.05 6.27
C CYS A 16 -1.40 3.25 5.40
N PRO A 17 -2.61 3.74 5.58
CA PRO A 17 -3.09 4.90 4.79
C PRO A 17 -2.43 6.21 5.25
N MET A 18 -1.22 6.14 5.74
CA MET A 18 -0.55 7.39 6.20
C MET A 18 0.59 7.76 5.26
N ALA A 19 1.57 6.91 5.14
CA ALA A 19 2.71 7.21 4.25
C ALA A 19 2.22 7.45 2.81
N ILE A 20 1.04 6.97 2.51
CA ILE A 20 0.49 7.16 1.15
C ILE A 20 0.02 8.60 0.99
N GLU A 21 -0.59 9.14 2.02
CA GLU A 21 -1.06 10.55 1.92
C GLU A 21 0.10 11.40 1.40
N VAL A 22 1.29 11.08 1.79
CA VAL A 22 2.47 11.85 1.29
C VAL A 22 2.72 11.48 -0.17
N VAL A 23 2.61 10.23 -0.49
CA VAL A 23 2.81 9.77 -1.89
C VAL A 23 1.61 10.24 -2.73
N ASP A 24 0.48 10.41 -2.10
CA ASP A 24 -0.74 10.84 -2.82
C ASP A 24 -0.62 12.33 -3.09
N GLU A 25 -0.04 13.02 -2.16
CA GLU A 25 0.15 14.48 -2.31
C GLU A 25 0.99 14.76 -3.56
N ALA A 26 2.03 14.00 -3.75
CA ALA A 26 2.89 14.19 -4.95
C ALA A 26 2.25 13.53 -6.17
N LYS A 27 1.68 12.37 -5.99
CA LYS A 27 1.04 11.70 -7.17
C LYS A 27 -0.18 12.49 -7.59
N LYS A 28 -0.74 13.25 -6.71
CA LYS A 28 -1.89 14.10 -7.08
C LYS A 28 -1.40 15.19 -8.02
N GLU A 29 -0.31 15.81 -7.64
CA GLU A 29 0.29 16.87 -8.49
C GLU A 29 0.37 16.39 -9.93
N PHE A 30 0.73 15.16 -10.11
CA PHE A 30 0.82 14.60 -11.49
C PHE A 30 -0.53 14.01 -11.87
N GLY A 31 -1.01 13.08 -11.11
CA GLY A 31 -2.32 12.44 -11.41
C GLY A 31 -3.44 13.08 -10.59
N ASP A 32 -3.92 14.23 -10.96
CA ASP A 32 -5.01 14.86 -10.15
C ASP A 32 -5.91 13.78 -9.55
N LYS A 33 -5.99 12.65 -10.18
CA LYS A 33 -6.81 11.51 -9.67
C LYS A 33 -6.00 10.61 -8.74
N ILE A 34 -6.64 9.87 -7.88
CA ILE A 34 -5.87 8.95 -7.00
C ILE A 34 -6.44 7.53 -7.06
N ASP A 35 -5.61 6.56 -6.84
CA ASP A 35 -6.08 5.14 -6.87
C ASP A 35 -5.42 4.37 -5.73
N VAL A 36 -5.66 4.78 -4.51
CA VAL A 36 -5.03 4.09 -3.37
C VAL A 36 -5.94 2.98 -2.87
N GLU A 37 -5.49 1.75 -3.00
CA GLU A 37 -6.35 0.61 -2.55
C GLU A 37 -5.90 0.19 -1.15
N LYS A 38 -6.85 -0.13 -0.31
CA LYS A 38 -6.53 -0.49 1.10
C LYS A 38 -7.35 -1.68 1.58
N ILE A 39 -6.74 -2.66 2.17
CA ILE A 39 -7.50 -3.84 2.68
C ILE A 39 -6.97 -4.26 4.06
N ASP A 40 -7.62 -5.19 4.69
CA ASP A 40 -7.15 -5.67 6.03
C ASP A 40 -6.50 -7.05 5.92
N ILE A 41 -5.86 -7.50 6.97
CA ILE A 41 -5.22 -8.85 6.93
C ILE A 41 -6.26 -9.97 7.00
N MET A 42 -7.45 -9.67 7.45
CA MET A 42 -8.49 -10.75 7.53
C MET A 42 -9.30 -10.80 6.24
N VAL A 43 -9.25 -9.76 5.45
CA VAL A 43 -10.01 -9.74 4.17
C VAL A 43 -9.06 -9.81 2.98
N ASP A 44 -7.87 -9.29 3.11
CA ASP A 44 -6.92 -9.32 1.96
C ASP A 44 -5.71 -10.19 2.28
N ARG A 45 -5.93 -11.39 2.77
CA ARG A 45 -4.75 -12.26 3.09
C ARG A 45 -3.91 -12.49 1.82
N GLU A 46 -4.43 -12.07 0.70
CA GLU A 46 -3.66 -12.17 -0.58
C GLU A 46 -2.39 -11.34 -0.47
N LYS A 47 -2.32 -10.51 0.54
CA LYS A 47 -1.13 -9.66 0.68
C LYS A 47 0.13 -10.53 0.62
N ALA A 48 0.23 -11.44 1.51
CA ALA A 48 1.36 -12.37 1.55
C ALA A 48 1.37 -13.24 0.31
N ILE A 49 0.46 -13.05 -0.60
CA ILE A 49 0.45 -13.95 -1.75
C ILE A 49 1.92 -14.23 -2.04
N GLU A 50 2.71 -13.19 -1.88
CA GLU A 50 4.18 -13.31 -2.04
C GLU A 50 4.71 -14.42 -1.13
N TYR A 51 4.34 -14.41 0.13
CA TYR A 51 4.83 -15.50 1.04
C TYR A 51 3.65 -16.19 1.72
N GLY A 52 2.59 -15.46 1.89
CA GLY A 52 1.38 -16.01 2.56
C GLY A 52 1.74 -16.90 3.76
N LEU A 53 2.97 -16.86 4.20
CA LEU A 53 3.38 -17.64 5.38
C LEU A 53 3.08 -16.81 6.62
N MET A 54 3.71 -15.67 6.69
CA MET A 54 3.54 -14.71 7.80
C MET A 54 2.80 -13.50 7.25
N ALA A 55 1.60 -13.66 6.79
CA ALA A 55 0.92 -12.50 6.15
C ALA A 55 -0.05 -11.82 7.12
N VAL A 56 0.36 -10.65 7.57
CA VAL A 56 -0.50 -9.88 8.51
C VAL A 56 -0.34 -8.37 8.26
N PRO A 57 0.83 -7.82 8.56
CA PRO A 57 1.04 -6.39 8.30
C PRO A 57 1.90 -6.16 7.07
N ALA A 58 1.26 -5.99 5.93
CA ALA A 58 2.02 -5.76 4.68
C ALA A 58 1.22 -4.92 3.70
N ILE A 59 1.79 -4.63 2.56
CA ILE A 59 1.06 -3.80 1.57
C ILE A 59 1.49 -4.18 0.15
N ALA A 60 0.59 -4.08 -0.81
CA ALA A 60 1.02 -4.42 -2.18
C ALA A 60 1.70 -3.18 -2.70
N ILE A 61 2.82 -3.39 -3.39
CA ILE A 61 3.54 -2.17 -3.81
C ILE A 61 2.93 -1.80 -5.16
N ASN A 62 1.80 -1.11 -5.05
CA ASN A 62 1.09 -0.62 -6.26
C ASN A 62 2.13 -0.03 -7.18
N GLY A 63 2.73 -0.86 -7.98
CA GLY A 63 3.81 -0.43 -8.89
C GLY A 63 4.58 -1.68 -9.28
N VAL A 64 4.92 -2.49 -8.30
CA VAL A 64 5.65 -3.75 -8.59
C VAL A 64 4.90 -4.97 -8.01
N VAL A 65 4.68 -5.06 -6.71
CA VAL A 65 3.95 -6.26 -6.19
C VAL A 65 3.41 -6.07 -4.76
N ARG A 66 4.03 -6.71 -3.79
CA ARG A 66 3.56 -6.65 -2.38
C ARG A 66 4.72 -6.96 -1.42
N PHE A 67 4.68 -6.47 -0.22
CA PHE A 67 5.81 -6.72 0.73
C PHE A 67 5.32 -6.87 2.18
N VAL A 68 6.23 -7.00 3.09
CA VAL A 68 5.89 -7.08 4.53
C VAL A 68 6.02 -5.69 5.16
N GLY A 69 4.98 -5.17 5.76
CA GLY A 69 5.12 -3.81 6.35
C GLY A 69 4.02 -3.56 7.39
N ALA A 70 4.34 -3.58 8.65
CA ALA A 70 3.30 -3.30 9.67
C ALA A 70 3.30 -1.79 9.94
N PRO A 71 4.20 -1.34 10.78
CA PRO A 71 4.27 0.10 11.03
C PRO A 71 5.09 0.78 9.93
N SER A 72 5.32 0.08 8.85
CA SER A 72 6.10 0.67 7.72
C SER A 72 5.20 1.21 6.62
N ARG A 73 4.41 2.20 6.91
CA ARG A 73 3.53 2.77 5.84
C ARG A 73 4.37 3.57 4.85
N GLU A 74 5.43 4.18 5.33
CA GLU A 74 6.30 4.96 4.42
C GLU A 74 6.67 4.12 3.21
N GLU A 75 6.97 2.86 3.44
CA GLU A 75 7.33 1.97 2.30
C GLU A 75 6.32 2.17 1.17
N LEU A 76 5.11 2.53 1.50
CA LEU A 76 4.09 2.77 0.44
C LEU A 76 4.42 4.08 -0.27
N PHE A 77 4.82 5.08 0.47
CA PHE A 77 5.18 6.36 -0.16
C PHE A 77 6.28 6.15 -1.20
N GLU A 78 7.20 5.27 -0.91
CA GLU A 78 8.31 4.98 -1.85
C GLU A 78 7.82 4.05 -2.97
N ALA A 79 6.81 3.26 -2.69
CA ALA A 79 6.32 2.31 -3.72
C ALA A 79 5.52 3.06 -4.78
N ILE A 80 4.76 4.05 -4.40
CA ILE A 80 4.00 4.83 -5.40
C ILE A 80 4.98 5.53 -6.34
N ASN A 81 6.07 6.00 -5.80
CA ASN A 81 7.10 6.69 -6.64
C ASN A 81 7.81 5.64 -7.47
N ASP A 82 8.00 4.43 -6.92
CA ASP A 82 8.71 3.47 -7.79
C ASP A 82 7.67 2.71 -8.60
N GLU A 83 6.42 2.94 -8.31
CA GLU A 83 5.31 2.43 -9.16
C GLU A 83 5.15 3.32 -10.37
N MET A 84 4.96 4.60 -10.14
CA MET A 84 4.79 5.55 -11.27
C MET A 84 6.10 5.67 -12.05
N GLU A 85 7.21 5.38 -11.43
CA GLU A 85 8.51 5.47 -12.15
C GLU A 85 8.44 4.76 -13.50
N MET A 1 -1.46 5.19 -14.54
CA MET A 1 -2.12 5.22 -13.20
C MET A 1 -1.47 6.30 -12.32
N VAL A 2 -2.26 7.10 -11.66
CA VAL A 2 -1.70 8.16 -10.79
C VAL A 2 -1.28 7.57 -9.44
N VAL A 3 -2.13 7.65 -8.49
CA VAL A 3 -1.83 7.08 -7.18
C VAL A 3 -2.22 5.61 -7.07
N ASN A 4 -1.36 4.77 -6.56
CA ASN A 4 -1.79 3.32 -6.42
C ASN A 4 -1.00 2.66 -5.28
N ILE A 5 -1.79 2.51 -4.25
CA ILE A 5 -1.47 2.05 -2.92
C ILE A 5 -2.16 0.79 -2.42
N GLU A 6 -1.57 -0.21 -1.90
CA GLU A 6 -2.54 -1.10 -1.26
C GLU A 6 -1.98 -1.44 0.10
N VAL A 7 -2.80 -1.13 1.09
CA VAL A 7 -2.41 -1.17 2.51
C VAL A 7 -3.17 -2.24 3.17
N PHE A 8 -2.43 -3.35 3.34
CA PHE A 8 -3.04 -4.57 3.92
C PHE A 8 -2.38 -4.85 5.28
N THR A 9 -3.06 -4.57 6.34
CA THR A 9 -2.51 -4.86 7.70
C THR A 9 -3.57 -5.51 8.59
N SER A 10 -4.66 -4.82 8.82
CA SER A 10 -5.71 -5.38 9.69
C SER A 10 -6.92 -4.45 9.79
N PRO A 11 -8.07 -5.07 9.84
CA PRO A 11 -9.35 -4.32 9.89
C PRO A 11 -9.57 -3.74 11.30
N THR A 12 -8.76 -4.13 12.25
CA THR A 12 -8.94 -3.60 13.63
C THR A 12 -8.35 -2.19 13.72
N CYS A 13 -7.71 -1.75 12.67
CA CYS A 13 -7.10 -0.39 12.67
C CYS A 13 -6.88 0.08 11.23
N PRO A 14 -6.09 1.12 11.12
CA PRO A 14 -5.72 1.65 9.78
C PRO A 14 -4.53 0.87 9.21
N TYR A 15 -4.71 0.21 8.11
CA TYR A 15 -3.57 -0.56 7.50
C TYR A 15 -2.33 0.34 7.43
N CYS A 16 -2.22 1.14 6.40
CA CYS A 16 -1.04 2.05 6.27
C CYS A 16 -1.40 3.25 5.40
N PRO A 17 -2.61 3.74 5.58
CA PRO A 17 -3.09 4.90 4.79
C PRO A 17 -2.43 6.21 5.25
N MET A 18 -1.22 6.14 5.74
CA MET A 18 -0.55 7.39 6.20
C MET A 18 0.59 7.76 5.26
N ALA A 19 1.57 6.90 5.14
CA ALA A 19 2.71 7.22 4.24
C ALA A 19 2.22 7.44 2.82
N ILE A 20 1.04 6.96 2.52
CA ILE A 20 0.50 7.16 1.14
C ILE A 20 0.00 8.60 0.98
N GLU A 21 -0.58 9.14 2.01
CA GLU A 21 -1.05 10.56 1.93
C GLU A 21 0.10 11.40 1.39
N VAL A 22 1.29 11.08 1.79
CA VAL A 22 2.47 11.85 1.29
C VAL A 22 2.71 11.49 -0.17
N VAL A 23 2.65 10.24 -0.49
CA VAL A 23 2.78 9.75 -1.88
C VAL A 23 1.62 10.29 -2.73
N ASP A 24 0.47 10.38 -2.11
CA ASP A 24 -0.75 10.84 -2.81
C ASP A 24 -0.60 12.32 -3.10
N GLU A 25 -0.04 13.02 -2.16
CA GLU A 25 0.16 14.47 -2.30
C GLU A 25 0.97 14.75 -3.56
N ALA A 26 2.05 14.00 -3.74
CA ALA A 26 2.89 14.18 -4.94
C ALA A 26 2.24 13.54 -6.16
N LYS A 27 1.66 12.37 -5.98
CA LYS A 27 1.06 11.72 -7.17
C LYS A 27 -0.20 12.45 -7.59
N LYS A 28 -0.74 13.25 -6.70
CA LYS A 28 -1.89 14.10 -7.08
C LYS A 28 -1.38 15.19 -8.02
N GLU A 29 -0.28 15.79 -7.64
CA GLU A 29 0.28 16.89 -8.48
C GLU A 29 0.44 16.41 -9.92
N PHE A 30 0.64 15.17 -10.12
CA PHE A 30 0.80 14.65 -11.48
C PHE A 30 -0.53 13.97 -11.85
N GLY A 31 -0.99 13.04 -11.18
CA GLY A 31 -2.29 12.36 -11.31
C GLY A 31 -3.51 13.08 -10.68
N ASP A 32 -3.93 14.25 -11.00
CA ASP A 32 -4.95 14.85 -10.09
C ASP A 32 -5.96 13.80 -9.55
N LYS A 33 -6.07 12.68 -10.19
CA LYS A 33 -6.75 11.46 -9.74
C LYS A 33 -6.01 10.63 -8.69
N ILE A 34 -6.67 9.90 -7.85
CA ILE A 34 -5.83 8.97 -7.01
C ILE A 34 -6.45 7.54 -7.05
N ASP A 35 -5.61 6.56 -6.81
CA ASP A 35 -6.06 5.16 -6.86
C ASP A 35 -5.41 4.41 -5.73
N VAL A 36 -5.71 4.75 -4.51
CA VAL A 36 -5.01 4.03 -3.46
C VAL A 36 -5.93 3.00 -2.89
N GLU A 37 -5.46 1.75 -2.89
CA GLU A 37 -6.38 0.64 -2.48
C GLU A 37 -5.82 0.01 -1.21
N LYS A 38 -6.77 -0.06 -0.30
CA LYS A 38 -6.74 -0.41 1.15
C LYS A 38 -7.27 -1.72 1.64
N ILE A 39 -6.71 -2.68 2.13
CA ILE A 39 -7.43 -3.91 2.61
C ILE A 39 -6.96 -4.28 4.05
N ASP A 40 -7.66 -5.15 4.72
CA ASP A 40 -7.18 -5.66 6.04
C ASP A 40 -6.49 -7.03 5.91
N ILE A 41 -5.84 -7.49 6.96
CA ILE A 41 -5.22 -8.84 6.91
C ILE A 41 -6.27 -9.95 6.99
N MET A 42 -7.45 -9.66 7.50
CA MET A 42 -8.50 -10.74 7.53
C MET A 42 -9.31 -10.80 6.24
N VAL A 43 -9.24 -9.74 5.44
CA VAL A 43 -10.00 -9.76 4.17
C VAL A 43 -9.06 -9.80 2.97
N ASP A 44 -7.86 -9.30 3.11
CA ASP A 44 -6.93 -9.32 1.96
C ASP A 44 -5.73 -10.20 2.28
N ARG A 45 -5.94 -11.43 2.72
CA ARG A 45 -4.71 -12.21 3.09
C ARG A 45 -3.94 -12.57 1.82
N GLU A 46 -4.44 -12.15 0.69
CA GLU A 46 -3.68 -12.13 -0.58
C GLU A 46 -2.37 -11.39 -0.42
N LYS A 47 -2.30 -10.52 0.52
CA LYS A 47 -1.12 -9.65 0.69
C LYS A 47 0.15 -10.51 0.61
N ALA A 48 0.27 -11.39 1.52
CA ALA A 48 1.31 -12.39 1.56
C ALA A 48 1.45 -13.16 0.28
N ILE A 49 0.48 -13.04 -0.61
CA ILE A 49 0.46 -13.96 -1.75
C ILE A 49 1.92 -14.23 -2.04
N GLU A 50 2.70 -13.19 -1.88
CA GLU A 50 4.18 -13.31 -2.04
C GLU A 50 4.71 -14.42 -1.13
N TYR A 51 4.34 -14.41 0.13
CA TYR A 51 4.83 -15.49 1.05
C TYR A 51 3.65 -16.18 1.73
N GLY A 52 2.59 -15.46 1.89
CA GLY A 52 1.38 -16.03 2.54
C GLY A 52 1.72 -16.90 3.77
N LEU A 53 2.89 -16.86 4.22
CA LEU A 53 3.42 -17.61 5.39
C LEU A 53 3.04 -16.75 6.56
N MET A 54 3.76 -15.68 6.70
CA MET A 54 3.56 -14.75 7.79
C MET A 54 2.81 -13.54 7.22
N ALA A 55 1.55 -13.64 6.83
CA ALA A 55 1.00 -12.42 6.22
C ALA A 55 -0.07 -11.87 7.11
N VAL A 56 0.31 -10.63 7.53
CA VAL A 56 -0.51 -9.87 8.52
C VAL A 56 -0.34 -8.36 8.36
N PRO A 57 0.86 -7.83 8.53
CA PRO A 57 0.96 -6.42 8.20
C PRO A 57 1.95 -6.20 7.10
N ALA A 58 1.31 -5.92 5.96
CA ALA A 58 2.04 -5.73 4.69
C ALA A 58 1.21 -4.94 3.69
N ILE A 59 1.77 -4.66 2.55
CA ILE A 59 1.02 -3.86 1.58
C ILE A 59 1.42 -4.21 0.18
N ALA A 60 0.66 -3.93 -0.84
CA ALA A 60 1.22 -4.43 -2.06
C ALA A 60 1.67 -3.23 -2.72
N ILE A 61 2.71 -3.38 -3.55
CA ILE A 61 3.38 -2.13 -3.84
C ILE A 61 2.95 -1.86 -5.19
N ASN A 62 1.82 -1.12 -5.09
CA ASN A 62 1.10 -0.60 -6.27
C ASN A 62 2.13 -0.02 -7.19
N GLY A 63 2.73 -0.86 -7.98
CA GLY A 63 3.81 -0.43 -8.89
C GLY A 63 4.58 -1.68 -9.28
N VAL A 64 4.92 -2.49 -8.30
CA VAL A 64 5.65 -3.75 -8.59
C VAL A 64 4.90 -4.98 -8.01
N VAL A 65 4.68 -5.06 -6.71
CA VAL A 65 3.95 -6.26 -6.19
C VAL A 65 3.41 -6.08 -4.76
N ARG A 66 4.06 -6.67 -3.79
CA ARG A 66 3.57 -6.64 -2.38
C ARG A 66 4.71 -6.99 -1.43
N PHE A 67 4.67 -6.47 -0.20
CA PHE A 67 5.81 -6.72 0.73
C PHE A 67 5.31 -6.83 2.18
N VAL A 68 6.23 -7.04 3.10
CA VAL A 68 5.94 -7.08 4.55
C VAL A 68 5.97 -5.67 5.15
N GLY A 69 4.96 -5.17 5.74
CA GLY A 69 5.12 -3.81 6.35
C GLY A 69 4.01 -3.55 7.38
N ALA A 70 4.34 -3.58 8.65
CA ALA A 70 3.30 -3.29 9.67
C ALA A 70 3.29 -1.80 9.96
N PRO A 71 4.21 -1.34 10.77
CA PRO A 71 4.25 0.11 11.00
C PRO A 71 5.13 0.77 9.95
N SER A 72 5.33 0.08 8.85
CA SER A 72 6.11 0.68 7.72
C SER A 72 5.20 1.21 6.61
N ARG A 73 4.40 2.19 6.90
CA ARG A 73 3.52 2.79 5.85
C ARG A 73 4.38 3.56 4.85
N GLU A 74 5.43 4.19 5.32
CA GLU A 74 6.32 4.96 4.43
C GLU A 74 6.65 4.11 3.21
N GLU A 75 6.95 2.86 3.43
CA GLU A 75 7.34 1.99 2.30
C GLU A 75 6.31 2.16 1.18
N LEU A 76 5.10 2.52 1.51
CA LEU A 76 4.09 2.77 0.44
C LEU A 76 4.42 4.07 -0.28
N PHE A 77 4.82 5.08 0.48
CA PHE A 77 5.17 6.37 -0.17
C PHE A 77 6.28 6.16 -1.21
N GLU A 78 7.20 5.30 -0.91
CA GLU A 78 8.31 4.95 -1.84
C GLU A 78 7.79 4.08 -2.98
N ALA A 79 6.81 3.26 -2.69
CA ALA A 79 6.32 2.30 -3.73
C ALA A 79 5.51 3.05 -4.79
N ILE A 80 4.76 4.03 -4.40
CA ILE A 80 4.00 4.85 -5.39
C ILE A 80 4.98 5.51 -6.36
N ASN A 81 6.08 6.01 -5.80
CA ASN A 81 7.13 6.69 -6.62
C ASN A 81 7.81 5.63 -7.44
N ASP A 82 7.93 4.41 -6.96
CA ASP A 82 8.67 3.49 -7.82
C ASP A 82 7.71 2.61 -8.53
N GLU A 83 6.44 2.91 -8.30
CA GLU A 83 5.33 2.39 -9.16
C GLU A 83 5.15 3.36 -10.33
N MET A 84 4.93 4.61 -10.11
CA MET A 84 4.79 5.53 -11.28
C MET A 84 6.11 5.71 -12.05
N GLU A 85 7.21 5.38 -11.43
CA GLU A 85 8.52 5.46 -12.15
C GLU A 85 8.44 4.76 -13.50
N MET A 1 -2.43 4.92 -13.91
CA MET A 1 -2.82 4.99 -12.48
C MET A 1 -2.02 6.08 -11.77
N VAL A 2 -2.68 7.05 -11.20
CA VAL A 2 -1.96 8.13 -10.49
C VAL A 2 -1.52 7.66 -9.10
N VAL A 3 -2.35 7.87 -8.13
CA VAL A 3 -2.00 7.44 -6.75
C VAL A 3 -2.50 6.01 -6.49
N ASN A 4 -1.60 5.06 -6.36
CA ASN A 4 -2.05 3.68 -6.05
C ASN A 4 -1.36 3.19 -4.76
N ILE A 5 -2.09 3.12 -3.70
CA ILE A 5 -1.55 2.64 -2.41
C ILE A 5 -2.32 1.44 -1.90
N GLU A 6 -1.69 0.43 -1.39
CA GLU A 6 -2.50 -0.68 -0.86
C GLU A 6 -2.04 -1.00 0.56
N VAL A 7 -2.89 -0.70 1.52
CA VAL A 7 -2.49 -0.92 2.93
C VAL A 7 -3.16 -2.18 3.41
N PHE A 8 -2.36 -3.20 3.61
CA PHE A 8 -2.90 -4.50 4.02
C PHE A 8 -2.36 -4.89 5.38
N THR A 9 -2.98 -4.40 6.42
CA THR A 9 -2.52 -4.75 7.80
C THR A 9 -3.69 -5.27 8.63
N SER A 10 -4.83 -4.61 8.57
CA SER A 10 -6.00 -5.09 9.35
C SER A 10 -7.19 -4.16 9.13
N PRO A 11 -8.37 -4.75 9.19
CA PRO A 11 -9.62 -3.99 9.00
C PRO A 11 -10.08 -3.38 10.33
N THR A 12 -9.72 -3.97 11.43
CA THR A 12 -10.14 -3.42 12.75
C THR A 12 -9.27 -2.23 13.12
N CYS A 13 -8.50 -1.73 12.19
CA CYS A 13 -7.64 -0.55 12.48
C CYS A 13 -7.30 0.19 11.18
N PRO A 14 -6.42 1.15 11.30
CA PRO A 14 -5.94 1.90 10.12
C PRO A 14 -4.78 1.14 9.44
N TYR A 15 -5.03 0.55 8.29
CA TYR A 15 -3.95 -0.19 7.59
C TYR A 15 -2.70 0.69 7.50
N CYS A 16 -2.64 1.56 6.53
CA CYS A 16 -1.46 2.47 6.39
C CYS A 16 -1.87 3.73 5.62
N PRO A 17 -2.97 4.30 6.04
CA PRO A 17 -3.48 5.53 5.37
C PRO A 17 -2.63 6.74 5.74
N MET A 18 -1.40 6.54 6.09
CA MET A 18 -0.51 7.69 6.46
C MET A 18 0.56 7.89 5.38
N ALA A 19 1.49 6.99 5.29
CA ALA A 19 2.56 7.14 4.27
C ALA A 19 1.91 7.29 2.89
N ILE A 20 0.68 6.86 2.76
CA ILE A 20 -0.01 6.99 1.44
C ILE A 20 -0.32 8.47 1.19
N GLU A 21 -0.73 9.17 2.20
CA GLU A 21 -1.03 10.62 2.03
C GLU A 21 0.19 11.30 1.42
N VAL A 22 1.37 10.85 1.77
CA VAL A 22 2.60 11.44 1.20
C VAL A 22 2.71 11.05 -0.27
N VAL A 23 2.42 9.81 -0.56
CA VAL A 23 2.46 9.34 -1.97
C VAL A 23 1.33 10.01 -2.76
N ASP A 24 0.24 10.29 -2.09
CA ASP A 24 -0.91 10.93 -2.78
C ASP A 24 -0.56 12.38 -3.06
N GLU A 25 0.13 12.99 -2.14
CA GLU A 25 0.53 14.39 -2.30
C GLU A 25 1.42 14.55 -3.54
N ALA A 26 2.36 13.67 -3.70
CA ALA A 26 3.26 13.75 -4.88
C ALA A 26 2.59 13.21 -6.13
N LYS A 27 1.84 12.15 -5.99
CA LYS A 27 1.18 11.58 -7.20
C LYS A 27 0.04 12.49 -7.62
N LYS A 28 -0.43 13.31 -6.72
CA LYS A 28 -1.49 14.27 -7.09
C LYS A 28 -0.86 15.32 -7.99
N GLU A 29 0.30 15.79 -7.59
CA GLU A 29 1.03 16.80 -8.38
C GLU A 29 1.04 16.37 -9.85
N PHE A 30 1.22 15.11 -10.09
CA PHE A 30 1.24 14.62 -11.48
C PHE A 30 -0.17 14.12 -11.83
N GLY A 31 -0.69 13.19 -11.09
CA GLY A 31 -2.08 12.70 -11.37
C GLY A 31 -3.11 13.45 -10.49
N ASP A 32 -3.54 14.63 -10.85
CA ASP A 32 -4.54 15.31 -9.98
C ASP A 32 -5.54 14.29 -9.38
N LYS A 33 -5.70 13.18 -10.03
CA LYS A 33 -6.59 12.10 -9.52
C LYS A 33 -5.87 11.20 -8.50
N ILE A 34 -6.58 10.61 -7.59
CA ILE A 34 -5.90 9.71 -6.63
C ILE A 34 -6.63 8.35 -6.56
N ASP A 35 -5.91 7.31 -6.20
CA ASP A 35 -6.52 5.96 -6.10
C ASP A 35 -5.79 5.15 -5.05
N VAL A 36 -6.03 5.42 -3.80
CA VAL A 36 -5.30 4.66 -2.75
C VAL A 36 -6.15 3.47 -2.31
N GLU A 37 -5.59 2.27 -2.44
CA GLU A 37 -6.41 1.08 -2.09
C GLU A 37 -5.93 0.57 -0.73
N LYS A 38 -6.83 0.06 0.04
CA LYS A 38 -6.52 -0.35 1.45
C LYS A 38 -7.21 -1.65 1.83
N ILE A 39 -6.46 -2.68 2.12
CA ILE A 39 -7.09 -3.99 2.47
C ILE A 39 -6.75 -4.40 3.90
N ASP A 40 -7.44 -5.37 4.43
CA ASP A 40 -7.15 -5.84 5.82
C ASP A 40 -6.26 -7.10 5.76
N ILE A 41 -5.58 -7.41 6.83
CA ILE A 41 -4.69 -8.61 6.82
C ILE A 41 -5.49 -9.90 6.76
N MET A 42 -6.60 -9.96 7.41
CA MET A 42 -7.40 -11.22 7.37
C MET A 42 -8.27 -11.29 6.11
N VAL A 43 -8.24 -10.25 5.32
CA VAL A 43 -9.07 -10.25 4.08
C VAL A 43 -8.16 -10.28 2.85
N ASP A 44 -7.13 -9.49 2.84
CA ASP A 44 -6.20 -9.47 1.68
C ASP A 44 -4.90 -10.16 2.04
N ARG A 45 -4.95 -11.34 2.61
CA ARG A 45 -3.67 -12.00 3.01
C ARG A 45 -2.84 -12.29 1.78
N GLU A 46 -3.36 -11.99 0.63
CA GLU A 46 -2.59 -12.14 -0.63
C GLU A 46 -1.24 -11.41 -0.51
N LYS A 47 -1.14 -10.47 0.40
CA LYS A 47 0.15 -9.70 0.55
C LYS A 47 1.32 -10.66 0.64
N ALA A 48 1.27 -11.49 1.60
CA ALA A 48 2.32 -12.53 1.78
C ALA A 48 2.37 -13.49 0.58
N ILE A 49 1.46 -13.36 -0.36
CA ILE A 49 1.49 -14.36 -1.45
C ILE A 49 2.95 -14.72 -1.62
N GLU A 50 3.75 -13.71 -1.51
CA GLU A 50 5.22 -13.91 -1.58
C GLU A 50 5.63 -15.01 -0.61
N TYR A 51 5.25 -14.90 0.64
CA TYR A 51 5.61 -15.96 1.65
C TYR A 51 4.35 -16.50 2.32
N GLY A 52 3.35 -15.68 2.44
CA GLY A 52 2.06 -16.12 3.09
C GLY A 52 2.33 -16.98 4.33
N LEU A 53 3.54 -17.01 4.77
CA LEU A 53 3.93 -17.74 6.01
C LEU A 53 3.60 -16.82 7.19
N MET A 54 4.37 -15.80 7.30
CA MET A 54 4.22 -14.82 8.41
C MET A 54 3.52 -13.59 7.83
N ALA A 55 2.33 -13.75 7.30
CA ALA A 55 1.68 -12.57 6.65
C ALA A 55 0.59 -12.01 7.56
N VAL A 56 0.81 -10.78 7.99
CA VAL A 56 -0.16 -10.11 8.90
C VAL A 56 -0.20 -8.60 8.64
N PRO A 57 0.88 -7.89 8.93
CA PRO A 57 0.89 -6.44 8.64
C PRO A 57 1.77 -6.17 7.42
N ALA A 58 1.13 -5.71 6.36
CA ALA A 58 1.86 -5.46 5.10
C ALA A 58 1.09 -4.52 4.18
N ILE A 59 1.69 -4.18 3.08
CA ILE A 59 1.01 -3.27 2.11
C ILE A 59 1.32 -3.72 0.70
N ALA A 60 0.40 -3.60 -0.22
CA ALA A 60 0.73 -4.11 -1.57
C ALA A 60 1.44 -2.98 -2.23
N ILE A 61 2.38 -3.30 -3.11
CA ILE A 61 3.13 -2.17 -3.65
C ILE A 61 2.45 -1.84 -4.96
N ASN A 62 1.47 -0.98 -4.81
CA ASN A 62 0.72 -0.49 -5.98
C ASN A 62 1.69 -0.12 -7.07
N GLY A 63 2.11 -1.09 -7.80
CA GLY A 63 3.10 -0.86 -8.88
C GLY A 63 3.71 -2.21 -9.22
N VAL A 64 4.03 -2.99 -8.23
CA VAL A 64 4.63 -4.32 -8.49
C VAL A 64 3.84 -5.43 -7.75
N VAL A 65 3.74 -5.38 -6.43
CA VAL A 65 2.98 -6.46 -5.72
C VAL A 65 2.61 -6.07 -4.29
N ARG A 66 3.31 -6.61 -3.32
CA ARG A 66 3.01 -6.30 -1.89
C ARG A 66 4.20 -6.75 -1.03
N PHE A 67 4.28 -6.28 0.19
CA PHE A 67 5.45 -6.64 1.05
C PHE A 67 5.05 -6.78 2.52
N VAL A 68 5.97 -7.14 3.36
CA VAL A 68 5.68 -7.28 4.81
C VAL A 68 5.90 -5.93 5.50
N GLY A 69 4.87 -5.32 6.03
CA GLY A 69 5.10 -4.04 6.74
C GLY A 69 3.91 -3.71 7.62
N ALA A 70 4.14 -3.43 8.86
CA ALA A 70 3.00 -3.04 9.74
C ALA A 70 2.90 -1.51 9.74
N PRO A 71 3.69 -0.87 10.55
CA PRO A 71 3.69 0.61 10.55
C PRO A 71 4.60 1.10 9.42
N SER A 72 4.81 0.28 8.42
CA SER A 72 5.68 0.70 7.28
C SER A 72 4.85 1.17 6.09
N ARG A 73 4.07 2.19 6.25
CA ARG A 73 3.26 2.72 5.12
C ARG A 73 4.16 3.40 4.10
N GLU A 74 5.30 3.89 4.54
CA GLU A 74 6.22 4.59 3.59
C GLU A 74 6.46 3.69 2.38
N GLU A 75 6.65 2.42 2.60
CA GLU A 75 6.87 1.51 1.44
C GLU A 75 5.87 1.85 0.34
N LEU A 76 4.69 2.24 0.73
CA LEU A 76 3.67 2.61 -0.29
C LEU A 76 4.16 3.85 -1.04
N PHE A 77 4.71 4.80 -0.33
CA PHE A 77 5.22 6.03 -1.01
C PHE A 77 6.26 5.63 -2.06
N GLU A 78 7.02 4.61 -1.79
CA GLU A 78 8.04 4.14 -2.77
C GLU A 78 7.39 3.25 -3.82
N ALA A 79 6.36 2.53 -3.47
CA ALA A 79 5.71 1.62 -4.44
C ALA A 79 4.91 2.43 -5.46
N ILE A 80 4.36 3.53 -5.07
CA ILE A 80 3.60 4.38 -6.04
C ILE A 80 4.59 4.96 -7.05
N ASN A 81 5.73 5.41 -6.58
CA ASN A 81 6.76 5.95 -7.49
C ASN A 81 7.26 4.82 -8.35
N ASP A 82 7.14 3.59 -7.91
CA ASP A 82 7.72 2.54 -8.80
C ASP A 82 6.61 1.88 -9.58
N GLU A 83 5.39 2.18 -9.15
CA GLU A 83 4.22 1.86 -10.04
C GLU A 83 4.17 2.93 -11.18
N MET A 84 4.16 4.19 -10.85
CA MET A 84 4.12 5.25 -11.88
C MET A 84 5.52 5.48 -12.47
N GLU A 85 6.55 5.10 -11.75
CA GLU A 85 7.93 5.29 -12.28
C GLU A 85 8.87 4.23 -11.69
N MET A 1 -2.46 4.93 -13.94
CA MET A 1 -2.83 5.00 -12.50
C MET A 1 -2.03 6.10 -11.78
N VAL A 2 -2.70 7.04 -11.20
CA VAL A 2 -1.97 8.12 -10.50
C VAL A 2 -1.53 7.64 -9.11
N VAL A 3 -2.34 7.85 -8.12
CA VAL A 3 -1.98 7.43 -6.74
C VAL A 3 -2.48 6.01 -6.49
N ASN A 4 -1.58 5.07 -6.36
CA ASN A 4 -2.05 3.68 -6.07
C ASN A 4 -1.36 3.20 -4.79
N ILE A 5 -2.11 3.11 -3.73
CA ILE A 5 -1.53 2.64 -2.43
C ILE A 5 -2.29 1.44 -1.91
N GLU A 6 -1.66 0.46 -1.36
CA GLU A 6 -2.48 -0.65 -0.85
C GLU A 6 -1.99 -0.91 0.54
N VAL A 7 -2.87 -0.80 1.49
CA VAL A 7 -2.50 -0.97 2.90
C VAL A 7 -3.16 -2.21 3.41
N PHE A 8 -2.38 -3.22 3.57
CA PHE A 8 -2.92 -4.51 4.03
C PHE A 8 -2.35 -4.85 5.41
N THR A 9 -3.00 -4.42 6.43
CA THR A 9 -2.53 -4.74 7.81
C THR A 9 -3.69 -5.26 8.64
N SER A 10 -4.82 -4.61 8.58
CA SER A 10 -6.00 -5.08 9.37
C SER A 10 -7.20 -4.15 9.17
N PRO A 11 -8.37 -4.75 9.22
CA PRO A 11 -9.63 -3.99 9.01
C PRO A 11 -10.10 -3.37 10.33
N THR A 12 -9.74 -3.96 11.43
CA THR A 12 -10.15 -3.42 12.75
C THR A 12 -9.30 -2.20 13.12
N CYS A 13 -8.47 -1.77 12.20
CA CYS A 13 -7.63 -0.57 12.49
C CYS A 13 -7.29 0.17 11.19
N PRO A 14 -6.41 1.15 11.30
CA PRO A 14 -5.94 1.91 10.12
C PRO A 14 -4.79 1.15 9.45
N TYR A 15 -5.04 0.57 8.32
CA TYR A 15 -3.96 -0.20 7.61
C TYR A 15 -2.70 0.68 7.51
N CYS A 16 -2.64 1.56 6.54
CA CYS A 16 -1.46 2.45 6.40
C CYS A 16 -1.86 3.72 5.64
N PRO A 17 -2.98 4.30 6.05
CA PRO A 17 -3.49 5.53 5.39
C PRO A 17 -2.63 6.74 5.74
N MET A 18 -1.39 6.55 6.10
CA MET A 18 -0.52 7.70 6.45
C MET A 18 0.56 7.91 5.40
N ALA A 19 1.50 7.01 5.29
CA ALA A 19 2.56 7.17 4.26
C ALA A 19 1.92 7.30 2.89
N ILE A 20 0.69 6.88 2.76
CA ILE A 20 -0.02 6.99 1.44
C ILE A 20 -0.32 8.46 1.17
N GLU A 21 -0.72 9.18 2.19
CA GLU A 21 -1.03 10.63 2.03
C GLU A 21 0.19 11.31 1.41
N VAL A 22 1.37 10.87 1.78
CA VAL A 22 2.61 11.46 1.20
C VAL A 22 2.69 11.08 -0.27
N VAL A 23 2.43 9.84 -0.56
CA VAL A 23 2.46 9.35 -1.97
C VAL A 23 1.33 10.02 -2.75
N ASP A 24 0.22 10.24 -2.10
CA ASP A 24 -0.92 10.91 -2.78
C ASP A 24 -0.55 12.36 -3.06
N GLU A 25 0.12 12.99 -2.13
CA GLU A 25 0.54 14.40 -2.30
C GLU A 25 1.42 14.55 -3.54
N ALA A 26 2.39 13.68 -3.68
CA ALA A 26 3.29 13.76 -4.86
C ALA A 26 2.60 13.22 -6.12
N LYS A 27 1.83 12.16 -5.99
CA LYS A 27 1.17 11.60 -7.21
C LYS A 27 0.01 12.49 -7.63
N LYS A 28 -0.43 13.33 -6.73
CA LYS A 28 -1.51 14.28 -7.09
C LYS A 28 -0.87 15.33 -7.99
N GLU A 29 0.29 15.79 -7.59
CA GLU A 29 1.03 16.81 -8.39
C GLU A 29 1.05 16.40 -9.86
N PHE A 30 1.17 15.13 -10.10
CA PHE A 30 1.20 14.62 -11.47
C PHE A 30 -0.21 14.16 -11.79
N GLY A 31 -0.67 13.10 -11.14
CA GLY A 31 -2.07 12.68 -11.38
C GLY A 31 -3.04 13.49 -10.48
N ASP A 32 -3.54 14.63 -10.87
CA ASP A 32 -4.53 15.32 -9.97
C ASP A 32 -5.52 14.29 -9.34
N LYS A 33 -5.73 13.19 -10.03
CA LYS A 33 -6.64 12.10 -9.54
C LYS A 33 -5.92 11.20 -8.54
N ILE A 34 -6.63 10.59 -7.62
CA ILE A 34 -5.93 9.69 -6.65
C ILE A 34 -6.64 8.34 -6.58
N ASP A 35 -5.93 7.33 -6.21
CA ASP A 35 -6.54 5.97 -6.10
C ASP A 35 -5.77 5.19 -5.03
N VAL A 36 -6.05 5.39 -3.79
CA VAL A 36 -5.31 4.65 -2.77
C VAL A 36 -6.18 3.46 -2.38
N GLU A 37 -5.61 2.28 -2.38
CA GLU A 37 -6.40 1.08 -2.05
C GLU A 37 -5.93 0.59 -0.69
N LYS A 38 -6.85 0.05 0.07
CA LYS A 38 -6.53 -0.38 1.47
C LYS A 38 -7.24 -1.66 1.87
N ILE A 39 -6.49 -2.70 2.06
CA ILE A 39 -7.09 -4.00 2.44
C ILE A 39 -6.72 -4.41 3.87
N ASP A 40 -7.44 -5.36 4.42
CA ASP A 40 -7.13 -5.82 5.80
C ASP A 40 -6.24 -7.08 5.73
N ILE A 41 -5.59 -7.42 6.81
CA ILE A 41 -4.70 -8.61 6.82
C ILE A 41 -5.50 -9.90 6.74
N MET A 42 -6.61 -9.98 7.43
CA MET A 42 -7.41 -11.24 7.39
C MET A 42 -8.27 -11.30 6.11
N VAL A 43 -8.24 -10.26 5.30
CA VAL A 43 -9.07 -10.27 4.06
C VAL A 43 -8.16 -10.30 2.83
N ASP A 44 -7.13 -9.51 2.83
CA ASP A 44 -6.22 -9.50 1.67
C ASP A 44 -4.92 -10.18 2.06
N ARG A 45 -4.96 -11.37 2.59
CA ARG A 45 -3.68 -12.03 3.00
C ARG A 45 -2.82 -12.30 1.78
N GLU A 46 -3.33 -11.96 0.63
CA GLU A 46 -2.59 -12.14 -0.63
C GLU A 46 -1.26 -11.40 -0.51
N LYS A 47 -1.15 -10.43 0.37
CA LYS A 47 0.14 -9.71 0.51
C LYS A 47 1.27 -10.71 0.57
N ALA A 48 1.25 -11.50 1.61
CA ALA A 48 2.32 -12.51 1.78
C ALA A 48 2.33 -13.50 0.63
N ILE A 49 1.38 -13.47 -0.29
CA ILE A 49 1.46 -14.41 -1.46
C ILE A 49 2.93 -14.75 -1.64
N GLU A 50 3.75 -13.76 -1.51
CA GLU A 50 5.23 -13.93 -1.60
C GLU A 50 5.67 -15.03 -0.64
N TYR A 51 5.28 -14.92 0.62
CA TYR A 51 5.63 -15.98 1.64
C TYR A 51 4.35 -16.54 2.30
N GLY A 52 3.33 -15.72 2.45
CA GLY A 52 2.03 -16.17 3.08
C GLY A 52 2.28 -16.99 4.37
N LEU A 53 3.52 -17.08 4.74
CA LEU A 53 3.92 -17.75 6.01
C LEU A 53 3.58 -16.81 7.14
N MET A 54 4.44 -15.86 7.37
CA MET A 54 4.22 -14.85 8.42
C MET A 54 3.54 -13.63 7.79
N ALA A 55 2.32 -13.75 7.34
CA ALA A 55 1.67 -12.57 6.69
C ALA A 55 0.61 -12.01 7.60
N VAL A 56 0.80 -10.78 8.01
CA VAL A 56 -0.17 -10.11 8.92
C VAL A 56 -0.20 -8.60 8.67
N PRO A 57 0.89 -7.91 8.91
CA PRO A 57 0.90 -6.48 8.61
C PRO A 57 1.78 -6.22 7.41
N ALA A 58 1.17 -5.72 6.37
CA ALA A 58 1.89 -5.45 5.11
C ALA A 58 1.10 -4.51 4.19
N ILE A 59 1.67 -4.19 3.08
CA ILE A 59 0.98 -3.29 2.12
C ILE A 59 1.28 -3.79 0.74
N ALA A 60 0.44 -3.57 -0.21
CA ALA A 60 0.79 -4.09 -1.54
C ALA A 60 1.52 -2.97 -2.18
N ILE A 61 2.33 -3.26 -3.13
CA ILE A 61 3.11 -2.19 -3.69
C ILE A 61 2.43 -1.85 -4.96
N ASN A 62 1.55 -0.91 -4.87
CA ASN A 62 0.73 -0.51 -6.00
C ASN A 62 1.69 -0.10 -7.09
N GLY A 63 2.10 -1.08 -7.82
CA GLY A 63 3.09 -0.87 -8.90
C GLY A 63 3.71 -2.22 -9.24
N VAL A 64 4.02 -2.99 -8.24
CA VAL A 64 4.63 -4.32 -8.49
C VAL A 64 3.83 -5.43 -7.76
N VAL A 65 3.72 -5.39 -6.45
CA VAL A 65 2.96 -6.48 -5.74
C VAL A 65 2.58 -6.10 -4.29
N ARG A 66 3.34 -6.58 -3.33
CA ARG A 66 3.04 -6.30 -1.89
C ARG A 66 4.23 -6.74 -1.03
N PHE A 67 4.30 -6.28 0.20
CA PHE A 67 5.47 -6.63 1.06
C PHE A 67 5.08 -6.74 2.53
N VAL A 68 6.00 -7.17 3.35
CA VAL A 68 5.68 -7.28 4.81
C VAL A 68 5.90 -5.94 5.51
N GLY A 69 4.88 -5.33 6.03
CA GLY A 69 5.11 -4.04 6.76
C GLY A 69 3.90 -3.71 7.63
N ALA A 70 4.13 -3.41 8.87
CA ALA A 70 3.00 -3.04 9.75
C ALA A 70 2.89 -1.51 9.77
N PRO A 71 3.70 -0.86 10.56
CA PRO A 71 3.69 0.62 10.56
C PRO A 71 4.60 1.11 9.42
N SER A 72 4.80 0.29 8.40
CA SER A 72 5.69 0.70 7.27
C SER A 72 4.87 1.17 6.08
N ARG A 73 4.08 2.17 6.26
CA ARG A 73 3.25 2.71 5.14
C ARG A 73 4.18 3.38 4.11
N GLU A 74 5.29 3.92 4.55
CA GLU A 74 6.24 4.59 3.61
C GLU A 74 6.48 3.71 2.38
N GLU A 75 6.65 2.43 2.59
CA GLU A 75 6.88 1.51 1.44
C GLU A 75 5.88 1.83 0.34
N LEU A 76 4.69 2.24 0.71
CA LEU A 76 3.67 2.62 -0.29
C LEU A 76 4.16 3.84 -1.05
N PHE A 77 4.70 4.80 -0.35
CA PHE A 77 5.23 6.03 -1.02
C PHE A 77 6.26 5.63 -2.09
N GLU A 78 7.03 4.61 -1.80
CA GLU A 78 8.05 4.14 -2.77
C GLU A 78 7.40 3.25 -3.83
N ALA A 79 6.38 2.51 -3.46
CA ALA A 79 5.71 1.62 -4.45
C ALA A 79 4.93 2.43 -5.47
N ILE A 80 4.38 3.53 -5.09
CA ILE A 80 3.61 4.37 -6.06
C ILE A 80 4.59 4.97 -7.06
N ASN A 81 5.71 5.42 -6.57
CA ASN A 81 6.77 5.94 -7.43
C ASN A 81 7.31 4.79 -8.28
N ASP A 82 7.08 3.56 -7.95
CA ASP A 82 7.65 2.50 -8.82
C ASP A 82 6.56 1.91 -9.63
N GLU A 83 5.39 2.36 -9.31
CA GLU A 83 4.22 1.93 -10.06
C GLU A 83 4.18 2.94 -11.21
N MET A 84 4.16 4.20 -10.85
CA MET A 84 4.14 5.25 -11.89
C MET A 84 5.54 5.46 -12.49
N GLU A 85 6.56 5.09 -11.77
CA GLU A 85 7.95 5.28 -12.28
C GLU A 85 8.87 4.20 -11.69
N MET A 1 -1.86 4.90 -14.21
CA MET A 1 -2.18 4.82 -12.75
C MET A 1 -1.53 5.98 -12.00
N VAL A 2 -2.32 6.88 -11.52
CA VAL A 2 -1.76 8.04 -10.77
C VAL A 2 -1.43 7.64 -9.33
N VAL A 3 -2.33 7.88 -8.42
CA VAL A 3 -2.08 7.53 -7.02
C VAL A 3 -2.57 6.12 -6.76
N ASN A 4 -1.70 5.20 -6.44
CA ASN A 4 -2.20 3.84 -6.16
C ASN A 4 -1.45 3.30 -4.96
N ILE A 5 -2.13 3.28 -3.86
CA ILE A 5 -1.55 2.81 -2.58
C ILE A 5 -2.32 1.62 -2.02
N GLU A 6 -1.70 0.64 -1.48
CA GLU A 6 -2.53 -0.43 -0.92
C GLU A 6 -1.98 -0.71 0.45
N VAL A 7 -2.81 -0.60 1.45
CA VAL A 7 -2.36 -0.78 2.84
C VAL A 7 -3.02 -2.02 3.35
N PHE A 8 -2.25 -3.05 3.42
CA PHE A 8 -2.79 -4.34 3.87
C PHE A 8 -2.18 -4.72 5.20
N THR A 9 -2.86 -4.44 6.27
CA THR A 9 -2.32 -4.84 7.59
C THR A 9 -3.39 -5.63 8.32
N SER A 10 -4.46 -5.00 8.73
CA SER A 10 -5.55 -5.75 9.44
C SER A 10 -6.68 -4.80 9.82
N PRO A 11 -7.87 -5.37 9.92
CA PRO A 11 -9.07 -4.58 10.26
C PRO A 11 -9.08 -4.24 11.75
N THR A 12 -8.46 -5.07 12.55
CA THR A 12 -8.42 -4.81 14.01
C THR A 12 -7.36 -3.74 14.32
N CYS A 13 -6.46 -3.49 13.40
CA CYS A 13 -5.41 -2.48 13.65
C CYS A 13 -5.42 -1.43 12.54
N PRO A 14 -4.54 -0.47 12.65
CA PRO A 14 -4.44 0.60 11.65
C PRO A 14 -3.61 0.14 10.46
N TYR A 15 -4.24 -0.10 9.34
CA TYR A 15 -3.49 -0.55 8.12
C TYR A 15 -2.29 0.37 7.89
N CYS A 16 -2.24 1.06 6.78
CA CYS A 16 -1.11 1.99 6.50
C CYS A 16 -1.55 3.08 5.52
N PRO A 17 -2.76 3.57 5.71
CA PRO A 17 -3.32 4.62 4.81
C PRO A 17 -2.70 6.00 5.13
N MET A 18 -1.47 6.04 5.59
CA MET A 18 -0.84 7.35 5.93
C MET A 18 0.26 7.68 4.93
N ALA A 19 1.26 6.86 4.83
CA ALA A 19 2.36 7.14 3.88
C ALA A 19 1.83 7.32 2.48
N ILE A 20 0.64 6.83 2.24
CA ILE A 20 0.03 6.97 0.89
C ILE A 20 -0.41 8.42 0.68
N GLU A 21 -0.96 9.03 1.70
CA GLU A 21 -1.42 10.43 1.57
C GLU A 21 -0.26 11.28 1.06
N VAL A 22 0.94 10.95 1.46
CA VAL A 22 2.12 11.73 0.98
C VAL A 22 2.32 11.43 -0.50
N VAL A 23 2.36 10.18 -0.86
CA VAL A 23 2.52 9.82 -2.29
C VAL A 23 1.33 10.36 -3.09
N ASP A 24 0.18 10.40 -2.48
CA ASP A 24 -1.03 10.93 -3.18
C ASP A 24 -0.84 12.42 -3.44
N GLU A 25 -0.29 13.10 -2.46
CA GLU A 25 -0.05 14.56 -2.59
C GLU A 25 0.84 14.81 -3.81
N ALA A 26 1.91 14.07 -3.92
CA ALA A 26 2.82 14.23 -5.08
C ALA A 26 2.23 13.57 -6.33
N LYS A 27 1.60 12.42 -6.18
CA LYS A 27 1.04 11.73 -7.37
C LYS A 27 -0.19 12.48 -7.87
N LYS A 28 -0.72 13.32 -7.04
CA LYS A 28 -1.87 14.14 -7.48
C LYS A 28 -1.33 15.20 -8.43
N GLU A 29 -0.22 15.80 -8.05
CA GLU A 29 0.43 16.84 -8.89
C GLU A 29 0.58 16.36 -10.32
N PHE A 30 0.81 15.09 -10.47
CA PHE A 30 0.96 14.49 -11.82
C PHE A 30 -0.41 13.96 -12.20
N GLY A 31 -0.85 12.92 -11.53
CA GLY A 31 -2.22 12.39 -11.84
C GLY A 31 -3.28 13.19 -11.05
N ASP A 32 -3.76 14.31 -11.53
CA ASP A 32 -4.85 15.02 -10.74
C ASP A 32 -5.81 13.99 -10.09
N LYS A 33 -6.00 12.89 -10.75
CA LYS A 33 -6.88 11.77 -10.23
C LYS A 33 -6.17 10.94 -9.17
N ILE A 34 -6.88 10.35 -8.25
CA ILE A 34 -6.19 9.52 -7.22
C ILE A 34 -6.84 8.15 -7.11
N ASP A 35 -6.10 7.18 -6.66
CA ASP A 35 -6.66 5.81 -6.50
C ASP A 35 -5.91 5.12 -5.36
N VAL A 36 -6.25 5.39 -4.14
CA VAL A 36 -5.52 4.74 -3.04
C VAL A 36 -6.36 3.55 -2.60
N GLU A 37 -5.74 2.40 -2.50
CA GLU A 37 -6.49 1.17 -2.10
C GLU A 37 -5.99 0.75 -0.73
N LYS A 38 -6.90 0.33 0.09
CA LYS A 38 -6.57 -0.02 1.52
C LYS A 38 -7.30 -1.25 2.04
N ILE A 39 -6.58 -2.29 2.29
CA ILE A 39 -7.22 -3.53 2.78
C ILE A 39 -6.52 -4.09 4.03
N ASP A 40 -7.18 -4.97 4.72
CA ASP A 40 -6.55 -5.59 5.92
C ASP A 40 -5.97 -6.99 5.59
N ILE A 41 -5.36 -7.64 6.56
CA ILE A 41 -4.81 -9.02 6.34
C ILE A 41 -5.97 -10.01 6.16
N MET A 42 -7.17 -9.64 6.53
CA MET A 42 -8.31 -10.58 6.36
C MET A 42 -8.98 -10.44 4.99
N VAL A 43 -8.72 -9.38 4.27
CA VAL A 43 -9.36 -9.18 2.93
C VAL A 43 -8.31 -9.24 1.82
N ASP A 44 -7.17 -8.66 2.04
CA ASP A 44 -6.12 -8.69 1.00
C ASP A 44 -4.96 -9.56 1.48
N ARG A 45 -5.23 -10.75 1.97
CA ARG A 45 -4.09 -11.61 2.46
C ARG A 45 -3.19 -11.98 1.29
N GLU A 46 -3.55 -11.53 0.13
CA GLU A 46 -2.75 -11.77 -1.07
C GLU A 46 -1.35 -11.15 -0.89
N LYS A 47 -1.22 -10.17 -0.02
CA LYS A 47 0.11 -9.54 0.18
C LYS A 47 1.17 -10.64 0.30
N ALA A 48 1.04 -11.38 1.35
CA ALA A 48 1.99 -12.48 1.60
C ALA A 48 2.02 -13.47 0.45
N ILE A 49 1.10 -13.42 -0.50
CA ILE A 49 1.18 -14.39 -1.63
C ILE A 49 2.63 -14.84 -1.74
N GLU A 50 3.52 -13.90 -1.56
CA GLU A 50 4.98 -14.20 -1.61
C GLU A 50 5.30 -15.29 -0.58
N TYR A 51 4.86 -15.10 0.64
CA TYR A 51 5.07 -16.11 1.71
C TYR A 51 3.72 -16.56 2.31
N GLY A 52 2.76 -15.68 2.39
CA GLY A 52 1.40 -16.04 2.96
C GLY A 52 1.54 -16.81 4.28
N LEU A 53 2.75 -16.97 4.73
CA LEU A 53 3.03 -17.63 6.05
C LEU A 53 2.68 -16.64 7.14
N MET A 54 3.60 -15.73 7.39
CA MET A 54 3.39 -14.66 8.38
C MET A 54 2.81 -13.43 7.67
N ALA A 55 1.59 -13.50 7.17
CA ALA A 55 1.04 -12.33 6.45
C ALA A 55 -0.02 -11.68 7.28
N VAL A 56 0.29 -10.51 7.77
CA VAL A 56 -0.65 -9.74 8.65
C VAL A 56 -0.45 -8.22 8.47
N PRO A 57 0.77 -7.76 8.65
CA PRO A 57 1.04 -6.32 8.45
C PRO A 57 1.91 -6.12 7.21
N ALA A 58 1.25 -5.63 6.20
CA ALA A 58 1.89 -5.41 4.87
C ALA A 58 1.10 -4.45 4.00
N ILE A 59 1.59 -4.20 2.83
CA ILE A 59 0.92 -3.28 1.90
C ILE A 59 1.08 -3.81 0.49
N ALA A 60 0.20 -3.52 -0.42
CA ALA A 60 0.45 -4.06 -1.76
C ALA A 60 1.22 -2.95 -2.39
N ILE A 61 2.03 -3.23 -3.36
CA ILE A 61 2.82 -2.16 -3.89
C ILE A 61 2.14 -1.83 -5.15
N ASN A 62 1.28 -0.88 -5.03
CA ASN A 62 0.47 -0.42 -6.14
C ASN A 62 1.40 -0.05 -7.24
N GLY A 63 1.77 -1.03 -7.98
CA GLY A 63 2.72 -0.86 -9.08
C GLY A 63 3.28 -2.21 -9.45
N VAL A 64 3.64 -2.97 -8.47
CA VAL A 64 4.21 -4.30 -8.75
C VAL A 64 3.40 -5.39 -8.01
N VAL A 65 3.31 -5.37 -6.70
CA VAL A 65 2.53 -6.43 -5.98
C VAL A 65 2.23 -6.05 -4.52
N ARG A 66 2.99 -6.61 -3.57
CA ARG A 66 2.75 -6.33 -2.12
C ARG A 66 4.03 -6.57 -1.33
N PHE A 67 4.10 -6.12 -0.11
CA PHE A 67 5.35 -6.31 0.71
C PHE A 67 5.02 -6.42 2.20
N VAL A 68 5.96 -6.88 2.99
CA VAL A 68 5.73 -7.01 4.45
C VAL A 68 5.93 -5.65 5.14
N GLY A 69 4.94 -5.14 5.81
CA GLY A 69 5.11 -3.83 6.51
C GLY A 69 4.01 -3.61 7.53
N ALA A 70 4.36 -3.58 8.78
CA ALA A 70 3.33 -3.35 9.84
C ALA A 70 3.24 -1.86 10.12
N PRO A 71 4.12 -1.36 10.96
CA PRO A 71 4.11 0.09 11.21
C PRO A 71 4.93 0.77 10.11
N SER A 72 5.01 0.17 8.95
CA SER A 72 5.78 0.80 7.86
C SER A 72 4.81 1.23 6.78
N ARG A 73 4.22 2.35 6.97
CA ARG A 73 3.26 2.90 5.97
C ARG A 73 4.06 3.58 4.87
N GLU A 74 5.07 4.36 5.24
CA GLU A 74 5.92 5.05 4.22
C GLU A 74 6.15 4.09 3.06
N GLU A 75 6.20 2.83 3.36
CA GLU A 75 6.41 1.80 2.30
C GLU A 75 5.44 2.06 1.15
N LEU A 76 4.19 2.29 1.45
CA LEU A 76 3.21 2.60 0.38
C LEU A 76 3.68 3.83 -0.39
N PHE A 77 4.14 4.83 0.31
CA PHE A 77 4.62 6.07 -0.38
C PHE A 77 5.75 5.71 -1.37
N GLU A 78 6.59 4.78 -0.98
CA GLU A 78 7.71 4.36 -1.86
C GLU A 78 7.19 3.43 -2.95
N ALA A 79 6.18 2.67 -2.67
CA ALA A 79 5.65 1.72 -3.70
C ALA A 79 4.94 2.47 -4.83
N ILE A 80 4.23 3.51 -4.52
CA ILE A 80 3.53 4.29 -5.58
C ILE A 80 4.57 4.94 -6.47
N ASN A 81 5.58 5.48 -5.86
CA ASN A 81 6.69 6.08 -6.62
C ASN A 81 7.45 5.00 -7.35
N ASP A 82 7.40 3.74 -6.93
CA ASP A 82 8.20 2.70 -7.64
C ASP A 82 7.26 1.94 -8.53
N GLU A 83 6.06 2.39 -8.49
CA GLU A 83 5.05 1.82 -9.33
C GLU A 83 5.06 2.72 -10.56
N MET A 84 4.79 4.00 -10.36
CA MET A 84 4.84 4.94 -11.50
C MET A 84 6.28 5.19 -11.94
N GLU A 85 7.24 4.88 -11.11
CA GLU A 85 8.66 5.12 -11.48
C GLU A 85 9.55 4.02 -10.89
N MET A 1 -2.43 4.92 -13.91
CA MET A 1 -2.82 4.99 -12.48
C MET A 1 -2.02 6.08 -11.77
N VAL A 2 -2.68 7.05 -11.20
CA VAL A 2 -1.96 8.13 -10.49
C VAL A 2 -1.52 7.66 -9.11
N VAL A 3 -2.35 7.87 -8.13
CA VAL A 3 -2.00 7.44 -6.75
C VAL A 3 -2.48 6.01 -6.49
N ASN A 4 -1.59 5.06 -6.36
CA ASN A 4 -2.05 3.67 -6.05
C ASN A 4 -1.36 3.19 -4.77
N ILE A 5 -2.09 3.13 -3.71
CA ILE A 5 -1.55 2.65 -2.42
C ILE A 5 -2.31 1.43 -1.89
N GLU A 6 -1.67 0.44 -1.37
CA GLU A 6 -2.49 -0.65 -0.85
C GLU A 6 -1.99 -0.94 0.55
N VAL A 7 -2.88 -0.78 1.51
CA VAL A 7 -2.49 -0.95 2.93
C VAL A 7 -3.17 -2.19 3.42
N PHE A 8 -2.38 -3.21 3.59
CA PHE A 8 -2.92 -4.51 4.03
C PHE A 8 -2.34 -4.88 5.39
N THR A 9 -2.99 -4.42 6.42
CA THR A 9 -2.52 -4.75 7.80
C THR A 9 -3.70 -5.27 8.63
N SER A 10 -4.83 -4.61 8.57
CA SER A 10 -6.00 -5.09 9.35
C SER A 10 -7.20 -4.17 9.13
N PRO A 11 -8.37 -4.75 9.19
CA PRO A 11 -9.62 -3.99 9.00
C PRO A 11 -10.08 -3.38 10.33
N THR A 12 -9.72 -3.97 11.43
CA THR A 12 -10.15 -3.42 12.75
C THR A 12 -9.28 -2.21 13.13
N CYS A 13 -8.47 -1.76 12.20
CA CYS A 13 -7.62 -0.57 12.48
C CYS A 13 -7.29 0.18 11.18
N PRO A 14 -6.41 1.13 11.30
CA PRO A 14 -5.94 1.90 10.12
C PRO A 14 -4.80 1.14 9.44
N TYR A 15 -5.04 0.55 8.30
CA TYR A 15 -3.95 -0.19 7.59
C TYR A 15 -2.70 0.69 7.50
N CYS A 16 -2.65 1.57 6.53
CA CYS A 16 -1.46 2.47 6.39
C CYS A 16 -1.87 3.73 5.62
N PRO A 17 -2.97 4.30 6.04
CA PRO A 17 -3.49 5.53 5.38
C PRO A 17 -2.63 6.74 5.74
N MET A 18 -1.40 6.54 6.09
CA MET A 18 -0.51 7.69 6.46
C MET A 18 0.56 7.89 5.38
N ALA A 19 1.49 6.99 5.29
CA ALA A 19 2.56 7.14 4.26
C ALA A 19 1.91 7.29 2.89
N ILE A 20 0.68 6.86 2.76
CA ILE A 20 -0.01 6.99 1.44
C ILE A 20 -0.32 8.47 1.19
N GLU A 21 -0.73 9.17 2.20
CA GLU A 21 -1.03 10.62 2.03
C GLU A 21 0.19 11.30 1.42
N VAL A 22 1.37 10.85 1.78
CA VAL A 22 2.61 11.45 1.20
C VAL A 22 2.70 11.06 -0.27
N VAL A 23 2.44 9.82 -0.56
CA VAL A 23 2.46 9.34 -1.98
C VAL A 23 1.33 10.02 -2.76
N ASP A 24 0.23 10.26 -2.10
CA ASP A 24 -0.92 10.92 -2.78
C ASP A 24 -0.56 12.38 -3.06
N GLU A 25 0.12 12.99 -2.14
CA GLU A 25 0.53 14.40 -2.29
C GLU A 25 1.42 14.55 -3.54
N ALA A 26 2.38 13.67 -3.69
CA ALA A 26 3.28 13.75 -4.87
C ALA A 26 2.59 13.21 -6.13
N LYS A 27 1.84 12.15 -5.99
CA LYS A 27 1.18 11.58 -7.19
C LYS A 27 0.03 12.49 -7.61
N LYS A 28 -0.42 13.32 -6.72
CA LYS A 28 -1.49 14.28 -7.08
C LYS A 28 -0.86 15.32 -7.99
N GLU A 29 0.30 15.79 -7.59
CA GLU A 29 1.04 16.81 -8.38
C GLU A 29 1.06 16.38 -9.85
N PHE A 30 1.19 15.12 -10.08
CA PHE A 30 1.22 14.62 -11.48
C PHE A 30 -0.20 14.15 -11.80
N GLY A 31 -0.66 13.11 -11.12
CA GLY A 31 -2.08 12.66 -11.36
C GLY A 31 -3.08 13.48 -10.49
N ASP A 32 -3.53 14.64 -10.87
CA ASP A 32 -4.53 15.32 -9.98
C ASP A 32 -5.52 14.29 -9.36
N LYS A 33 -5.71 13.20 -10.04
CA LYS A 33 -6.59 12.09 -9.54
C LYS A 33 -5.88 11.20 -8.51
N ILE A 34 -6.60 10.59 -7.59
CA ILE A 34 -5.90 9.71 -6.63
C ILE A 34 -6.62 8.35 -6.56
N ASP A 35 -5.92 7.33 -6.19
CA ASP A 35 -6.53 5.97 -6.10
C ASP A 35 -5.78 5.17 -5.05
N VAL A 36 -6.04 5.40 -3.80
CA VAL A 36 -5.29 4.64 -2.76
C VAL A 36 -6.16 3.46 -2.34
N GLU A 37 -5.60 2.28 -2.39
CA GLU A 37 -6.40 1.08 -2.05
C GLU A 37 -5.91 0.57 -0.72
N LYS A 38 -6.82 0.07 0.06
CA LYS A 38 -6.52 -0.36 1.46
C LYS A 38 -7.22 -1.66 1.87
N ILE A 39 -6.46 -2.71 2.08
CA ILE A 39 -7.09 -4.00 2.45
C ILE A 39 -6.74 -4.42 3.89
N ASP A 40 -7.45 -5.37 4.43
CA ASP A 40 -7.14 -5.83 5.82
C ASP A 40 -6.27 -7.09 5.76
N ILE A 41 -5.60 -7.42 6.84
CA ILE A 41 -4.71 -8.61 6.83
C ILE A 41 -5.50 -9.90 6.77
N MET A 42 -6.61 -9.98 7.44
CA MET A 42 -7.41 -11.22 7.39
C MET A 42 -8.26 -11.28 6.11
N VAL A 43 -8.24 -10.25 5.32
CA VAL A 43 -9.07 -10.26 4.07
C VAL A 43 -8.16 -10.28 2.84
N ASP A 44 -7.13 -9.48 2.84
CA ASP A 44 -6.21 -9.48 1.68
C ASP A 44 -4.90 -10.16 2.07
N ARG A 45 -4.95 -11.36 2.59
CA ARG A 45 -3.67 -12.01 3.01
C ARG A 45 -2.83 -12.30 1.77
N GLU A 46 -3.35 -11.95 0.63
CA GLU A 46 -2.58 -12.14 -0.63
C GLU A 46 -1.23 -11.41 -0.51
N LYS A 47 -1.14 -10.45 0.39
CA LYS A 47 0.14 -9.69 0.53
C LYS A 47 1.31 -10.68 0.57
N ALA A 48 1.28 -11.47 1.61
CA ALA A 48 2.31 -12.52 1.80
C ALA A 48 2.35 -13.49 0.60
N ILE A 49 1.40 -13.42 -0.31
CA ILE A 49 1.47 -14.37 -1.43
C ILE A 49 2.94 -14.72 -1.62
N GLU A 50 3.75 -13.73 -1.51
CA GLU A 50 5.21 -13.91 -1.59
C GLU A 50 5.64 -15.02 -0.60
N TYR A 51 5.25 -14.91 0.64
CA TYR A 51 5.61 -15.97 1.65
C TYR A 51 4.35 -16.50 2.32
N GLY A 52 3.33 -15.68 2.45
CA GLY A 52 2.05 -16.13 3.09
C GLY A 52 2.30 -16.98 4.35
N LEU A 53 3.54 -17.06 4.72
CA LEU A 53 3.93 -17.74 5.99
C LEU A 53 3.58 -16.81 7.16
N MET A 54 4.42 -15.83 7.34
CA MET A 54 4.22 -14.83 8.40
C MET A 54 3.52 -13.61 7.79
N ALA A 55 2.31 -13.75 7.32
CA ALA A 55 1.69 -12.56 6.68
C ALA A 55 0.60 -12.01 7.57
N VAL A 56 0.79 -10.79 7.99
CA VAL A 56 -0.18 -10.11 8.91
C VAL A 56 -0.22 -8.59 8.67
N PRO A 57 0.88 -7.90 8.91
CA PRO A 57 0.88 -6.46 8.62
C PRO A 57 1.79 -6.21 7.43
N ALA A 58 1.17 -5.72 6.37
CA ALA A 58 1.88 -5.46 5.10
C ALA A 58 1.10 -4.51 4.18
N ILE A 59 1.68 -4.17 3.08
CA ILE A 59 0.99 -3.27 2.12
C ILE A 59 1.28 -3.76 0.72
N ALA A 60 0.41 -3.58 -0.22
CA ALA A 60 0.78 -4.12 -1.54
C ALA A 60 1.51 -3.01 -2.20
N ILE A 61 2.35 -3.28 -3.15
CA ILE A 61 3.11 -2.16 -3.68
C ILE A 61 2.45 -1.86 -4.97
N ASN A 62 1.53 -0.94 -4.85
CA ASN A 62 0.72 -0.48 -6.00
C ASN A 62 1.69 -0.11 -7.08
N GLY A 63 2.11 -1.09 -7.80
CA GLY A 63 3.10 -0.87 -8.89
C GLY A 63 3.72 -2.21 -9.23
N VAL A 64 4.03 -2.98 -8.23
CA VAL A 64 4.63 -4.32 -8.49
C VAL A 64 3.85 -5.43 -7.75
N VAL A 65 3.74 -5.38 -6.44
CA VAL A 65 2.98 -6.46 -5.72
C VAL A 65 2.60 -6.08 -4.29
N ARG A 66 3.33 -6.59 -3.33
CA ARG A 66 3.02 -6.30 -1.89
C ARG A 66 4.21 -6.74 -1.03
N PHE A 67 4.28 -6.28 0.19
CA PHE A 67 5.45 -6.65 1.05
C PHE A 67 5.05 -6.77 2.52
N VAL A 68 5.97 -7.18 3.35
CA VAL A 68 5.67 -7.29 4.80
C VAL A 68 5.89 -5.94 5.50
N GLY A 69 4.86 -5.32 6.02
CA GLY A 69 5.10 -4.04 6.74
C GLY A 69 3.91 -3.71 7.62
N ALA A 70 4.13 -3.41 8.86
CA ALA A 70 3.00 -3.04 9.74
C ALA A 70 2.89 -1.51 9.75
N PRO A 71 3.69 -0.87 10.55
CA PRO A 71 3.68 0.60 10.55
C PRO A 71 4.60 1.10 9.43
N SER A 72 4.80 0.28 8.42
CA SER A 72 5.69 0.70 7.28
C SER A 72 4.86 1.16 6.08
N ARG A 73 4.06 2.17 6.26
CA ARG A 73 3.25 2.72 5.14
C ARG A 73 4.17 3.39 4.10
N GLU A 74 5.28 3.92 4.54
CA GLU A 74 6.22 4.59 3.59
C GLU A 74 6.46 3.69 2.38
N GLU A 75 6.65 2.42 2.60
CA GLU A 75 6.87 1.51 1.44
C GLU A 75 5.87 1.85 0.35
N LEU A 76 4.69 2.24 0.73
CA LEU A 76 3.67 2.61 -0.29
C LEU A 76 4.16 3.85 -1.04
N PHE A 77 4.70 4.81 -0.34
CA PHE A 77 5.22 6.03 -1.01
C PHE A 77 6.25 5.63 -2.08
N GLU A 78 7.02 4.62 -1.78
CA GLU A 78 8.04 4.14 -2.75
C GLU A 78 7.39 3.25 -3.82
N ALA A 79 6.37 2.52 -3.46
CA ALA A 79 5.71 1.62 -4.44
C ALA A 79 4.92 2.43 -5.46
N ILE A 80 4.36 3.54 -5.06
CA ILE A 80 3.60 4.39 -6.03
C ILE A 80 4.58 4.96 -7.05
N ASN A 81 5.70 5.42 -6.56
CA ASN A 81 6.75 5.94 -7.47
C ASN A 81 7.28 4.80 -8.31
N ASP A 82 7.10 3.53 -7.93
CA ASP A 82 7.70 2.49 -8.79
C ASP A 82 6.55 1.88 -9.57
N GLU A 83 5.38 2.31 -9.23
CA GLU A 83 4.21 1.89 -10.05
C GLU A 83 4.18 2.92 -11.17
N MET A 84 4.16 4.19 -10.83
CA MET A 84 4.13 5.26 -11.89
C MET A 84 5.52 5.48 -12.47
N GLU A 85 6.55 5.10 -11.75
CA GLU A 85 7.93 5.29 -12.28
C GLU A 85 8.86 4.22 -11.69
N MET A 1 -1.87 4.89 -14.20
CA MET A 1 -2.18 4.82 -12.74
C MET A 1 -1.54 5.98 -11.99
N VAL A 2 -2.32 6.89 -11.50
CA VAL A 2 -1.75 8.06 -10.77
C VAL A 2 -1.42 7.67 -9.33
N VAL A 3 -2.34 7.89 -8.43
CA VAL A 3 -2.11 7.54 -7.01
C VAL A 3 -2.61 6.13 -6.71
N ASN A 4 -1.73 5.19 -6.50
CA ASN A 4 -2.19 3.82 -6.17
C ASN A 4 -1.47 3.34 -4.91
N ILE A 5 -2.17 3.28 -3.82
CA ILE A 5 -1.55 2.80 -2.57
C ILE A 5 -2.36 1.63 -2.00
N GLU A 6 -1.73 0.62 -1.51
CA GLU A 6 -2.54 -0.47 -0.93
C GLU A 6 -2.03 -0.81 0.47
N VAL A 7 -2.77 -0.44 1.47
CA VAL A 7 -2.33 -0.71 2.86
C VAL A 7 -3.01 -1.98 3.32
N PHE A 8 -2.22 -3.02 3.45
CA PHE A 8 -2.78 -4.32 3.84
C PHE A 8 -2.19 -4.79 5.17
N THR A 9 -2.81 -4.42 6.26
CA THR A 9 -2.32 -4.85 7.60
C THR A 9 -3.39 -5.64 8.31
N SER A 10 -4.46 -4.99 8.70
CA SER A 10 -5.55 -5.74 9.40
C SER A 10 -6.70 -4.79 9.78
N PRO A 11 -7.87 -5.36 9.89
CA PRO A 11 -9.07 -4.57 10.24
C PRO A 11 -9.07 -4.24 11.74
N THR A 12 -8.45 -5.07 12.54
CA THR A 12 -8.42 -4.81 14.01
C THR A 12 -7.36 -3.75 14.32
N CYS A 13 -6.47 -3.50 13.41
CA CYS A 13 -5.41 -2.47 13.65
C CYS A 13 -5.43 -1.43 12.54
N PRO A 14 -4.54 -0.49 12.65
CA PRO A 14 -4.45 0.59 11.63
C PRO A 14 -3.62 0.13 10.43
N TYR A 15 -4.25 -0.11 9.32
CA TYR A 15 -3.49 -0.56 8.12
C TYR A 15 -2.29 0.37 7.88
N CYS A 16 -2.26 1.05 6.77
CA CYS A 16 -1.12 1.98 6.48
C CYS A 16 -1.56 3.08 5.50
N PRO A 17 -2.75 3.55 5.70
CA PRO A 17 -3.30 4.62 4.82
C PRO A 17 -2.69 5.99 5.13
N MET A 18 -1.47 6.01 5.59
CA MET A 18 -0.84 7.33 5.93
C MET A 18 0.27 7.67 4.94
N ALA A 19 1.26 6.83 4.84
CA ALA A 19 2.38 7.10 3.89
C ALA A 19 1.82 7.29 2.48
N ILE A 20 0.63 6.82 2.25
CA ILE A 20 0.03 6.97 0.89
C ILE A 20 -0.43 8.41 0.69
N GLU A 21 -0.99 9.01 1.71
CA GLU A 21 -1.44 10.42 1.58
C GLU A 21 -0.28 11.26 1.07
N VAL A 22 0.92 10.92 1.45
CA VAL A 22 2.11 11.70 0.98
C VAL A 22 2.35 11.41 -0.50
N VAL A 23 2.32 10.16 -0.87
CA VAL A 23 2.50 9.79 -2.29
C VAL A 23 1.31 10.32 -3.11
N ASP A 24 0.19 10.45 -2.47
CA ASP A 24 -1.01 10.95 -3.19
C ASP A 24 -0.84 12.43 -3.43
N GLU A 25 -0.29 13.09 -2.46
CA GLU A 25 -0.05 14.54 -2.59
C GLU A 25 0.84 14.81 -3.80
N ALA A 26 1.89 14.04 -3.94
CA ALA A 26 2.81 14.23 -5.10
C ALA A 26 2.22 13.57 -6.34
N LYS A 27 1.63 12.40 -6.18
CA LYS A 27 1.07 11.71 -7.37
C LYS A 27 -0.14 12.49 -7.88
N LYS A 28 -0.73 13.30 -7.03
CA LYS A 28 -1.86 14.14 -7.48
C LYS A 28 -1.32 15.20 -8.42
N GLU A 29 -0.21 15.79 -8.04
CA GLU A 29 0.43 16.84 -8.89
C GLU A 29 0.55 16.32 -10.31
N PHE A 30 0.87 15.07 -10.46
CA PHE A 30 1.00 14.48 -11.81
C PHE A 30 -0.36 13.91 -12.24
N GLY A 31 -0.90 13.01 -11.48
CA GLY A 31 -2.23 12.42 -11.81
C GLY A 31 -3.35 13.15 -11.07
N ASP A 32 -3.76 14.31 -11.49
CA ASP A 32 -4.85 15.01 -10.76
C ASP A 32 -5.84 14.00 -10.15
N LYS A 33 -5.94 12.84 -10.75
CA LYS A 33 -6.84 11.77 -10.22
C LYS A 33 -6.11 10.95 -9.15
N ILE A 34 -6.83 10.37 -8.22
CA ILE A 34 -6.15 9.52 -7.21
C ILE A 34 -6.82 8.14 -7.09
N ASP A 35 -6.07 7.17 -6.64
CA ASP A 35 -6.64 5.80 -6.49
C ASP A 35 -5.91 5.09 -5.36
N VAL A 36 -6.21 5.43 -4.14
CA VAL A 36 -5.51 4.77 -3.01
C VAL A 36 -6.31 3.58 -2.52
N GLU A 37 -5.74 2.41 -2.59
CA GLU A 37 -6.49 1.19 -2.16
C GLU A 37 -5.99 0.77 -0.78
N LYS A 38 -6.90 0.33 0.05
CA LYS A 38 -6.54 0.00 1.47
C LYS A 38 -7.27 -1.25 1.95
N ILE A 39 -6.55 -2.27 2.36
CA ILE A 39 -7.24 -3.52 2.81
C ILE A 39 -6.55 -4.05 4.08
N ASP A 40 -7.15 -5.02 4.71
CA ASP A 40 -6.54 -5.63 5.93
C ASP A 40 -5.98 -7.02 5.62
N ILE A 41 -5.33 -7.63 6.57
CA ILE A 41 -4.81 -9.02 6.36
C ILE A 41 -5.96 -10.03 6.20
N MET A 42 -7.17 -9.61 6.47
CA MET A 42 -8.31 -10.55 6.35
C MET A 42 -8.98 -10.42 4.98
N VAL A 43 -8.72 -9.35 4.28
CA VAL A 43 -9.36 -9.16 2.95
C VAL A 43 -8.31 -9.22 1.84
N ASP A 44 -7.16 -8.64 2.07
CA ASP A 44 -6.10 -8.67 1.03
C ASP A 44 -4.94 -9.54 1.48
N ARG A 45 -5.21 -10.71 2.01
CA ARG A 45 -4.09 -11.56 2.49
C ARG A 45 -3.20 -11.94 1.31
N GLU A 46 -3.58 -11.54 0.12
CA GLU A 46 -2.73 -11.77 -1.08
C GLU A 46 -1.35 -11.13 -0.89
N LYS A 47 -1.23 -10.21 0.02
CA LYS A 47 0.10 -9.55 0.21
C LYS A 47 1.20 -10.59 0.38
N ALA A 48 1.03 -11.43 1.34
CA ALA A 48 1.95 -12.53 1.59
C ALA A 48 2.02 -13.50 0.43
N ILE A 49 1.20 -13.32 -0.57
CA ILE A 49 1.18 -14.35 -1.63
C ILE A 49 2.62 -14.81 -1.71
N GLU A 50 3.51 -13.86 -1.60
CA GLU A 50 4.97 -14.18 -1.60
C GLU A 50 5.25 -15.25 -0.55
N TYR A 51 4.81 -15.05 0.67
CA TYR A 51 5.05 -16.09 1.72
C TYR A 51 3.73 -16.54 2.35
N GLY A 52 2.77 -15.66 2.38
CA GLY A 52 1.45 -16.01 2.96
C GLY A 52 1.61 -16.84 4.26
N LEU A 53 2.79 -16.90 4.78
CA LEU A 53 3.04 -17.63 6.05
C LEU A 53 2.72 -16.66 7.19
N MET A 54 3.53 -15.66 7.29
CA MET A 54 3.39 -14.63 8.34
C MET A 54 2.77 -13.39 7.71
N ALA A 55 1.63 -13.52 7.10
CA ALA A 55 1.05 -12.34 6.40
C ALA A 55 -0.01 -11.66 7.25
N VAL A 56 0.33 -10.50 7.76
CA VAL A 56 -0.62 -9.74 8.62
C VAL A 56 -0.43 -8.23 8.41
N PRO A 57 0.76 -7.75 8.67
CA PRO A 57 1.04 -6.31 8.48
C PRO A 57 1.86 -6.09 7.20
N ALA A 58 1.19 -5.60 6.19
CA ALA A 58 1.84 -5.41 4.87
C ALA A 58 1.09 -4.42 3.99
N ILE A 59 1.58 -4.22 2.80
CA ILE A 59 0.93 -3.27 1.87
C ILE A 59 1.13 -3.72 0.44
N ALA A 60 0.16 -3.59 -0.41
CA ALA A 60 0.39 -4.03 -1.79
C ALA A 60 1.12 -2.93 -2.49
N ILE A 61 2.10 -3.26 -3.28
CA ILE A 61 2.87 -2.16 -3.84
C ILE A 61 2.20 -1.80 -5.14
N ASN A 62 1.21 -0.95 -4.96
CA ASN A 62 0.43 -0.41 -6.10
C ASN A 62 1.40 -0.03 -7.20
N GLY A 63 1.78 -1.01 -7.98
CA GLY A 63 2.75 -0.81 -9.07
C GLY A 63 3.29 -2.18 -9.46
N VAL A 64 3.68 -2.94 -8.46
CA VAL A 64 4.21 -4.31 -8.73
C VAL A 64 3.40 -5.39 -7.99
N VAL A 65 3.33 -5.36 -6.68
CA VAL A 65 2.55 -6.41 -5.96
C VAL A 65 2.25 -6.02 -4.50
N ARG A 66 2.96 -6.62 -3.57
CA ARG A 66 2.74 -6.31 -2.12
C ARG A 66 4.02 -6.59 -1.33
N PHE A 67 4.10 -6.11 -0.12
CA PHE A 67 5.33 -6.34 0.70
C PHE A 67 4.98 -6.51 2.19
N VAL A 68 5.96 -6.85 2.99
CA VAL A 68 5.72 -7.01 4.46
C VAL A 68 5.92 -5.66 5.15
N GLY A 69 4.92 -5.14 5.80
CA GLY A 69 5.11 -3.84 6.50
C GLY A 69 4.02 -3.61 7.54
N ALA A 70 4.37 -3.58 8.78
CA ALA A 70 3.33 -3.35 9.81
C ALA A 70 3.26 -1.84 10.09
N PRO A 71 4.12 -1.35 10.94
CA PRO A 71 4.10 0.10 11.21
C PRO A 71 4.88 0.79 10.09
N SER A 72 5.05 0.13 8.97
CA SER A 72 5.80 0.81 7.87
C SER A 72 4.82 1.24 6.79
N ARG A 73 4.20 2.37 6.99
CA ARG A 73 3.26 2.91 5.97
C ARG A 73 4.06 3.63 4.88
N GLU A 74 5.07 4.36 5.26
CA GLU A 74 5.89 5.05 4.22
C GLU A 74 6.14 4.09 3.07
N GLU A 75 6.18 2.82 3.38
CA GLU A 75 6.40 1.81 2.32
C GLU A 75 5.45 2.07 1.17
N LEU A 76 4.20 2.31 1.46
CA LEU A 76 3.22 2.60 0.39
C LEU A 76 3.67 3.83 -0.38
N PHE A 77 4.14 4.84 0.32
CA PHE A 77 4.61 6.06 -0.38
C PHE A 77 5.75 5.73 -1.35
N GLU A 78 6.57 4.79 -0.98
CA GLU A 78 7.70 4.38 -1.86
C GLU A 78 7.21 3.42 -2.95
N ALA A 79 6.15 2.70 -2.69
CA ALA A 79 5.64 1.73 -3.70
C ALA A 79 4.92 2.47 -4.81
N ILE A 80 4.22 3.51 -4.50
CA ILE A 80 3.51 4.29 -5.55
C ILE A 80 4.55 4.95 -6.46
N ASN A 81 5.62 5.44 -5.89
CA ASN A 81 6.69 6.08 -6.69
C ASN A 81 7.43 4.98 -7.40
N ASP A 82 7.47 3.79 -6.86
CA ASP A 82 8.25 2.81 -7.64
C ASP A 82 7.34 2.03 -8.51
N GLU A 83 6.04 2.21 -8.30
CA GLU A 83 5.03 1.80 -9.33
C GLU A 83 5.08 2.72 -10.55
N MET A 84 4.81 3.98 -10.35
CA MET A 84 4.83 4.93 -11.49
C MET A 84 6.27 5.19 -11.94
N GLU A 85 7.24 4.92 -11.08
CA GLU A 85 8.65 5.13 -11.48
C GLU A 85 9.53 4.03 -10.88
N MET A 1 -1.87 4.89 -14.20
CA MET A 1 -2.18 4.82 -12.74
C MET A 1 -1.54 5.98 -11.99
N VAL A 2 -2.33 6.90 -11.50
CA VAL A 2 -1.75 8.07 -10.76
C VAL A 2 -1.43 7.66 -9.32
N VAL A 3 -2.34 7.91 -8.43
CA VAL A 3 -2.12 7.54 -7.00
C VAL A 3 -2.62 6.12 -6.74
N ASN A 4 -1.72 5.19 -6.47
CA ASN A 4 -2.23 3.83 -6.15
C ASN A 4 -1.46 3.31 -4.93
N ILE A 5 -2.14 3.29 -3.83
CA ILE A 5 -1.60 2.82 -2.54
C ILE A 5 -2.34 1.62 -2.01
N GLU A 6 -1.69 0.59 -1.49
CA GLU A 6 -2.62 -0.45 -0.90
C GLU A 6 -1.94 -0.73 0.45
N VAL A 7 -2.86 -0.52 1.48
CA VAL A 7 -2.28 -0.70 2.84
C VAL A 7 -3.03 -1.96 3.34
N PHE A 8 -2.19 -3.04 3.42
CA PHE A 8 -2.81 -4.33 3.85
C PHE A 8 -2.17 -4.76 5.17
N THR A 9 -2.83 -4.45 6.25
CA THR A 9 -2.31 -4.84 7.59
C THR A 9 -3.39 -5.64 8.32
N SER A 10 -4.46 -4.99 8.70
CA SER A 10 -5.55 -5.74 9.40
C SER A 10 -6.70 -4.79 9.78
N PRO A 11 -7.87 -5.36 9.89
CA PRO A 11 -9.07 -4.57 10.24
C PRO A 11 -9.07 -4.24 11.74
N THR A 12 -8.45 -5.07 12.54
CA THR A 12 -8.42 -4.81 14.01
C THR A 12 -7.36 -3.75 14.32
N CYS A 13 -6.47 -3.50 13.41
CA CYS A 13 -5.41 -2.47 13.65
C CYS A 13 -5.43 -1.43 12.54
N PRO A 14 -4.54 -0.49 12.65
CA PRO A 14 -4.45 0.59 11.63
C PRO A 14 -3.62 0.13 10.44
N TYR A 15 -4.25 -0.11 9.32
CA TYR A 15 -3.49 -0.56 8.12
C TYR A 15 -2.29 0.37 7.88
N CYS A 16 -2.26 1.05 6.77
CA CYS A 16 -1.12 1.98 6.48
C CYS A 16 -1.55 3.07 5.50
N PRO A 17 -2.75 3.56 5.70
CA PRO A 17 -3.30 4.62 4.82
C PRO A 17 -2.69 5.99 5.13
N MET A 18 -1.47 6.01 5.59
CA MET A 18 -0.84 7.33 5.93
C MET A 18 0.27 7.67 4.94
N ALA A 19 1.26 6.83 4.84
CA ALA A 19 2.37 7.11 3.89
C ALA A 19 1.83 7.30 2.48
N ILE A 20 0.63 6.82 2.25
CA ILE A 20 0.03 6.97 0.89
C ILE A 20 -0.43 8.41 0.69
N GLU A 21 -0.99 9.01 1.71
CA GLU A 21 -1.44 10.42 1.58
C GLU A 21 -0.28 11.26 1.06
N VAL A 22 0.92 10.92 1.46
CA VAL A 22 2.10 11.70 0.98
C VAL A 22 2.33 11.40 -0.50
N VAL A 23 2.35 10.17 -0.87
CA VAL A 23 2.48 9.75 -2.30
C VAL A 23 1.33 10.35 -3.10
N ASP A 24 0.18 10.43 -2.48
CA ASP A 24 -1.02 10.95 -3.18
C ASP A 24 -0.83 12.43 -3.44
N GLU A 25 -0.29 13.10 -2.46
CA GLU A 25 -0.05 14.55 -2.58
C GLU A 25 0.84 14.81 -3.81
N ALA A 26 1.90 14.05 -3.93
CA ALA A 26 2.81 14.22 -5.10
C ALA A 26 2.22 13.56 -6.35
N LYS A 27 1.62 12.40 -6.18
CA LYS A 27 1.09 11.72 -7.38
C LYS A 27 -0.15 12.48 -7.86
N LYS A 28 -0.71 13.30 -7.04
CA LYS A 28 -1.86 14.14 -7.48
C LYS A 28 -1.32 15.21 -8.43
N GLU A 29 -0.21 15.79 -8.05
CA GLU A 29 0.40 16.84 -8.89
C GLU A 29 0.58 16.32 -10.31
N PHE A 30 0.82 15.06 -10.47
CA PHE A 30 1.02 14.47 -11.82
C PHE A 30 -0.39 13.97 -12.19
N GLY A 31 -0.86 12.97 -11.56
CA GLY A 31 -2.22 12.40 -11.73
C GLY A 31 -3.38 13.17 -11.12
N ASP A 32 -3.76 14.31 -11.48
CA ASP A 32 -4.84 15.01 -10.73
C ASP A 32 -5.82 13.98 -10.15
N LYS A 33 -5.99 12.87 -10.75
CA LYS A 33 -6.80 11.73 -10.25
C LYS A 33 -6.13 10.95 -9.13
N ILE A 34 -6.84 10.36 -8.22
CA ILE A 34 -6.14 9.52 -7.22
C ILE A 34 -6.82 8.14 -7.09
N ASP A 35 -6.08 7.17 -6.63
CA ASP A 35 -6.64 5.80 -6.49
C ASP A 35 -5.89 5.10 -5.36
N VAL A 36 -6.25 5.41 -4.12
CA VAL A 36 -5.47 4.75 -3.03
C VAL A 36 -6.35 3.59 -2.56
N GLU A 37 -5.68 2.38 -2.55
CA GLU A 37 -6.54 1.23 -2.16
C GLU A 37 -5.98 0.78 -0.78
N LYS A 38 -6.86 0.32 0.04
CA LYS A 38 -6.61 0.03 1.46
C LYS A 38 -7.24 -1.25 2.01
N ILE A 39 -6.57 -2.29 2.30
CA ILE A 39 -7.23 -3.52 2.81
C ILE A 39 -6.53 -4.08 4.05
N ASP A 40 -7.17 -5.00 4.75
CA ASP A 40 -6.56 -5.66 5.93
C ASP A 40 -5.96 -7.02 5.62
N ILE A 41 -5.34 -7.64 6.56
CA ILE A 41 -4.82 -9.02 6.40
C ILE A 41 -5.96 -10.02 6.19
N MET A 42 -7.19 -9.59 6.48
CA MET A 42 -8.28 -10.60 6.33
C MET A 42 -9.03 -10.39 5.00
N VAL A 43 -8.71 -9.36 4.27
CA VAL A 43 -9.37 -9.15 2.95
C VAL A 43 -8.31 -9.23 1.85
N ASP A 44 -7.16 -8.64 2.07
CA ASP A 44 -6.10 -8.67 1.03
C ASP A 44 -4.93 -9.54 1.49
N ARG A 45 -5.22 -10.72 2.01
CA ARG A 45 -4.07 -11.53 2.50
C ARG A 45 -3.20 -11.94 1.31
N GLU A 46 -3.57 -11.54 0.13
CA GLU A 46 -2.75 -11.72 -1.09
C GLU A 46 -1.35 -11.15 -0.87
N LYS A 47 -1.24 -10.19 0.01
CA LYS A 47 0.09 -9.54 0.20
C LYS A 47 1.16 -10.61 0.36
N ALA A 48 1.05 -11.41 1.34
CA ALA A 48 1.92 -12.56 1.62
C ALA A 48 2.03 -13.50 0.43
N ILE A 49 1.16 -13.34 -0.56
CA ILE A 49 1.18 -14.36 -1.62
C ILE A 49 2.63 -14.81 -1.72
N GLU A 50 3.51 -13.86 -1.60
CA GLU A 50 4.97 -14.18 -1.60
C GLU A 50 5.25 -15.25 -0.55
N TYR A 51 4.81 -15.05 0.67
CA TYR A 51 5.05 -16.09 1.72
C TYR A 51 3.73 -16.55 2.34
N GLY A 52 2.78 -15.67 2.37
CA GLY A 52 1.46 -16.01 2.96
C GLY A 52 1.63 -16.84 4.23
N LEU A 53 2.75 -16.87 4.81
CA LEU A 53 3.07 -17.64 6.07
C LEU A 53 2.70 -16.64 7.17
N MET A 54 3.57 -15.68 7.32
CA MET A 54 3.39 -14.63 8.35
C MET A 54 2.80 -13.40 7.67
N ALA A 55 1.59 -13.51 7.14
CA ALA A 55 1.11 -12.30 6.39
C ALA A 55 -0.03 -11.70 7.25
N VAL A 56 0.34 -10.49 7.76
CA VAL A 56 -0.61 -9.73 8.62
C VAL A 56 -0.44 -8.23 8.46
N PRO A 57 0.82 -7.77 8.61
CA PRO A 57 0.95 -6.30 8.47
C PRO A 57 1.89 -6.13 7.23
N ALA A 58 1.17 -5.59 6.19
CA ALA A 58 1.83 -5.43 4.85
C ALA A 58 1.08 -4.42 3.99
N ILE A 59 1.60 -4.20 2.81
CA ILE A 59 0.93 -3.27 1.87
C ILE A 59 1.12 -3.80 0.45
N ALA A 60 0.14 -3.49 -0.44
CA ALA A 60 0.44 -4.10 -1.78
C ALA A 60 1.11 -2.88 -2.44
N ILE A 61 2.11 -3.30 -3.35
CA ILE A 61 2.89 -2.09 -3.79
C ILE A 61 2.19 -1.85 -5.14
N ASN A 62 1.23 -0.89 -4.95
CA ASN A 62 0.43 -0.41 -6.10
C ASN A 62 1.40 -0.04 -7.20
N GLY A 63 1.78 -1.01 -7.98
CA GLY A 63 2.76 -0.80 -9.08
C GLY A 63 3.29 -2.18 -9.46
N VAL A 64 3.68 -2.95 -8.46
CA VAL A 64 4.21 -4.30 -8.74
C VAL A 64 3.40 -5.39 -7.99
N VAL A 65 3.33 -5.36 -6.68
CA VAL A 65 2.55 -6.42 -5.95
C VAL A 65 2.25 -6.02 -4.50
N ARG A 66 2.96 -6.62 -3.57
CA ARG A 66 2.74 -6.31 -2.12
C ARG A 66 4.02 -6.58 -1.33
N PHE A 67 4.09 -6.12 -0.11
CA PHE A 67 5.33 -6.34 0.70
C PHE A 67 4.99 -6.48 2.19
N VAL A 68 5.94 -6.88 2.98
CA VAL A 68 5.75 -7.00 4.46
C VAL A 68 5.91 -5.65 5.16
N GLY A 69 4.94 -5.14 5.81
CA GLY A 69 5.11 -3.84 6.50
C GLY A 69 4.02 -3.62 7.54
N ALA A 70 4.37 -3.58 8.78
CA ALA A 70 3.33 -3.35 9.81
C ALA A 70 3.24 -1.84 10.09
N PRO A 71 4.13 -1.35 10.94
CA PRO A 71 4.09 0.10 11.20
C PRO A 71 4.93 0.78 10.13
N SER A 72 4.98 0.10 8.91
CA SER A 72 5.83 0.91 7.93
C SER A 72 4.79 1.16 6.77
N ARG A 73 4.21 2.38 6.98
CA ARG A 73 3.27 2.94 5.98
C ARG A 73 4.06 3.61 4.88
N GLU A 74 5.06 4.36 5.25
CA GLU A 74 5.91 5.05 4.22
C GLU A 74 6.13 4.08 3.07
N GLU A 75 6.18 2.82 3.38
CA GLU A 75 6.41 1.82 2.32
C GLU A 75 5.44 2.07 1.17
N LEU A 76 4.20 2.31 1.46
CA LEU A 76 3.22 2.60 0.39
C LEU A 76 3.68 3.83 -0.39
N PHE A 77 4.14 4.84 0.32
CA PHE A 77 4.61 6.06 -0.38
C PHE A 77 5.74 5.73 -1.34
N GLU A 78 6.58 4.82 -0.99
CA GLU A 78 7.71 4.34 -1.84
C GLU A 78 7.19 3.46 -2.97
N ALA A 79 6.16 2.69 -2.68
CA ALA A 79 5.65 1.73 -3.69
C ALA A 79 4.92 2.47 -4.81
N ILE A 80 4.21 3.51 -4.49
CA ILE A 80 3.51 4.30 -5.55
C ILE A 80 4.56 4.94 -6.47
N ASN A 81 5.60 5.45 -5.90
CA ASN A 81 6.70 6.08 -6.69
C ASN A 81 7.48 5.00 -7.43
N ASP A 82 7.43 3.73 -6.84
CA ASP A 82 8.34 2.89 -7.70
C ASP A 82 7.30 1.97 -8.45
N GLU A 83 6.04 2.35 -8.40
CA GLU A 83 5.04 1.79 -9.33
C GLU A 83 5.08 2.73 -10.54
N MET A 84 4.80 3.98 -10.33
CA MET A 84 4.84 4.92 -11.50
C MET A 84 6.28 5.21 -11.93
N GLU A 85 7.23 4.90 -11.10
CA GLU A 85 8.65 5.13 -11.48
C GLU A 85 9.53 4.03 -10.88
N MET A 1 -2.19 5.49 -14.33
CA MET A 1 -1.97 5.08 -12.91
C MET A 1 -1.29 6.20 -12.14
N VAL A 2 -2.05 7.02 -11.47
CA VAL A 2 -1.45 8.14 -10.69
C VAL A 2 -1.13 7.70 -9.27
N VAL A 3 -2.07 7.88 -8.37
CA VAL A 3 -1.84 7.49 -6.96
C VAL A 3 -2.32 6.06 -6.72
N ASN A 4 -1.42 5.15 -6.46
CA ASN A 4 -1.87 3.75 -6.16
C ASN A 4 -1.25 3.32 -4.84
N ILE A 5 -2.08 3.11 -3.86
CA ILE A 5 -1.60 2.68 -2.52
C ILE A 5 -2.44 1.53 -1.98
N GLU A 6 -1.87 0.49 -1.46
CA GLU A 6 -2.75 -0.53 -0.89
C GLU A 6 -2.32 -0.85 0.54
N VAL A 7 -3.12 -0.45 1.49
CA VAL A 7 -2.77 -0.66 2.92
C VAL A 7 -3.50 -1.89 3.42
N PHE A 8 -2.76 -2.99 3.47
CA PHE A 8 -3.35 -4.27 3.90
C PHE A 8 -2.68 -4.74 5.19
N THR A 9 -3.25 -4.44 6.31
CA THR A 9 -2.65 -4.89 7.60
C THR A 9 -3.65 -5.76 8.35
N SER A 10 -4.61 -5.16 9.01
CA SER A 10 -5.60 -5.98 9.75
C SER A 10 -6.62 -5.09 10.46
N PRO A 11 -7.77 -5.65 10.71
CA PRO A 11 -8.86 -4.91 11.38
C PRO A 11 -8.56 -4.74 12.87
N THR A 12 -7.59 -5.45 13.36
CA THR A 12 -7.26 -5.32 14.82
C THR A 12 -6.41 -4.06 15.04
N CYS A 13 -6.15 -3.33 13.99
CA CYS A 13 -5.35 -2.09 14.11
C CYS A 13 -5.64 -1.15 12.93
N PRO A 14 -4.83 -0.12 12.84
CA PRO A 14 -4.92 0.81 11.70
C PRO A 14 -4.12 0.28 10.50
N TYR A 15 -4.77 0.02 9.41
CA TYR A 15 -4.04 -0.48 8.20
C TYR A 15 -2.83 0.41 7.92
N CYS A 16 -2.83 1.12 6.83
CA CYS A 16 -1.69 2.03 6.51
C CYS A 16 -2.15 3.15 5.58
N PRO A 17 -3.33 3.65 5.84
CA PRO A 17 -3.90 4.75 5.00
C PRO A 17 -3.24 6.09 5.33
N MET A 18 -2.02 6.08 5.78
CA MET A 18 -1.35 7.37 6.12
C MET A 18 -0.23 7.68 5.13
N ALA A 19 0.78 6.85 5.08
CA ALA A 19 1.89 7.11 4.13
C ALA A 19 1.34 7.28 2.73
N ILE A 20 0.16 6.76 2.50
CA ILE A 20 -0.46 6.91 1.15
C ILE A 20 -0.78 8.38 0.92
N GLU A 21 -1.30 9.03 1.91
CA GLU A 21 -1.63 10.48 1.77
C GLU A 21 -0.38 11.21 1.29
N VAL A 22 0.78 10.77 1.72
CA VAL A 22 2.05 11.41 1.28
C VAL A 22 2.30 11.06 -0.19
N VAL A 23 2.06 9.84 -0.53
CA VAL A 23 2.22 9.39 -1.94
C VAL A 23 1.17 10.07 -2.81
N ASP A 24 0.03 10.34 -2.24
CA ASP A 24 -1.07 10.96 -3.00
C ASP A 24 -0.72 12.42 -3.22
N GLU A 25 -0.12 13.01 -2.24
CA GLU A 25 0.28 14.44 -2.33
C GLU A 25 1.24 14.62 -3.52
N ALA A 26 2.19 13.75 -3.64
CA ALA A 26 3.16 13.85 -4.77
C ALA A 26 2.54 13.30 -6.04
N LYS A 27 1.83 12.20 -5.95
CA LYS A 27 1.23 11.62 -7.18
C LYS A 27 0.10 12.50 -7.66
N LYS A 28 -0.43 13.33 -6.80
CA LYS A 28 -1.48 14.29 -7.25
C LYS A 28 -0.82 15.31 -8.15
N GLU A 29 0.29 15.83 -7.70
CA GLU A 29 1.05 16.83 -8.50
C GLU A 29 1.15 16.35 -9.94
N PHE A 30 1.39 15.10 -10.11
CA PHE A 30 1.51 14.53 -11.47
C PHE A 30 0.13 14.05 -11.93
N GLY A 31 -0.43 13.11 -11.23
CA GLY A 31 -1.78 12.58 -11.59
C GLY A 31 -2.90 13.31 -10.83
N ASP A 32 -3.29 14.48 -11.21
CA ASP A 32 -4.38 15.15 -10.42
C ASP A 32 -5.41 14.13 -9.90
N LYS A 33 -5.50 13.00 -10.56
CA LYS A 33 -6.40 11.91 -10.12
C LYS A 33 -5.73 11.03 -9.04
N ILE A 34 -6.49 10.38 -8.21
CA ILE A 34 -5.85 9.49 -7.20
C ILE A 34 -6.45 8.08 -7.23
N ASP A 35 -5.72 7.11 -6.76
CA ASP A 35 -6.22 5.72 -6.73
C ASP A 35 -5.58 4.98 -5.56
N VAL A 36 -5.86 5.40 -4.36
CA VAL A 36 -5.21 4.73 -3.21
C VAL A 36 -6.12 3.63 -2.69
N GLU A 37 -5.66 2.41 -2.75
CA GLU A 37 -6.51 1.28 -2.30
C GLU A 37 -6.09 0.86 -0.90
N LYS A 38 -7.02 0.41 -0.13
CA LYS A 38 -6.78 0.09 1.31
C LYS A 38 -7.49 -1.18 1.75
N ILE A 39 -6.78 -2.19 2.18
CA ILE A 39 -7.48 -3.44 2.60
C ILE A 39 -7.00 -3.90 3.99
N ASP A 40 -7.55 -4.98 4.47
CA ASP A 40 -7.09 -5.55 5.76
C ASP A 40 -6.33 -6.88 5.55
N ILE A 41 -5.87 -7.46 6.62
CA ILE A 41 -5.26 -8.81 6.53
C ILE A 41 -6.26 -9.86 6.02
N MET A 42 -7.39 -9.99 6.65
CA MET A 42 -8.37 -11.01 6.20
C MET A 42 -9.01 -10.60 4.87
N VAL A 43 -8.64 -9.48 4.33
CA VAL A 43 -9.21 -9.04 3.03
C VAL A 43 -8.14 -9.09 1.95
N ASP A 44 -6.97 -8.58 2.24
CA ASP A 44 -5.89 -8.60 1.21
C ASP A 44 -4.76 -9.50 1.67
N ARG A 45 -5.06 -10.67 2.16
CA ARG A 45 -3.95 -11.55 2.64
C ARG A 45 -3.09 -12.03 1.46
N GLU A 46 -3.50 -11.70 0.26
CA GLU A 46 -2.69 -11.97 -0.94
C GLU A 46 -1.32 -11.32 -0.82
N LYS A 47 -1.18 -10.37 0.04
CA LYS A 47 0.12 -9.66 0.17
C LYS A 47 1.25 -10.69 0.31
N ALA A 48 1.15 -11.44 1.35
CA ALA A 48 2.10 -12.51 1.63
C ALA A 48 2.15 -13.52 0.51
N ILE A 49 1.32 -13.39 -0.48
CA ILE A 49 1.29 -14.47 -1.50
C ILE A 49 2.72 -14.91 -1.61
N GLU A 50 3.60 -13.94 -1.62
CA GLU A 50 5.05 -14.21 -1.66
C GLU A 50 5.39 -15.25 -0.57
N TYR A 51 5.01 -15.00 0.65
CA TYR A 51 5.29 -15.99 1.74
C TYR A 51 3.99 -16.49 2.36
N GLY A 52 3.03 -15.62 2.49
CA GLY A 52 1.72 -16.00 3.08
C GLY A 52 1.89 -16.93 4.29
N LEU A 53 3.09 -17.02 4.80
CA LEU A 53 3.36 -17.83 5.99
C LEU A 53 3.00 -17.02 7.25
N MET A 54 3.73 -15.94 7.42
CA MET A 54 3.55 -15.03 8.55
C MET A 54 2.94 -13.72 8.07
N ALA A 55 1.84 -13.73 7.39
CA ALA A 55 1.37 -12.43 6.82
C ALA A 55 0.23 -11.87 7.63
N VAL A 56 0.41 -10.65 8.08
CA VAL A 56 -0.62 -9.99 8.93
C VAL A 56 -0.62 -8.48 8.69
N PRO A 57 0.48 -7.82 8.95
CA PRO A 57 0.53 -6.37 8.69
C PRO A 57 1.41 -6.08 7.48
N ALA A 58 0.78 -5.60 6.43
CA ALA A 58 1.50 -5.38 5.15
C ALA A 58 0.76 -4.43 4.23
N ILE A 59 1.34 -4.14 3.10
CA ILE A 59 0.70 -3.23 2.13
C ILE A 59 1.06 -3.64 0.72
N ALA A 60 0.15 -3.51 -0.22
CA ALA A 60 0.56 -3.95 -1.57
C ALA A 60 1.32 -2.86 -2.23
N ILE A 61 2.33 -3.20 -2.99
CA ILE A 61 3.12 -2.10 -3.51
C ILE A 61 2.55 -1.72 -4.82
N ASN A 62 1.59 -0.82 -4.71
CA ASN A 62 0.90 -0.23 -5.87
C ASN A 62 1.90 0.08 -6.95
N GLY A 63 2.28 -0.92 -7.69
CA GLY A 63 3.29 -0.75 -8.76
C GLY A 63 3.84 -2.13 -9.10
N VAL A 64 4.20 -2.88 -8.09
CA VAL A 64 4.74 -4.26 -8.33
C VAL A 64 3.87 -5.32 -7.65
N VAL A 65 3.70 -5.28 -6.35
CA VAL A 65 2.86 -6.34 -5.69
C VAL A 65 2.46 -5.96 -4.26
N ARG A 66 3.10 -6.54 -3.27
CA ARG A 66 2.76 -6.26 -1.85
C ARG A 66 3.90 -6.77 -0.95
N PHE A 67 3.95 -6.33 0.28
CA PHE A 67 5.09 -6.76 1.18
C PHE A 67 4.63 -6.94 2.63
N VAL A 68 5.55 -7.24 3.50
CA VAL A 68 5.22 -7.37 4.95
C VAL A 68 5.49 -6.05 5.65
N GLY A 69 4.50 -5.39 6.17
CA GLY A 69 4.77 -4.12 6.89
C GLY A 69 3.57 -3.72 7.75
N ALA A 70 3.77 -3.50 9.02
CA ALA A 70 2.64 -3.09 9.88
C ALA A 70 2.61 -1.57 9.93
N PRO A 71 3.46 -0.98 10.75
CA PRO A 71 3.53 0.49 10.82
C PRO A 71 4.39 1.01 9.67
N SER A 72 4.55 0.23 8.63
CA SER A 72 5.38 0.68 7.47
C SER A 72 4.51 1.22 6.34
N ARG A 73 3.81 2.29 6.57
CA ARG A 73 2.96 2.89 5.49
C ARG A 73 3.85 3.57 4.46
N GLU A 74 4.92 4.18 4.90
CA GLU A 74 5.84 4.87 3.95
C GLU A 74 6.15 3.93 2.79
N GLU A 75 6.30 2.67 3.07
CA GLU A 75 6.60 1.70 1.98
C GLU A 75 5.64 1.96 0.81
N LEU A 76 4.42 2.31 1.12
CA LEU A 76 3.44 2.62 0.05
C LEU A 76 3.96 3.83 -0.74
N PHE A 77 4.43 4.84 -0.05
CA PHE A 77 4.96 6.04 -0.75
C PHE A 77 6.08 5.61 -1.71
N GLU A 78 6.84 4.62 -1.33
CA GLU A 78 7.93 4.14 -2.20
C GLU A 78 7.36 3.27 -3.33
N ALA A 79 6.29 2.58 -3.05
CA ALA A 79 5.68 1.70 -4.09
C ALA A 79 5.08 2.55 -5.19
N ILE A 80 4.30 3.54 -4.85
CA ILE A 80 3.72 4.42 -5.89
C ILE A 80 4.85 4.93 -6.79
N ASN A 81 6.01 5.17 -6.21
CA ASN A 81 7.17 5.64 -7.00
C ASN A 81 7.62 4.51 -7.92
N ASP A 82 7.38 3.26 -7.51
CA ASP A 82 7.90 2.23 -8.44
C ASP A 82 6.75 1.84 -9.36
N GLU A 83 5.54 2.07 -8.99
CA GLU A 83 4.41 1.92 -9.95
C GLU A 83 4.50 3.01 -11.00
N MET A 84 4.73 4.22 -10.56
CA MET A 84 4.86 5.34 -11.55
C MET A 84 6.27 5.33 -12.18
N GLU A 85 7.23 4.76 -11.51
CA GLU A 85 8.60 4.72 -12.07
C GLU A 85 9.45 3.65 -11.36
N MET A 1 -2.24 4.92 -14.58
CA MET A 1 -2.33 4.76 -13.10
C MET A 1 -1.73 5.98 -12.39
N VAL A 2 -2.54 6.73 -11.71
CA VAL A 2 -2.02 7.94 -11.00
C VAL A 2 -1.57 7.57 -9.58
N VAL A 3 -2.43 7.77 -8.62
CA VAL A 3 -2.08 7.44 -7.22
C VAL A 3 -2.51 6.01 -6.89
N ASN A 4 -1.60 5.16 -6.53
CA ASN A 4 -2.02 3.76 -6.19
C ASN A 4 -1.28 3.32 -4.93
N ILE A 5 -2.03 3.16 -3.86
CA ILE A 5 -1.44 2.73 -2.56
C ILE A 5 -2.17 1.50 -2.04
N GLU A 6 -1.49 0.49 -1.59
CA GLU A 6 -2.25 -0.66 -1.07
C GLU A 6 -1.80 -0.97 0.36
N VAL A 7 -2.58 -0.55 1.32
CA VAL A 7 -2.19 -0.81 2.73
C VAL A 7 -2.95 -2.05 3.19
N PHE A 8 -2.20 -3.12 3.40
CA PHE A 8 -2.86 -4.39 3.82
C PHE A 8 -2.32 -4.80 5.19
N THR A 9 -2.98 -4.37 6.24
CA THR A 9 -2.51 -4.73 7.62
C THR A 9 -3.62 -5.46 8.37
N SER A 10 -4.65 -4.76 8.77
CA SER A 10 -5.75 -5.43 9.52
C SER A 10 -6.94 -4.49 9.70
N PRO A 11 -8.11 -5.08 9.74
CA PRO A 11 -9.37 -4.31 9.88
C PRO A 11 -9.52 -3.83 11.33
N THR A 12 -8.99 -4.55 12.27
CA THR A 12 -9.10 -4.14 13.70
C THR A 12 -8.08 -3.05 14.00
N CYS A 13 -7.11 -2.88 13.14
CA CYS A 13 -6.07 -1.83 13.38
C CYS A 13 -6.00 -0.90 12.16
N PRO A 14 -5.11 0.06 12.25
CA PRO A 14 -4.94 1.03 11.16
C PRO A 14 -4.00 0.46 10.08
N TYR A 15 -4.53 0.16 8.92
CA TYR A 15 -3.67 -0.39 7.84
C TYR A 15 -2.42 0.48 7.68
N CYS A 16 -2.31 1.18 6.58
CA CYS A 16 -1.12 2.07 6.37
C CYS A 16 -1.46 3.21 5.40
N PRO A 17 -2.66 3.73 5.55
CA PRO A 17 -3.12 4.84 4.68
C PRO A 17 -2.47 6.17 5.09
N MET A 18 -1.35 6.13 5.74
CA MET A 18 -0.70 7.41 6.17
C MET A 18 0.49 7.74 5.26
N ALA A 19 1.52 6.95 5.30
CA ALA A 19 2.69 7.24 4.44
C ALA A 19 2.27 7.34 2.98
N ILE A 20 1.14 6.77 2.66
CA ILE A 20 0.65 6.84 1.25
C ILE A 20 0.15 8.25 0.96
N GLU A 21 -0.51 8.87 1.90
CA GLU A 21 -0.99 10.25 1.68
C GLU A 21 0.17 11.09 1.15
N VAL A 22 1.36 10.76 1.56
CA VAL A 22 2.54 11.52 1.06
C VAL A 22 2.76 11.20 -0.42
N VAL A 23 2.69 9.95 -0.78
CA VAL A 23 2.86 9.55 -2.20
C VAL A 23 1.66 10.03 -3.00
N ASP A 24 0.53 10.15 -2.36
CA ASP A 24 -0.68 10.61 -3.07
C ASP A 24 -0.58 12.11 -3.28
N GLU A 25 -0.03 12.77 -2.30
CA GLU A 25 0.15 14.24 -2.39
C GLU A 25 0.98 14.58 -3.62
N ALA A 26 2.04 13.85 -3.83
CA ALA A 26 2.91 14.11 -5.01
C ALA A 26 2.30 13.51 -6.27
N LYS A 27 1.75 12.33 -6.15
CA LYS A 27 1.14 11.70 -7.36
C LYS A 27 -0.09 12.51 -7.77
N LYS A 28 -0.66 13.23 -6.85
CA LYS A 28 -1.82 14.08 -7.21
C LYS A 28 -1.32 15.21 -8.10
N GLU A 29 -0.22 15.80 -7.70
CA GLU A 29 0.38 16.90 -8.49
C GLU A 29 0.49 16.45 -9.95
N PHE A 30 0.86 15.23 -10.15
CA PHE A 30 0.99 14.70 -11.53
C PHE A 30 -0.36 14.11 -11.96
N GLY A 31 -0.87 13.18 -11.21
CA GLY A 31 -2.18 12.56 -11.53
C GLY A 31 -3.32 13.22 -10.75
N ASP A 32 -3.78 14.35 -11.15
CA ASP A 32 -4.88 15.00 -10.38
C ASP A 32 -5.86 13.94 -9.85
N LYS A 33 -5.88 12.79 -10.44
CA LYS A 33 -6.77 11.69 -9.98
C LYS A 33 -6.10 10.88 -8.86
N ILE A 34 -6.87 10.24 -8.02
CA ILE A 34 -6.23 9.42 -6.96
C ILE A 34 -6.81 8.01 -6.92
N ASP A 35 -6.02 7.06 -6.51
CA ASP A 35 -6.49 5.65 -6.44
C ASP A 35 -5.74 4.92 -5.33
N VAL A 36 -6.00 5.29 -4.10
CA VAL A 36 -5.27 4.62 -2.99
C VAL A 36 -6.07 3.43 -2.49
N GLU A 37 -5.51 2.25 -2.60
CA GLU A 37 -6.26 1.04 -2.16
C GLU A 37 -5.77 0.65 -0.76
N LYS A 38 -6.70 0.43 0.13
CA LYS A 38 -6.35 0.12 1.54
C LYS A 38 -7.25 -0.96 2.11
N ILE A 39 -6.73 -2.06 2.57
CA ILE A 39 -7.61 -3.12 3.13
C ILE A 39 -7.03 -3.69 4.42
N ASP A 40 -7.53 -4.83 4.81
CA ASP A 40 -7.05 -5.52 6.03
C ASP A 40 -6.29 -6.80 5.71
N ILE A 41 -5.68 -7.39 6.69
CA ILE A 41 -4.96 -8.68 6.44
C ILE A 41 -5.93 -9.81 6.08
N MET A 42 -6.92 -10.04 6.90
CA MET A 42 -7.86 -11.16 6.60
C MET A 42 -8.65 -10.88 5.32
N VAL A 43 -8.43 -9.75 4.72
CA VAL A 43 -9.15 -9.45 3.43
C VAL A 43 -8.16 -9.43 2.26
N ASP A 44 -7.08 -8.72 2.40
CA ASP A 44 -6.09 -8.67 1.29
C ASP A 44 -4.87 -9.52 1.64
N ARG A 45 -5.08 -10.73 2.08
CA ARG A 45 -3.89 -11.56 2.45
C ARG A 45 -3.03 -11.81 1.21
N GLU A 46 -3.51 -11.42 0.06
CA GLU A 46 -2.69 -11.55 -1.18
C GLU A 46 -1.30 -10.94 -0.97
N LYS A 47 -1.16 -10.09 0.00
CA LYS A 47 0.16 -9.45 0.23
C LYS A 47 1.24 -10.54 0.32
N ALA A 48 1.08 -11.41 1.24
CA ALA A 48 1.99 -12.53 1.44
C ALA A 48 1.99 -13.44 0.23
N ILE A 49 1.21 -13.16 -0.76
CA ILE A 49 1.16 -14.10 -1.89
C ILE A 49 2.58 -14.61 -2.00
N GLU A 50 3.51 -13.70 -1.87
CA GLU A 50 4.94 -14.08 -1.89
C GLU A 50 5.17 -15.24 -0.92
N TYR A 51 4.71 -15.12 0.31
CA TYR A 51 4.90 -16.25 1.28
C TYR A 51 3.55 -16.65 1.88
N GLY A 52 2.69 -15.71 2.04
CA GLY A 52 1.35 -15.97 2.62
C GLY A 52 1.45 -16.51 4.04
N LEU A 53 2.46 -17.27 4.35
CA LEU A 53 2.58 -17.82 5.73
C LEU A 53 2.40 -16.68 6.74
N MET A 54 3.44 -15.93 6.98
CA MET A 54 3.34 -14.81 7.95
C MET A 54 2.68 -13.62 7.25
N ALA A 55 1.53 -13.82 6.68
CA ALA A 55 0.90 -12.70 5.95
C ALA A 55 -0.17 -12.02 6.81
N VAL A 56 0.20 -10.86 7.35
CA VAL A 56 -0.75 -10.10 8.20
C VAL A 56 -0.54 -8.59 8.04
N PRO A 57 0.53 -8.05 8.58
CA PRO A 57 0.77 -6.59 8.41
C PRO A 57 1.70 -6.36 7.22
N ALA A 58 1.14 -5.77 6.17
CA ALA A 58 1.95 -5.54 4.94
C ALA A 58 1.34 -4.46 4.06
N ILE A 59 1.99 -4.17 2.96
CA ILE A 59 1.45 -3.15 2.02
C ILE A 59 1.73 -3.60 0.59
N ALA A 60 0.74 -3.51 -0.27
CA ALA A 60 1.01 -3.96 -1.66
C ALA A 60 1.70 -2.81 -2.35
N ILE A 61 2.69 -3.14 -3.18
CA ILE A 61 3.42 -1.99 -3.75
C ILE A 61 2.68 -1.65 -5.04
N ASN A 62 1.66 -0.81 -4.84
CA ASN A 62 0.85 -0.32 -5.99
C ASN A 62 1.78 0.07 -7.11
N GLY A 63 2.20 -0.89 -7.87
CA GLY A 63 3.14 -0.65 -8.99
C GLY A 63 3.75 -1.99 -9.37
N VAL A 64 4.13 -2.77 -8.38
CA VAL A 64 4.74 -4.10 -8.65
C VAL A 64 3.99 -5.22 -7.91
N VAL A 65 3.92 -5.18 -6.59
CA VAL A 65 3.20 -6.28 -5.87
C VAL A 65 2.85 -5.90 -4.42
N ARG A 66 3.54 -6.50 -3.47
CA ARG A 66 3.25 -6.22 -2.02
C ARG A 66 4.41 -6.75 -1.16
N PHE A 67 4.49 -6.32 0.08
CA PHE A 67 5.62 -6.77 0.94
C PHE A 67 5.17 -6.96 2.40
N VAL A 68 6.05 -7.41 3.24
CA VAL A 68 5.71 -7.58 4.68
C VAL A 68 5.99 -6.29 5.45
N GLY A 69 4.99 -5.67 5.98
CA GLY A 69 5.22 -4.40 6.73
C GLY A 69 4.02 -4.06 7.61
N ALA A 70 4.20 -3.90 8.88
CA ALA A 70 3.05 -3.54 9.75
C ALA A 70 3.02 -2.02 9.90
N PRO A 71 3.87 -1.50 10.75
CA PRO A 71 3.93 -0.04 10.93
C PRO A 71 4.71 0.58 9.78
N SER A 72 4.84 -0.12 8.67
CA SER A 72 5.62 0.48 7.55
C SER A 72 4.66 1.00 6.47
N ARG A 73 4.14 2.18 6.70
CA ARG A 73 3.24 2.82 5.71
C ARG A 73 4.06 3.47 4.60
N GLU A 74 5.20 4.01 4.95
CA GLU A 74 6.07 4.64 3.92
C GLU A 74 6.27 3.69 2.74
N GLU A 75 6.15 2.41 2.99
CA GLU A 75 6.35 1.43 1.89
C GLU A 75 5.43 1.80 0.72
N LEU A 76 4.20 2.08 0.99
CA LEU A 76 3.27 2.47 -0.10
C LEU A 76 3.80 3.73 -0.78
N PHE A 77 4.28 4.67 -0.01
CA PHE A 77 4.83 5.91 -0.61
C PHE A 77 5.96 5.56 -1.57
N GLU A 78 6.71 4.54 -1.26
CA GLU A 78 7.83 4.12 -2.14
C GLU A 78 7.30 3.26 -3.29
N ALA A 79 6.20 2.59 -3.08
CA ALA A 79 5.65 1.71 -4.15
C ALA A 79 4.99 2.57 -5.23
N ILE A 80 4.34 3.63 -4.85
CA ILE A 80 3.70 4.51 -5.85
C ILE A 80 4.80 5.12 -6.74
N ASN A 81 5.90 5.51 -6.14
CA ASN A 81 7.02 6.09 -6.94
C ASN A 81 7.72 4.97 -7.69
N ASP A 82 7.76 3.77 -7.11
CA ASP A 82 8.48 2.76 -7.91
C ASP A 82 7.45 2.07 -8.78
N GLU A 83 6.20 2.43 -8.62
CA GLU A 83 5.14 2.00 -9.56
C GLU A 83 5.13 2.90 -10.77
N MET A 84 4.92 4.16 -10.57
CA MET A 84 4.90 5.12 -11.71
C MET A 84 6.31 5.26 -12.30
N GLU A 85 7.31 4.80 -11.60
CA GLU A 85 8.70 4.91 -12.13
C GLU A 85 9.43 3.57 -11.98
N MET A 1 -2.24 4.92 -14.58
CA MET A 1 -2.33 4.76 -13.10
C MET A 1 -1.73 5.98 -12.39
N VAL A 2 -2.54 6.73 -11.71
CA VAL A 2 -2.02 7.94 -11.00
C VAL A 2 -1.57 7.56 -9.59
N VAL A 3 -2.42 7.79 -8.62
CA VAL A 3 -2.08 7.45 -7.22
C VAL A 3 -2.52 6.01 -6.91
N ASN A 4 -1.60 5.15 -6.52
CA ASN A 4 -2.04 3.77 -6.19
C ASN A 4 -1.28 3.30 -4.94
N ILE A 5 -2.02 3.17 -3.87
CA ILE A 5 -1.47 2.74 -2.55
C ILE A 5 -2.16 1.49 -2.06
N GLU A 6 -1.47 0.48 -1.57
CA GLU A 6 -2.29 -0.65 -1.06
C GLU A 6 -1.75 -0.93 0.35
N VAL A 7 -2.63 -0.60 1.33
CA VAL A 7 -2.15 -0.81 2.72
C VAL A 7 -2.97 -2.03 3.21
N PHE A 8 -2.19 -3.13 3.38
CA PHE A 8 -2.87 -4.39 3.83
C PHE A 8 -2.31 -4.79 5.20
N THR A 9 -2.98 -4.39 6.24
CA THR A 9 -2.51 -4.73 7.62
C THR A 9 -3.61 -5.46 8.39
N SER A 10 -4.66 -4.77 8.74
CA SER A 10 -5.75 -5.44 9.51
C SER A 10 -6.93 -4.48 9.72
N PRO A 11 -8.11 -5.09 9.73
CA PRO A 11 -9.36 -4.32 9.88
C PRO A 11 -9.52 -3.83 11.33
N THR A 12 -8.99 -4.55 12.27
CA THR A 12 -9.11 -4.13 13.70
C THR A 12 -8.08 -3.05 14.00
N CYS A 13 -7.11 -2.88 13.14
CA CYS A 13 -6.07 -1.83 13.38
C CYS A 13 -6.00 -0.90 12.16
N PRO A 14 -5.11 0.06 12.25
CA PRO A 14 -4.94 1.03 11.16
C PRO A 14 -4.00 0.46 10.08
N TYR A 15 -4.53 0.16 8.92
CA TYR A 15 -3.67 -0.39 7.84
C TYR A 15 -2.42 0.48 7.68
N CYS A 16 -2.31 1.18 6.58
CA CYS A 16 -1.12 2.07 6.37
C CYS A 16 -1.46 3.21 5.40
N PRO A 17 -2.66 3.73 5.55
CA PRO A 17 -3.12 4.84 4.68
C PRO A 17 -2.47 6.17 5.09
N MET A 18 -1.35 6.13 5.74
CA MET A 18 -0.70 7.41 6.17
C MET A 18 0.49 7.74 5.26
N ALA A 19 1.52 6.95 5.30
CA ALA A 19 2.69 7.24 4.44
C ALA A 19 2.27 7.34 2.98
N ILE A 20 1.14 6.78 2.65
CA ILE A 20 0.65 6.85 1.26
C ILE A 20 0.15 8.25 0.96
N GLU A 21 -0.51 8.87 1.90
CA GLU A 21 -0.99 10.25 1.68
C GLU A 21 0.17 11.08 1.14
N VAL A 22 1.36 10.76 1.56
CA VAL A 22 2.55 11.52 1.05
C VAL A 22 2.75 11.20 -0.42
N VAL A 23 2.71 9.96 -0.78
CA VAL A 23 2.85 9.53 -2.20
C VAL A 23 1.67 10.07 -3.00
N ASP A 24 0.53 10.13 -2.37
CA ASP A 24 -0.69 10.61 -3.06
C ASP A 24 -0.57 12.12 -3.28
N GLU A 25 -0.03 12.77 -2.30
CA GLU A 25 0.15 14.24 -2.39
C GLU A 25 0.98 14.58 -3.62
N ALA A 26 2.05 13.85 -3.83
CA ALA A 26 2.91 14.11 -5.02
C ALA A 26 2.30 13.51 -6.27
N LYS A 27 1.73 12.32 -6.15
CA LYS A 27 1.15 11.71 -7.37
C LYS A 27 -0.10 12.49 -7.76
N LYS A 28 -0.65 13.24 -6.86
CA LYS A 28 -1.82 14.08 -7.21
C LYS A 28 -1.32 15.21 -8.10
N GLU A 29 -0.22 15.80 -7.70
CA GLU A 29 0.36 16.90 -8.50
C GLU A 29 0.52 16.46 -9.95
N PHE A 30 0.83 15.22 -10.15
CA PHE A 30 1.00 14.70 -11.54
C PHE A 30 -0.39 14.15 -11.91
N GLY A 31 -0.83 13.13 -11.27
CA GLY A 31 -2.18 12.54 -11.48
C GLY A 31 -3.33 13.24 -10.77
N ASP A 32 -3.78 14.35 -11.15
CA ASP A 32 -4.87 15.00 -10.37
C ASP A 32 -5.85 13.94 -9.85
N LYS A 33 -5.92 12.82 -10.45
CA LYS A 33 -6.74 11.65 -10.00
C LYS A 33 -6.12 10.89 -8.86
N ILE A 34 -6.88 10.24 -8.02
CA ILE A 34 -6.22 9.42 -6.96
C ILE A 34 -6.82 8.01 -6.93
N ASP A 35 -6.02 7.06 -6.51
CA ASP A 35 -6.49 5.65 -6.44
C ASP A 35 -5.73 4.94 -5.33
N VAL A 36 -6.03 5.27 -4.09
CA VAL A 36 -5.24 4.61 -3.01
C VAL A 36 -6.10 3.43 -2.52
N GLU A 37 -5.46 2.24 -2.56
CA GLU A 37 -6.31 1.07 -2.16
C GLU A 37 -5.74 0.64 -0.78
N LYS A 38 -6.67 0.43 0.12
CA LYS A 38 -6.37 0.14 1.54
C LYS A 38 -7.24 -0.96 2.15
N ILE A 39 -6.74 -2.08 2.54
CA ILE A 39 -7.62 -3.11 3.14
C ILE A 39 -7.02 -3.71 4.40
N ASP A 40 -7.55 -4.80 4.83
CA ASP A 40 -7.07 -5.54 6.02
C ASP A 40 -6.28 -6.79 5.70
N ILE A 41 -5.69 -7.40 6.68
CA ILE A 41 -4.96 -8.68 6.44
C ILE A 41 -5.94 -9.80 6.08
N MET A 42 -6.92 -10.05 6.92
CA MET A 42 -7.86 -11.16 6.60
C MET A 42 -8.66 -10.88 5.32
N VAL A 43 -8.42 -9.75 4.71
CA VAL A 43 -9.15 -9.45 3.43
C VAL A 43 -8.16 -9.43 2.26
N ASP A 44 -7.07 -8.72 2.40
CA ASP A 44 -6.09 -8.67 1.29
C ASP A 44 -4.87 -9.51 1.65
N ARG A 45 -5.09 -10.76 2.06
CA ARG A 45 -3.87 -11.51 2.46
C ARG A 45 -3.05 -11.84 1.20
N GLU A 46 -3.49 -11.40 0.06
CA GLU A 46 -2.69 -11.53 -1.19
C GLU A 46 -1.30 -10.96 -0.96
N LYS A 47 -1.17 -10.08 0.00
CA LYS A 47 0.16 -9.45 0.23
C LYS A 47 1.22 -10.55 0.31
N ALA A 48 1.12 -11.38 1.25
CA ALA A 48 1.94 -12.57 1.46
C ALA A 48 2.03 -13.42 0.21
N ILE A 49 1.18 -13.18 -0.75
CA ILE A 49 1.16 -14.10 -1.89
C ILE A 49 2.59 -14.61 -2.00
N GLU A 50 3.51 -13.70 -1.87
CA GLU A 50 4.94 -14.08 -1.89
C GLU A 50 5.17 -15.24 -0.92
N TYR A 51 4.71 -15.12 0.31
CA TYR A 51 4.90 -16.25 1.28
C TYR A 51 3.55 -16.65 1.88
N GLY A 52 2.69 -15.71 2.04
CA GLY A 52 1.35 -15.97 2.62
C GLY A 52 1.45 -16.51 4.04
N LEU A 53 2.46 -17.27 4.35
CA LEU A 53 2.58 -17.82 5.73
C LEU A 53 2.40 -16.68 6.74
N MET A 54 3.44 -15.93 6.98
CA MET A 54 3.34 -14.81 7.96
C MET A 54 2.70 -13.62 7.22
N ALA A 55 1.50 -13.82 6.71
CA ALA A 55 0.93 -12.67 5.93
C ALA A 55 -0.18 -12.04 6.81
N VAL A 56 0.20 -10.86 7.35
CA VAL A 56 -0.75 -10.10 8.20
C VAL A 56 -0.57 -8.59 8.09
N PRO A 57 0.60 -8.06 8.52
CA PRO A 57 0.69 -6.59 8.38
C PRO A 57 1.73 -6.37 7.24
N ALA A 58 1.15 -5.76 6.17
CA ALA A 58 1.95 -5.55 4.94
C ALA A 58 1.34 -4.46 4.06
N ILE A 59 2.00 -4.17 2.96
CA ILE A 59 1.44 -3.16 2.03
C ILE A 59 1.72 -3.65 0.61
N ALA A 60 0.73 -3.44 -0.30
CA ALA A 60 1.06 -4.00 -1.64
C ALA A 60 1.71 -2.79 -2.30
N ILE A 61 2.68 -3.18 -3.25
CA ILE A 61 3.39 -1.92 -3.70
C ILE A 61 2.65 -1.74 -5.05
N ASN A 62 1.69 -0.75 -4.84
CA ASN A 62 0.84 -0.32 -5.99
C ASN A 62 1.78 0.07 -7.11
N GLY A 63 2.20 -0.89 -7.87
CA GLY A 63 3.14 -0.65 -8.99
C GLY A 63 3.76 -2.00 -9.36
N VAL A 64 4.14 -2.77 -8.38
CA VAL A 64 4.73 -4.09 -8.66
C VAL A 64 3.99 -5.22 -7.91
N VAL A 65 3.92 -5.18 -6.59
CA VAL A 65 3.20 -6.29 -5.87
C VAL A 65 2.84 -5.92 -4.42
N ARG A 66 3.55 -6.49 -3.47
CA ARG A 66 3.25 -6.22 -2.02
C ARG A 66 4.40 -6.76 -1.17
N PHE A 67 4.49 -6.32 0.08
CA PHE A 67 5.62 -6.78 0.93
C PHE A 67 5.18 -6.93 2.40
N VAL A 68 6.04 -7.43 3.24
CA VAL A 68 5.73 -7.58 4.68
C VAL A 68 5.98 -6.28 5.44
N GLY A 69 4.99 -5.67 5.98
CA GLY A 69 5.22 -4.40 6.73
C GLY A 69 4.02 -4.06 7.61
N ALA A 70 4.21 -3.90 8.89
CA ALA A 70 3.06 -3.53 9.75
C ALA A 70 3.01 -2.02 9.91
N PRO A 71 3.89 -1.50 10.74
CA PRO A 71 3.91 -0.03 10.93
C PRO A 71 4.74 0.58 9.79
N SER A 72 4.82 -0.14 8.64
CA SER A 72 5.64 0.52 7.57
C SER A 72 4.64 0.97 6.48
N ARG A 73 4.15 2.18 6.70
CA ARG A 73 3.24 2.84 5.72
C ARG A 73 4.07 3.44 4.60
N GLU A 74 5.19 4.01 4.95
CA GLU A 74 6.08 4.64 3.92
C GLU A 74 6.26 3.68 2.74
N GLU A 75 6.16 2.40 2.99
CA GLU A 75 6.35 1.43 1.89
C GLU A 75 5.43 1.80 0.72
N LEU A 76 4.20 2.08 0.99
CA LEU A 76 3.27 2.47 -0.10
C LEU A 76 3.81 3.73 -0.78
N PHE A 77 4.28 4.67 -0.01
CA PHE A 77 4.83 5.91 -0.61
C PHE A 77 5.96 5.56 -1.57
N GLU A 78 6.72 4.56 -1.26
CA GLU A 78 7.83 4.10 -2.13
C GLU A 78 7.29 3.28 -3.30
N ALA A 79 6.21 2.58 -3.07
CA ALA A 79 5.65 1.71 -4.15
C ALA A 79 4.99 2.57 -5.23
N ILE A 80 4.34 3.63 -4.85
CA ILE A 80 3.70 4.53 -5.85
C ILE A 80 4.80 5.12 -6.73
N ASN A 81 5.89 5.51 -6.14
CA ASN A 81 7.02 6.09 -6.92
C ASN A 81 7.72 4.98 -7.70
N ASP A 82 7.74 3.76 -7.11
CA ASP A 82 8.50 2.77 -7.92
C ASP A 82 7.44 2.06 -8.78
N GLU A 83 6.20 2.46 -8.63
CA GLU A 83 5.14 1.98 -9.56
C GLU A 83 5.13 2.89 -10.77
N MET A 84 4.91 4.16 -10.56
CA MET A 84 4.90 5.11 -11.72
C MET A 84 6.31 5.26 -12.30
N GLU A 85 7.31 4.80 -11.61
CA GLU A 85 8.70 4.91 -12.13
C GLU A 85 9.43 3.57 -11.98
N MET A 1 -1.51 4.63 -14.03
CA MET A 1 -2.32 5.07 -12.86
C MET A 1 -1.59 6.19 -12.12
N VAL A 2 -2.32 7.03 -11.44
CA VAL A 2 -1.67 8.15 -10.69
C VAL A 2 -1.34 7.70 -9.27
N VAL A 3 -2.24 7.94 -8.37
CA VAL A 3 -2.00 7.54 -6.96
C VAL A 3 -2.49 6.11 -6.72
N ASN A 4 -1.59 5.18 -6.49
CA ASN A 4 -2.07 3.79 -6.20
C ASN A 4 -1.35 3.28 -4.97
N ILE A 5 -2.07 3.23 -3.89
CA ILE A 5 -1.51 2.74 -2.61
C ILE A 5 -2.30 1.54 -2.09
N GLU A 6 -1.68 0.53 -1.60
CA GLU A 6 -2.52 -0.57 -1.09
C GLU A 6 -2.01 -0.92 0.29
N VAL A 7 -2.88 -0.77 1.28
CA VAL A 7 -2.48 -1.07 2.66
C VAL A 7 -3.10 -2.37 3.07
N PHE A 8 -2.39 -3.12 3.85
CA PHE A 8 -2.93 -4.43 4.26
C PHE A 8 -2.62 -4.76 5.74
N THR A 9 -3.33 -4.25 6.70
CA THR A 9 -2.97 -4.64 8.10
C THR A 9 -4.14 -5.37 8.75
N SER A 10 -5.20 -4.67 9.02
CA SER A 10 -6.37 -5.32 9.65
C SER A 10 -7.50 -4.31 9.87
N PRO A 11 -8.67 -4.82 10.12
CA PRO A 11 -9.85 -3.97 10.36
C PRO A 11 -9.86 -3.45 11.79
N THR A 12 -9.28 -4.19 12.70
CA THR A 12 -9.25 -3.73 14.13
C THR A 12 -8.16 -2.67 14.30
N CYS A 13 -7.24 -2.61 13.39
CA CYS A 13 -6.15 -1.60 13.49
C CYS A 13 -6.11 -0.75 12.22
N PRO A 14 -5.26 0.25 12.23
CA PRO A 14 -5.12 1.14 11.06
C PRO A 14 -4.18 0.52 10.03
N TYR A 15 -4.67 0.18 8.87
CA TYR A 15 -3.79 -0.43 7.83
C TYR A 15 -2.53 0.44 7.67
N CYS A 16 -2.38 1.08 6.55
CA CYS A 16 -1.17 1.94 6.34
C CYS A 16 -1.51 3.10 5.38
N PRO A 17 -2.71 3.60 5.52
CA PRO A 17 -3.17 4.72 4.66
C PRO A 17 -2.55 6.05 5.10
N MET A 18 -1.50 6.00 5.88
CA MET A 18 -0.87 7.28 6.34
C MET A 18 0.29 7.67 5.43
N ALA A 19 1.35 6.91 5.44
CA ALA A 19 2.51 7.25 4.57
C ALA A 19 2.04 7.39 3.12
N ILE A 20 0.93 6.78 2.80
CA ILE A 20 0.41 6.88 1.41
C ILE A 20 -0.11 8.30 1.15
N GLU A 21 -0.75 8.88 2.13
CA GLU A 21 -1.25 10.27 1.95
C GLU A 21 -0.11 11.11 1.39
N VAL A 22 1.10 10.81 1.78
CA VAL A 22 2.27 11.58 1.25
C VAL A 22 2.49 11.20 -0.22
N VAL A 23 2.47 9.93 -0.51
CA VAL A 23 2.63 9.48 -1.92
C VAL A 23 1.46 10.02 -2.74
N ASP A 24 0.31 10.17 -2.13
CA ASP A 24 -0.86 10.72 -2.86
C ASP A 24 -0.63 12.19 -3.15
N GLU A 25 -0.05 12.89 -2.21
CA GLU A 25 0.25 14.32 -2.38
C GLU A 25 1.14 14.52 -3.61
N ALA A 26 2.16 13.71 -3.73
CA ALA A 26 3.07 13.83 -4.89
C ALA A 26 2.44 13.20 -6.14
N LYS A 27 1.77 12.09 -5.99
CA LYS A 27 1.17 11.43 -7.18
C LYS A 27 0.00 12.29 -7.66
N LYS A 28 -0.51 13.14 -6.81
CA LYS A 28 -1.61 14.04 -7.24
C LYS A 28 -1.00 15.09 -8.16
N GLU A 29 0.13 15.62 -7.76
CA GLU A 29 0.84 16.65 -8.57
C GLU A 29 0.98 16.17 -10.01
N PHE A 30 1.14 14.90 -10.19
CA PHE A 30 1.29 14.33 -11.55
C PHE A 30 -0.10 13.84 -11.94
N GLY A 31 -0.60 12.84 -11.27
CA GLY A 31 -2.00 12.36 -11.58
C GLY A 31 -3.07 13.20 -10.82
N ASP A 32 -3.47 14.36 -11.27
CA ASP A 32 -4.52 15.09 -10.50
C ASP A 32 -5.53 14.10 -9.87
N LYS A 33 -5.71 12.98 -10.51
CA LYS A 33 -6.63 11.90 -9.99
C LYS A 33 -5.97 11.07 -8.88
N ILE A 34 -6.73 10.47 -8.01
CA ILE A 34 -6.09 9.64 -6.96
C ILE A 34 -6.75 8.26 -6.90
N ASP A 35 -6.01 7.27 -6.50
CA ASP A 35 -6.55 5.89 -6.41
C ASP A 35 -5.81 5.14 -5.31
N VAL A 36 -6.11 5.40 -4.08
CA VAL A 36 -5.38 4.69 -3.00
C VAL A 36 -6.23 3.51 -2.58
N GLU A 37 -5.65 2.33 -2.57
CA GLU A 37 -6.42 1.11 -2.23
C GLU A 37 -5.92 0.60 -0.89
N LYS A 38 -6.86 0.26 -0.06
CA LYS A 38 -6.57 -0.21 1.34
C LYS A 38 -7.27 -1.53 1.73
N ILE A 39 -6.57 -2.48 2.24
CA ILE A 39 -7.25 -3.74 2.65
C ILE A 39 -6.78 -4.22 4.04
N ASP A 40 -7.44 -5.22 4.56
CA ASP A 40 -7.02 -5.77 5.88
C ASP A 40 -6.23 -7.11 5.74
N ILE A 41 -5.64 -7.60 6.81
CA ILE A 41 -4.91 -8.89 6.72
C ILE A 41 -5.88 -10.01 6.33
N MET A 42 -7.09 -9.97 6.81
CA MET A 42 -8.05 -11.05 6.42
C MET A 42 -8.70 -10.77 5.07
N VAL A 43 -8.40 -9.65 4.46
CA VAL A 43 -9.01 -9.34 3.14
C VAL A 43 -7.93 -9.30 2.07
N ASP A 44 -6.83 -8.65 2.33
CA ASP A 44 -5.75 -8.60 1.33
C ASP A 44 -4.61 -9.53 1.75
N ARG A 45 -4.91 -10.70 2.26
CA ARG A 45 -3.78 -11.60 2.69
C ARG A 45 -2.97 -12.01 1.47
N GLU A 46 -3.39 -11.55 0.33
CA GLU A 46 -2.64 -11.83 -0.93
C GLU A 46 -1.24 -11.22 -0.83
N LYS A 47 -1.06 -10.24 0.02
CA LYS A 47 0.29 -9.60 0.13
C LYS A 47 1.33 -10.69 0.22
N ALA A 48 1.27 -11.41 1.31
CA ALA A 48 2.23 -12.53 1.54
C ALA A 48 2.15 -13.56 0.39
N ILE A 49 1.22 -13.44 -0.53
CA ILE A 49 1.20 -14.44 -1.62
C ILE A 49 2.61 -14.95 -1.77
N GLU A 50 3.54 -14.04 -1.68
CA GLU A 50 4.97 -14.41 -1.73
C GLU A 50 5.26 -15.50 -0.70
N TYR A 51 4.90 -15.26 0.54
CA TYR A 51 5.12 -16.29 1.62
C TYR A 51 3.77 -16.69 2.24
N GLY A 52 2.85 -15.77 2.32
CA GLY A 52 1.50 -16.07 2.91
C GLY A 52 1.61 -16.93 4.17
N LEU A 53 2.80 -17.11 4.63
CA LEU A 53 3.07 -17.84 5.91
C LEU A 53 2.70 -16.89 7.04
N MET A 54 3.60 -16.00 7.32
CA MET A 54 3.39 -14.98 8.39
C MET A 54 2.88 -13.68 7.74
N ALA A 55 1.71 -13.66 7.13
CA ALA A 55 1.29 -12.40 6.48
C ALA A 55 0.17 -11.75 7.28
N VAL A 56 0.42 -10.55 7.74
CA VAL A 56 -0.59 -9.81 8.56
C VAL A 56 -0.49 -8.30 8.35
N PRO A 57 0.66 -7.72 8.60
CA PRO A 57 0.85 -6.29 8.35
C PRO A 57 1.76 -6.08 7.17
N ALA A 58 1.18 -5.62 6.09
CA ALA A 58 1.92 -5.38 4.83
C ALA A 58 1.14 -4.44 3.90
N ILE A 59 1.74 -4.06 2.82
CA ILE A 59 1.05 -3.17 1.86
C ILE A 59 1.27 -3.71 0.47
N ALA A 60 0.39 -3.50 -0.45
CA ALA A 60 0.69 -4.07 -1.77
C ALA A 60 1.42 -2.97 -2.46
N ILE A 61 2.24 -3.26 -3.41
CA ILE A 61 2.99 -2.17 -3.98
C ILE A 61 2.29 -1.84 -5.24
N ASN A 62 1.38 -0.92 -5.08
CA ASN A 62 0.55 -0.45 -6.20
C ASN A 62 1.48 -0.08 -7.31
N GLY A 63 1.86 -1.07 -8.04
CA GLY A 63 2.82 -0.86 -9.15
C GLY A 63 3.40 -2.21 -9.52
N VAL A 64 3.76 -2.97 -8.53
CA VAL A 64 4.34 -4.33 -8.81
C VAL A 64 3.59 -5.42 -8.04
N VAL A 65 3.52 -5.36 -6.72
CA VAL A 65 2.78 -6.45 -5.98
C VAL A 65 2.45 -6.06 -4.54
N ARG A 66 3.20 -6.56 -3.59
CA ARG A 66 2.92 -6.28 -2.14
C ARG A 66 4.11 -6.70 -1.29
N PHE A 67 4.23 -6.18 -0.09
CA PHE A 67 5.42 -6.53 0.76
C PHE A 67 5.06 -6.59 2.24
N VAL A 68 6.02 -6.96 3.07
CA VAL A 68 5.77 -7.01 4.53
C VAL A 68 5.94 -5.62 5.16
N GLY A 69 4.93 -5.07 5.76
CA GLY A 69 5.12 -3.72 6.39
C GLY A 69 4.00 -3.44 7.39
N ALA A 70 4.29 -3.47 8.65
CA ALA A 70 3.23 -3.17 9.65
C ALA A 70 3.21 -1.66 9.91
N PRO A 71 4.11 -1.20 10.75
CA PRO A 71 4.19 0.26 11.00
C PRO A 71 5.04 0.91 9.91
N SER A 72 5.24 0.21 8.81
CA SER A 72 6.06 0.80 7.71
C SER A 72 5.17 1.29 6.57
N ARG A 73 4.34 2.25 6.84
CA ARG A 73 3.45 2.79 5.76
C ARG A 73 4.31 3.55 4.73
N GLU A 74 5.38 4.15 5.19
CA GLU A 74 6.27 4.90 4.25
C GLU A 74 6.57 4.04 3.03
N GLU A 75 6.88 2.79 3.24
CA GLU A 75 7.19 1.89 2.10
C GLU A 75 6.12 2.10 1.02
N LEU A 76 4.94 2.46 1.43
CA LEU A 76 3.86 2.72 0.44
C LEU A 76 4.17 4.00 -0.33
N PHE A 77 4.68 4.99 0.34
CA PHE A 77 5.02 6.28 -0.34
C PHE A 77 6.05 6.03 -1.44
N GLU A 78 7.01 5.19 -1.15
CA GLU A 78 8.06 4.85 -2.16
C GLU A 78 7.50 3.86 -3.19
N ALA A 79 6.53 3.09 -2.80
CA ALA A 79 5.94 2.10 -3.75
C ALA A 79 5.12 2.81 -4.84
N ILE A 80 4.35 3.79 -4.47
CA ILE A 80 3.54 4.52 -5.49
C ILE A 80 4.47 5.20 -6.50
N ASN A 81 5.51 5.82 -5.99
CA ASN A 81 6.51 6.46 -6.86
C ASN A 81 7.35 5.39 -7.53
N ASP A 82 7.52 4.23 -6.95
CA ASP A 82 8.37 3.23 -7.64
C ASP A 82 7.46 2.31 -8.39
N GLU A 83 6.21 2.68 -8.37
CA GLU A 83 5.19 1.91 -9.08
C GLU A 83 5.04 2.65 -10.40
N MET A 84 4.68 3.91 -10.36
CA MET A 84 4.56 4.68 -11.62
C MET A 84 5.94 4.90 -12.25
N GLU A 85 6.99 4.68 -11.52
CA GLU A 85 8.35 4.87 -12.09
C GLU A 85 9.37 4.07 -11.28
N MET A 1 -1.51 4.63 -14.03
CA MET A 1 -2.32 5.07 -12.86
C MET A 1 -1.59 6.19 -12.12
N VAL A 2 -2.32 7.03 -11.44
CA VAL A 2 -1.68 8.14 -10.69
C VAL A 2 -1.34 7.71 -9.26
N VAL A 3 -2.26 7.93 -8.35
CA VAL A 3 -2.01 7.53 -6.96
C VAL A 3 -2.50 6.09 -6.78
N ASN A 4 -1.59 5.18 -6.43
CA ASN A 4 -2.16 3.80 -6.17
C ASN A 4 -1.32 3.24 -5.00
N ILE A 5 -2.04 3.25 -3.88
CA ILE A 5 -1.59 2.76 -2.58
C ILE A 5 -2.28 1.51 -2.11
N GLU A 6 -1.66 0.48 -1.63
CA GLU A 6 -2.60 -0.52 -1.07
C GLU A 6 -1.98 -0.94 0.25
N VAL A 7 -2.90 -0.78 1.27
CA VAL A 7 -2.43 -1.05 2.64
C VAL A 7 -3.08 -2.35 3.02
N PHE A 8 -2.50 -3.04 3.96
CA PHE A 8 -2.97 -4.42 4.29
C PHE A 8 -2.63 -4.78 5.73
N THR A 9 -3.29 -4.31 6.70
CA THR A 9 -2.94 -4.66 8.10
C THR A 9 -4.13 -5.37 8.76
N SER A 10 -5.19 -4.65 9.02
CA SER A 10 -6.37 -5.31 9.63
C SER A 10 -7.50 -4.30 9.86
N PRO A 11 -8.67 -4.82 10.12
CA PRO A 11 -9.85 -3.97 10.36
C PRO A 11 -9.86 -3.45 11.79
N THR A 12 -9.28 -4.19 12.70
CA THR A 12 -9.25 -3.73 14.12
C THR A 12 -8.16 -2.67 14.30
N CYS A 13 -7.24 -2.61 13.39
CA CYS A 13 -6.15 -1.60 13.49
C CYS A 13 -6.11 -0.75 12.22
N PRO A 14 -5.26 0.25 12.23
CA PRO A 14 -5.12 1.14 11.06
C PRO A 14 -4.17 0.51 10.03
N TYR A 15 -4.68 0.16 8.88
CA TYR A 15 -3.79 -0.43 7.83
C TYR A 15 -2.53 0.44 7.67
N CYS A 16 -2.38 1.07 6.55
CA CYS A 16 -1.17 1.94 6.34
C CYS A 16 -1.51 3.10 5.38
N PRO A 17 -2.71 3.61 5.53
CA PRO A 17 -3.17 4.72 4.66
C PRO A 17 -2.55 6.05 5.10
N MET A 18 -1.50 6.00 5.88
CA MET A 18 -0.87 7.28 6.34
C MET A 18 0.29 7.67 5.43
N ALA A 19 1.35 6.91 5.44
CA ALA A 19 2.51 7.26 4.57
C ALA A 19 2.05 7.38 3.12
N ILE A 20 0.93 6.79 2.81
CA ILE A 20 0.42 6.89 1.42
C ILE A 20 -0.11 8.30 1.15
N GLU A 21 -0.75 8.88 2.13
CA GLU A 21 -1.25 10.27 1.95
C GLU A 21 -0.11 11.11 1.39
N VAL A 22 1.09 10.80 1.77
CA VAL A 22 2.27 11.57 1.26
C VAL A 22 2.50 11.20 -0.22
N VAL A 23 2.46 9.94 -0.52
CA VAL A 23 2.59 9.46 -1.91
C VAL A 23 1.46 10.03 -2.75
N ASP A 24 0.32 10.21 -2.13
CA ASP A 24 -0.87 10.73 -2.84
C ASP A 24 -0.62 12.20 -3.16
N GLU A 25 -0.05 12.87 -2.21
CA GLU A 25 0.25 14.31 -2.38
C GLU A 25 1.14 14.52 -3.61
N ALA A 26 2.16 13.71 -3.73
CA ALA A 26 3.07 13.82 -4.91
C ALA A 26 2.43 13.20 -6.15
N LYS A 27 1.76 12.08 -5.97
CA LYS A 27 1.19 11.47 -7.19
C LYS A 27 -0.01 12.27 -7.65
N LYS A 28 -0.52 13.13 -6.82
CA LYS A 28 -1.61 14.04 -7.24
C LYS A 28 -1.00 15.09 -8.16
N GLU A 29 0.13 15.61 -7.76
CA GLU A 29 0.81 16.65 -8.58
C GLU A 29 0.99 16.15 -10.00
N PHE A 30 1.12 14.90 -10.20
CA PHE A 30 1.31 14.34 -11.54
C PHE A 30 -0.08 13.84 -11.92
N GLY A 31 -0.63 12.88 -11.30
CA GLY A 31 -2.00 12.37 -11.52
C GLY A 31 -3.11 13.21 -10.87
N ASP A 32 -3.48 14.35 -11.27
CA ASP A 32 -4.49 15.07 -10.45
C ASP A 32 -5.57 14.12 -9.91
N LYS A 33 -5.74 12.98 -10.49
CA LYS A 33 -6.58 11.86 -10.02
C LYS A 33 -5.98 11.08 -8.84
N ILE A 34 -6.74 10.49 -7.98
CA ILE A 34 -6.06 9.62 -6.98
C ILE A 34 -6.76 8.24 -6.90
N ASP A 35 -6.01 7.25 -6.48
CA ASP A 35 -6.54 5.88 -6.41
C ASP A 35 -5.81 5.14 -5.31
N VAL A 36 -6.14 5.39 -4.06
CA VAL A 36 -5.36 4.68 -3.04
C VAL A 36 -6.23 3.54 -2.55
N GLU A 37 -5.62 2.33 -2.59
CA GLU A 37 -6.48 1.16 -2.23
C GLU A 37 -5.88 0.53 -0.94
N LYS A 38 -6.79 0.26 -0.08
CA LYS A 38 -6.73 -0.17 1.33
C LYS A 38 -7.18 -1.54 1.76
N ILE A 39 -6.56 -2.49 2.22
CA ILE A 39 -7.28 -3.74 2.65
C ILE A 39 -6.82 -4.18 4.07
N ASP A 40 -7.39 -5.24 4.57
CA ASP A 40 -7.04 -5.84 5.88
C ASP A 40 -6.19 -7.11 5.74
N ILE A 41 -5.59 -7.57 6.81
CA ILE A 41 -4.90 -8.88 6.70
C ILE A 41 -5.88 -10.01 6.32
N MET A 42 -7.09 -9.99 6.82
CA MET A 42 -8.05 -11.06 6.42
C MET A 42 -8.70 -10.77 5.06
N VAL A 43 -8.41 -9.64 4.47
CA VAL A 43 -9.01 -9.33 3.15
C VAL A 43 -7.92 -9.31 2.07
N ASP A 44 -6.83 -8.65 2.35
CA ASP A 44 -5.72 -8.59 1.34
C ASP A 44 -4.59 -9.54 1.73
N ARG A 45 -4.92 -10.68 2.28
CA ARG A 45 -3.78 -11.56 2.71
C ARG A 45 -2.98 -12.00 1.48
N GLU A 46 -3.43 -11.62 0.32
CA GLU A 46 -2.65 -11.78 -0.95
C GLU A 46 -1.25 -11.23 -0.81
N LYS A 47 -1.06 -10.27 0.06
CA LYS A 47 0.26 -9.60 0.15
C LYS A 47 1.34 -10.68 0.27
N ALA A 48 1.28 -11.45 1.28
CA ALA A 48 2.13 -12.60 1.54
C ALA A 48 2.18 -13.55 0.37
N ILE A 49 1.28 -13.39 -0.60
CA ILE A 49 1.19 -14.44 -1.62
C ILE A 49 2.62 -14.94 -1.76
N GLU A 50 3.54 -14.03 -1.69
CA GLU A 50 4.98 -14.40 -1.74
C GLU A 50 5.25 -15.49 -0.68
N TYR A 51 4.88 -15.24 0.55
CA TYR A 51 5.11 -16.29 1.60
C TYR A 51 3.78 -16.69 2.25
N GLY A 52 2.87 -15.78 2.31
CA GLY A 52 1.54 -16.07 2.90
C GLY A 52 1.66 -16.93 4.16
N LEU A 53 2.78 -17.06 4.70
CA LEU A 53 3.11 -17.83 5.94
C LEU A 53 2.71 -16.92 7.09
N MET A 54 3.56 -15.93 7.29
CA MET A 54 3.39 -14.97 8.37
C MET A 54 2.87 -13.67 7.76
N ALA A 55 1.71 -13.65 7.14
CA ALA A 55 1.37 -12.35 6.51
C ALA A 55 0.15 -11.80 7.26
N VAL A 56 0.42 -10.54 7.71
CA VAL A 56 -0.56 -9.81 8.55
C VAL A 56 -0.46 -8.31 8.38
N PRO A 57 0.71 -7.72 8.58
CA PRO A 57 0.77 -6.29 8.27
C PRO A 57 1.79 -6.07 7.21
N ALA A 58 1.13 -5.58 6.09
CA ALA A 58 1.87 -5.39 4.83
C ALA A 58 1.13 -4.44 3.90
N ILE A 59 1.75 -4.08 2.79
CA ILE A 59 1.03 -3.20 1.86
C ILE A 59 1.29 -3.71 0.47
N ALA A 60 0.37 -3.39 -0.51
CA ALA A 60 0.78 -4.11 -1.73
C ALA A 60 1.31 -2.94 -2.48
N ILE A 61 2.23 -3.27 -3.45
CA ILE A 61 2.98 -2.12 -3.90
C ILE A 61 2.35 -1.86 -5.21
N ASN A 62 1.32 -0.97 -5.03
CA ASN A 62 0.54 -0.45 -6.16
C ASN A 62 1.47 -0.09 -7.27
N GLY A 63 1.86 -1.07 -8.04
CA GLY A 63 2.82 -0.84 -9.15
C GLY A 63 3.40 -2.21 -9.52
N VAL A 64 3.78 -2.97 -8.53
CA VAL A 64 4.34 -4.33 -8.81
C VAL A 64 3.58 -5.43 -8.03
N VAL A 65 3.52 -5.37 -6.72
CA VAL A 65 2.78 -6.45 -5.98
C VAL A 65 2.44 -6.06 -4.53
N ARG A 66 3.21 -6.53 -3.58
CA ARG A 66 2.92 -6.25 -2.14
C ARG A 66 4.10 -6.74 -1.28
N PHE A 67 4.23 -6.19 -0.08
CA PHE A 67 5.43 -6.51 0.75
C PHE A 67 5.06 -6.60 2.25
N VAL A 68 6.01 -6.95 3.08
CA VAL A 68 5.81 -7.00 4.54
C VAL A 68 5.93 -5.62 5.17
N GLY A 69 4.94 -5.08 5.76
CA GLY A 69 5.12 -3.73 6.39
C GLY A 69 4.00 -3.45 7.39
N ALA A 70 4.29 -3.46 8.66
CA ALA A 70 3.22 -3.16 9.65
C ALA A 70 3.21 -1.66 9.92
N PRO A 71 4.13 -1.20 10.75
CA PRO A 71 4.16 0.25 10.98
C PRO A 71 5.05 0.91 9.92
N SER A 72 5.27 0.20 8.83
CA SER A 72 6.06 0.80 7.71
C SER A 72 5.16 1.29 6.57
N ARG A 73 4.33 2.25 6.82
CA ARG A 73 3.47 2.82 5.76
C ARG A 73 4.32 3.54 4.73
N GLU A 74 5.39 4.14 5.17
CA GLU A 74 6.28 4.90 4.25
C GLU A 74 6.56 4.03 3.02
N GLU A 75 6.88 2.78 3.25
CA GLU A 75 7.20 1.91 2.09
C GLU A 75 6.12 2.09 1.03
N LEU A 76 4.94 2.46 1.43
CA LEU A 76 3.86 2.72 0.44
C LEU A 76 4.17 4.00 -0.33
N PHE A 77 4.68 4.99 0.36
CA PHE A 77 5.02 6.26 -0.33
C PHE A 77 6.06 6.03 -1.43
N GLU A 78 7.01 5.19 -1.16
CA GLU A 78 8.06 4.82 -2.14
C GLU A 78 7.49 3.88 -3.20
N ALA A 79 6.49 3.12 -2.81
CA ALA A 79 5.95 2.10 -3.75
C ALA A 79 5.11 2.80 -4.83
N ILE A 80 4.34 3.79 -4.47
CA ILE A 80 3.55 4.54 -5.48
C ILE A 80 4.49 5.19 -6.50
N ASN A 81 5.52 5.80 -6.02
CA ASN A 81 6.54 6.48 -6.89
C ASN A 81 7.34 5.40 -7.59
N ASP A 82 7.54 4.25 -6.93
CA ASP A 82 8.42 3.33 -7.67
C ASP A 82 7.52 2.33 -8.34
N GLU A 83 6.19 2.58 -8.23
CA GLU A 83 5.21 1.89 -9.09
C GLU A 83 5.08 2.67 -10.39
N MET A 84 4.68 3.90 -10.35
CA MET A 84 4.56 4.67 -11.62
C MET A 84 5.94 4.91 -12.25
N GLU A 85 6.99 4.69 -11.51
CA GLU A 85 8.35 4.87 -12.09
C GLU A 85 9.37 4.07 -11.28
N MET A 1 0.81 4.37 -13.12
CA MET A 1 -0.58 4.85 -12.90
C MET A 1 -0.57 6.15 -12.08
N VAL A 2 -1.72 6.59 -11.65
CA VAL A 2 -1.78 7.85 -10.85
C VAL A 2 -1.51 7.52 -9.38
N VAL A 3 -2.45 7.82 -8.51
CA VAL A 3 -2.26 7.53 -7.07
C VAL A 3 -2.82 6.16 -6.73
N ASN A 4 -1.97 5.19 -6.51
CA ASN A 4 -2.48 3.83 -6.15
C ASN A 4 -1.77 3.32 -4.90
N ILE A 5 -2.47 3.26 -3.80
CA ILE A 5 -1.87 2.77 -2.54
C ILE A 5 -2.68 1.60 -1.98
N GLU A 6 -2.05 0.57 -1.51
CA GLU A 6 -2.86 -0.54 -0.95
C GLU A 6 -2.39 -0.81 0.48
N VAL A 7 -3.18 -0.38 1.45
CA VAL A 7 -2.78 -0.59 2.86
C VAL A 7 -3.43 -1.87 3.37
N PHE A 8 -2.63 -2.92 3.46
CA PHE A 8 -3.17 -4.23 3.92
C PHE A 8 -2.51 -4.64 5.23
N THR A 9 -3.01 -4.16 6.34
CA THR A 9 -2.42 -4.52 7.65
C THR A 9 -3.46 -5.21 8.52
N SER A 10 -4.60 -4.60 8.69
CA SER A 10 -5.67 -5.24 9.53
C SER A 10 -6.90 -4.34 9.60
N PRO A 11 -8.04 -4.96 9.80
CA PRO A 11 -9.31 -4.23 9.89
C PRO A 11 -9.53 -3.72 11.32
N THR A 12 -9.00 -4.42 12.28
CA THR A 12 -9.17 -3.98 13.70
C THR A 12 -8.18 -2.87 14.02
N CYS A 13 -7.17 -2.72 13.22
CA CYS A 13 -6.17 -1.64 13.47
C CYS A 13 -6.04 -0.74 12.24
N PRO A 14 -5.19 0.23 12.35
CA PRO A 14 -4.96 1.18 11.23
C PRO A 14 -3.96 0.59 10.23
N TYR A 15 -4.39 0.26 9.05
CA TYR A 15 -3.46 -0.30 8.04
C TYR A 15 -2.21 0.59 7.93
N CYS A 16 -2.02 1.22 6.80
CA CYS A 16 -0.83 2.10 6.64
C CYS A 16 -1.12 3.17 5.56
N PRO A 17 -2.32 3.68 5.59
CA PRO A 17 -2.73 4.71 4.60
C PRO A 17 -2.10 6.07 4.92
N MET A 18 -1.08 6.09 5.74
CA MET A 18 -0.44 7.38 6.07
C MET A 18 0.62 7.77 5.03
N ALA A 19 1.62 6.94 4.87
CA ALA A 19 2.68 7.26 3.88
C ALA A 19 2.04 7.45 2.51
N ILE A 20 0.85 6.96 2.33
CA ILE A 20 0.17 7.12 1.01
C ILE A 20 -0.29 8.56 0.86
N GLU A 21 -0.80 9.14 1.91
CA GLU A 21 -1.24 10.56 1.82
C GLU A 21 -0.09 11.39 1.29
N VAL A 22 1.11 11.06 1.66
CA VAL A 22 2.29 11.81 1.15
C VAL A 22 2.56 11.39 -0.29
N VAL A 23 2.41 10.13 -0.56
CA VAL A 23 2.60 9.61 -1.94
C VAL A 23 1.44 10.09 -2.81
N ASP A 24 0.31 10.34 -2.20
CA ASP A 24 -0.87 10.82 -2.96
C ASP A 24 -0.63 12.28 -3.33
N GLU A 25 -0.03 12.99 -2.42
CA GLU A 25 0.28 14.41 -2.67
C GLU A 25 1.17 14.53 -3.90
N ALA A 26 2.17 13.70 -3.99
CA ALA A 26 3.08 13.74 -5.16
C ALA A 26 2.43 13.04 -6.35
N LYS A 27 1.78 11.93 -6.10
CA LYS A 27 1.14 11.21 -7.23
C LYS A 27 0.03 12.08 -7.81
N LYS A 28 -0.52 12.95 -7.01
CA LYS A 28 -1.57 13.87 -7.52
C LYS A 28 -0.91 14.85 -8.48
N GLU A 29 0.19 15.40 -8.07
CA GLU A 29 0.93 16.34 -8.94
C GLU A 29 1.01 15.77 -10.36
N PHE A 30 1.28 14.50 -10.45
CA PHE A 30 1.36 13.86 -11.78
C PHE A 30 -0.03 13.35 -12.15
N GLY A 31 -0.60 12.53 -11.32
CA GLY A 31 -1.97 11.99 -11.57
C GLY A 31 -3.02 12.81 -10.85
N ASP A 32 -3.41 13.93 -11.37
CA ASP A 32 -4.44 14.76 -10.68
C ASP A 32 -5.51 13.86 -10.04
N LYS A 33 -5.63 12.64 -10.48
CA LYS A 33 -6.64 11.70 -9.91
C LYS A 33 -6.08 10.99 -8.67
N ILE A 34 -6.92 10.46 -7.84
CA ILE A 34 -6.40 9.73 -6.65
C ILE A 34 -7.08 8.35 -6.55
N ASP A 35 -6.28 7.33 -6.39
CA ASP A 35 -6.85 5.95 -6.28
C ASP A 35 -6.12 5.19 -5.18
N VAL A 36 -6.40 5.52 -3.94
CA VAL A 36 -5.69 4.83 -2.83
C VAL A 36 -6.51 3.62 -2.39
N GLU A 37 -5.96 2.44 -2.57
CA GLU A 37 -6.72 1.21 -2.16
C GLU A 37 -6.23 0.79 -0.77
N LYS A 38 -7.11 0.22 0.01
CA LYS A 38 -6.73 -0.17 1.39
C LYS A 38 -7.34 -1.53 1.77
N ILE A 39 -6.53 -2.49 2.11
CA ILE A 39 -7.07 -3.83 2.49
C ILE A 39 -6.65 -4.21 3.91
N ASP A 40 -7.15 -5.32 4.40
CA ASP A 40 -6.81 -5.79 5.77
C ASP A 40 -5.97 -7.07 5.76
N ILE A 41 -5.41 -7.44 6.87
CA ILE A 41 -4.62 -8.70 6.94
C ILE A 41 -5.47 -9.96 6.76
N MET A 42 -6.67 -9.96 7.27
CA MET A 42 -7.55 -11.16 7.14
C MET A 42 -8.40 -11.11 5.88
N VAL A 43 -8.39 -10.01 5.17
CA VAL A 43 -9.24 -9.92 3.95
C VAL A 43 -8.35 -9.89 2.71
N ASP A 44 -7.21 -9.26 2.80
CA ASP A 44 -6.30 -9.20 1.62
C ASP A 44 -5.00 -9.95 1.92
N ARG A 45 -5.10 -11.13 2.49
CA ARG A 45 -3.85 -11.87 2.80
C ARG A 45 -3.05 -12.10 1.52
N GLU A 46 -3.62 -11.75 0.40
CA GLU A 46 -2.90 -11.89 -0.90
C GLU A 46 -1.53 -11.20 -0.83
N LYS A 47 -1.36 -10.28 0.08
CA LYS A 47 -0.06 -9.58 0.15
C LYS A 47 1.06 -10.61 0.23
N ALA A 48 1.01 -11.47 1.17
CA ALA A 48 2.00 -12.53 1.35
C ALA A 48 1.97 -13.51 0.19
N ILE A 49 1.09 -13.33 -0.75
CA ILE A 49 1.04 -14.34 -1.83
C ILE A 49 2.48 -14.76 -2.01
N GLU A 50 3.36 -13.81 -1.89
CA GLU A 50 4.82 -14.09 -1.97
C GLU A 50 5.18 -15.18 -0.95
N TYR A 51 4.80 -14.99 0.29
CA TYR A 51 5.13 -16.03 1.32
C TYR A 51 3.84 -16.53 1.98
N GLY A 52 2.86 -15.69 2.02
CA GLY A 52 1.55 -16.05 2.65
C GLY A 52 1.77 -16.85 3.94
N LEU A 53 2.96 -16.88 4.44
CA LEU A 53 3.24 -17.59 5.73
C LEU A 53 2.93 -16.63 6.88
N MET A 54 3.71 -15.59 6.94
CA MET A 54 3.53 -14.55 7.98
C MET A 54 2.88 -13.34 7.34
N ALA A 55 1.74 -13.52 6.74
CA ALA A 55 1.10 -12.39 6.03
C ALA A 55 0.01 -11.75 6.89
N VAL A 56 0.32 -10.59 7.43
CA VAL A 56 -0.67 -9.86 8.26
C VAL A 56 -0.52 -8.35 8.10
N PRO A 57 0.61 -7.81 8.52
CA PRO A 57 0.82 -6.36 8.37
C PRO A 57 1.66 -6.12 7.11
N ALA A 58 0.99 -5.71 6.05
CA ALA A 58 1.71 -5.46 4.78
C ALA A 58 0.95 -4.47 3.88
N ILE A 59 1.49 -4.21 2.73
CA ILE A 59 0.83 -3.26 1.79
C ILE A 59 1.03 -3.73 0.35
N ALA A 60 0.02 -3.60 -0.48
CA ALA A 60 0.21 -4.03 -1.88
C ALA A 60 0.92 -2.88 -2.57
N ILE A 61 1.96 -3.21 -3.32
CA ILE A 61 2.72 -2.11 -3.94
C ILE A 61 2.02 -1.74 -5.24
N ASN A 62 0.96 -0.96 -5.10
CA ASN A 62 0.22 -0.50 -6.30
C ASN A 62 1.23 -0.06 -7.34
N GLY A 63 1.70 -1.00 -8.11
CA GLY A 63 2.73 -0.72 -9.14
C GLY A 63 3.33 -2.07 -9.51
N VAL A 64 3.59 -2.88 -8.53
CA VAL A 64 4.15 -4.23 -8.79
C VAL A 64 3.32 -5.32 -8.07
N VAL A 65 3.24 -5.30 -6.75
CA VAL A 65 2.43 -6.35 -6.05
C VAL A 65 2.13 -5.97 -4.60
N ARG A 66 2.84 -6.56 -3.67
CA ARG A 66 2.62 -6.28 -2.23
C ARG A 66 3.92 -6.55 -1.44
N PHE A 67 4.01 -6.06 -0.23
CA PHE A 67 5.25 -6.29 0.56
C PHE A 67 4.93 -6.45 2.05
N VAL A 68 5.93 -6.69 2.86
CA VAL A 68 5.70 -6.82 4.33
C VAL A 68 5.83 -5.45 4.98
N GLY A 69 4.83 -4.99 5.65
CA GLY A 69 4.95 -3.64 6.27
C GLY A 69 3.92 -3.45 7.38
N ALA A 70 4.32 -3.57 8.61
CA ALA A 70 3.35 -3.37 9.70
C ALA A 70 3.38 -1.88 10.09
N PRO A 71 4.30 -1.50 10.94
CA PRO A 71 4.38 -0.08 11.30
C PRO A 71 5.17 0.66 10.22
N SER A 72 5.34 0.04 9.07
CA SER A 72 6.09 0.71 7.97
C SER A 72 5.15 1.31 6.93
N ARG A 73 4.44 2.34 7.28
CA ARG A 73 3.51 2.97 6.29
C ARG A 73 4.32 3.76 5.27
N GLU A 74 5.33 4.47 5.72
CA GLU A 74 6.17 5.25 4.77
C GLU A 74 6.51 4.38 3.56
N GLU A 75 6.71 3.11 3.79
CA GLU A 75 7.02 2.22 2.65
C GLU A 75 6.01 2.46 1.54
N LEU A 76 4.77 2.62 1.90
CA LEU A 76 3.72 2.89 0.88
C LEU A 76 4.12 4.15 0.10
N PHE A 77 4.63 5.13 0.79
CA PHE A 77 5.04 6.38 0.10
C PHE A 77 6.12 6.08 -0.94
N GLU A 78 7.05 5.25 -0.59
CA GLU A 78 8.14 4.88 -1.54
C GLU A 78 7.63 3.85 -2.55
N ALA A 79 6.58 3.14 -2.20
CA ALA A 79 6.06 2.08 -3.12
C ALA A 79 5.23 2.73 -4.22
N ILE A 80 4.44 3.71 -3.90
CA ILE A 80 3.62 4.38 -4.95
C ILE A 80 4.56 5.10 -5.93
N ASN A 81 5.67 5.57 -5.43
CA ASN A 81 6.65 6.27 -6.32
C ASN A 81 7.44 5.23 -7.10
N ASP A 82 7.60 4.03 -6.48
CA ASP A 82 8.40 3.07 -7.30
C ASP A 82 7.39 2.24 -8.10
N GLU A 83 6.13 2.42 -7.83
CA GLU A 83 5.06 1.81 -8.67
C GLU A 83 4.97 2.59 -9.97
N MET A 84 4.78 3.88 -9.86
CA MET A 84 4.68 4.74 -11.07
C MET A 84 6.07 4.94 -11.69
N GLU A 85 7.11 4.80 -10.91
CA GLU A 85 8.48 4.99 -11.45
C GLU A 85 9.52 4.69 -10.36
N MET A 1 -1.56 5.14 -14.53
CA MET A 1 -2.21 5.19 -13.20
C MET A 1 -1.56 6.27 -12.32
N VAL A 2 -2.34 7.07 -11.67
CA VAL A 2 -1.77 8.13 -10.80
C VAL A 2 -1.34 7.55 -9.45
N VAL A 3 -2.21 7.61 -8.49
CA VAL A 3 -1.87 7.06 -7.15
C VAL A 3 -2.29 5.59 -7.03
N ASN A 4 -1.40 4.75 -6.62
CA ASN A 4 -1.75 3.30 -6.48
C ASN A 4 -1.10 2.74 -5.21
N ILE A 5 -1.91 2.49 -4.21
CA ILE A 5 -1.39 1.99 -2.92
C ILE A 5 -2.23 0.85 -2.37
N GLU A 6 -1.64 -0.20 -1.88
CA GLU A 6 -2.48 -1.26 -1.29
C GLU A 6 -2.04 -1.48 0.18
N VAL A 7 -2.80 -0.95 1.09
CA VAL A 7 -2.41 -1.08 2.53
C VAL A 7 -3.14 -2.27 3.14
N PHE A 8 -2.40 -3.34 3.37
CA PHE A 8 -3.01 -4.56 3.95
C PHE A 8 -2.36 -4.87 5.30
N THR A 9 -3.03 -4.56 6.37
CA THR A 9 -2.45 -4.84 7.72
C THR A 9 -3.51 -5.48 8.62
N SER A 10 -4.58 -4.77 8.88
CA SER A 10 -5.64 -5.35 9.75
C SER A 10 -6.86 -4.42 9.83
N PRO A 11 -8.01 -5.04 9.91
CA PRO A 11 -9.28 -4.28 9.97
C PRO A 11 -9.49 -3.70 11.38
N THR A 12 -8.68 -4.08 12.32
CA THR A 12 -8.85 -3.55 13.70
C THR A 12 -8.25 -2.15 13.78
N CYS A 13 -7.63 -1.71 12.72
CA CYS A 13 -7.02 -0.34 12.72
C CYS A 13 -6.79 0.12 11.28
N PRO A 14 -6.00 1.16 11.15
CA PRO A 14 -5.65 1.68 9.82
C PRO A 14 -4.45 0.90 9.25
N TYR A 15 -4.65 0.24 8.14
CA TYR A 15 -3.52 -0.53 7.54
C TYR A 15 -2.27 0.36 7.45
N CYS A 16 -2.18 1.16 6.42
CA CYS A 16 -0.99 2.06 6.28
C CYS A 16 -1.35 3.27 5.40
N PRO A 17 -2.55 3.75 5.59
CA PRO A 17 -3.05 4.92 4.80
C PRO A 17 -2.38 6.22 5.26
N MET A 18 -1.18 6.16 5.73
CA MET A 18 -0.49 7.41 6.18
C MET A 18 0.64 7.77 5.23
N ALA A 19 1.61 6.91 5.11
CA ALA A 19 2.76 7.22 4.20
C ALA A 19 2.25 7.44 2.78
N ILE A 20 1.07 6.97 2.49
CA ILE A 20 0.51 7.17 1.12
C ILE A 20 0.03 8.61 0.97
N GLU A 21 -0.57 9.15 1.99
CA GLU A 21 -1.03 10.55 1.91
C GLU A 21 0.12 11.41 1.36
N VAL A 22 1.32 11.08 1.75
CA VAL A 22 2.50 11.84 1.24
C VAL A 22 2.73 11.48 -0.22
N VAL A 23 2.63 10.22 -0.53
CA VAL A 23 2.80 9.77 -1.94
C VAL A 23 1.60 10.23 -2.76
N ASP A 24 0.47 10.39 -2.12
CA ASP A 24 -0.75 10.83 -2.84
C ASP A 24 -0.62 12.32 -3.11
N GLU A 25 -0.04 13.01 -2.19
CA GLU A 25 0.16 14.48 -2.34
C GLU A 25 0.98 14.74 -3.61
N ALA A 26 2.02 13.98 -3.80
CA ALA A 26 2.87 14.17 -5.01
C ALA A 26 2.21 13.52 -6.22
N LYS A 27 1.65 12.35 -6.04
CA LYS A 27 1.01 11.67 -7.20
C LYS A 27 -0.22 12.46 -7.63
N LYS A 28 -0.77 13.23 -6.73
CA LYS A 28 -1.93 14.08 -7.10
C LYS A 28 -1.44 15.17 -8.05
N GLU A 29 -0.35 15.79 -7.68
CA GLU A 29 0.25 16.85 -8.53
C GLU A 29 0.32 16.36 -9.97
N PHE A 30 0.68 15.13 -10.16
CA PHE A 30 0.76 14.57 -11.53
C PHE A 30 -0.60 13.98 -11.90
N GLY A 31 -1.07 13.03 -11.13
CA GLY A 31 -2.39 12.41 -11.42
C GLY A 31 -3.51 13.06 -10.60
N ASP A 32 -3.98 14.20 -10.96
CA ASP A 32 -5.06 14.84 -10.15
C ASP A 32 -5.96 13.76 -9.54
N LYS A 33 -6.06 12.63 -10.18
CA LYS A 33 -6.87 11.50 -9.66
C LYS A 33 -6.05 10.60 -8.72
N ILE A 34 -6.69 9.86 -7.86
CA ILE A 34 -5.91 8.95 -6.97
C ILE A 34 -6.48 7.53 -7.02
N ASP A 35 -5.65 6.55 -6.81
CA ASP A 35 -6.12 5.13 -6.83
C ASP A 35 -5.45 4.37 -5.70
N VAL A 36 -5.69 4.78 -4.49
CA VAL A 36 -5.04 4.09 -3.35
C VAL A 36 -5.95 2.97 -2.84
N GLU A 37 -5.50 1.75 -2.96
CA GLU A 37 -6.37 0.61 -2.51
C GLU A 37 -5.91 0.19 -1.11
N LYS A 38 -6.85 -0.13 -0.26
CA LYS A 38 -6.52 -0.48 1.15
C LYS A 38 -7.34 -1.67 1.64
N ILE A 39 -6.72 -2.65 2.23
CA ILE A 39 -7.48 -3.83 2.74
C ILE A 39 -6.94 -4.25 4.12
N ASP A 40 -7.60 -5.18 4.77
CA ASP A 40 -7.12 -5.65 6.09
C ASP A 40 -6.46 -7.03 5.99
N ILE A 41 -5.82 -7.48 7.03
CA ILE A 41 -5.19 -8.83 6.99
C ILE A 41 -6.22 -9.95 7.08
N MET A 42 -7.41 -9.64 7.52
CA MET A 42 -8.44 -10.71 7.61
C MET A 42 -9.29 -10.76 6.33
N VAL A 43 -9.21 -9.73 5.54
CA VAL A 43 -10.00 -9.71 4.27
C VAL A 43 -9.05 -9.80 3.07
N ASP A 44 -7.86 -9.27 3.19
CA ASP A 44 -6.92 -9.31 2.04
C ASP A 44 -5.71 -10.19 2.34
N ARG A 45 -5.92 -11.39 2.84
CA ARG A 45 -4.74 -12.24 3.15
C ARG A 45 -3.92 -12.48 1.89
N GLU A 46 -4.44 -12.09 0.77
CA GLU A 46 -3.68 -12.16 -0.52
C GLU A 46 -2.40 -11.36 -0.40
N LYS A 47 -2.34 -10.50 0.57
CA LYS A 47 -1.13 -9.66 0.73
C LYS A 47 0.12 -10.52 0.64
N ALA A 48 0.24 -11.42 1.54
CA ALA A 48 1.35 -12.36 1.57
C ALA A 48 1.37 -13.23 0.32
N ILE A 49 0.44 -13.05 -0.57
CA ILE A 49 0.43 -13.95 -1.73
C ILE A 49 1.89 -14.22 -2.01
N GLU A 50 2.68 -13.20 -1.86
CA GLU A 50 4.14 -13.32 -2.04
C GLU A 50 4.68 -14.44 -1.12
N TYR A 51 4.32 -14.42 0.14
CA TYR A 51 4.82 -15.50 1.05
C TYR A 51 3.64 -16.18 1.74
N GLY A 52 2.58 -15.46 1.92
CA GLY A 52 1.37 -16.01 2.59
C GLY A 52 1.75 -16.88 3.79
N LEU A 53 2.98 -16.85 4.21
CA LEU A 53 3.40 -17.63 5.41
C LEU A 53 3.10 -16.79 6.65
N MET A 54 3.74 -15.66 6.69
CA MET A 54 3.57 -14.70 7.81
C MET A 54 2.83 -13.48 7.27
N ALA A 55 1.63 -13.64 6.81
CA ALA A 55 0.94 -12.49 6.18
C ALA A 55 0.00 -11.80 7.16
N VAL A 56 0.40 -10.62 7.59
CA VAL A 56 -0.45 -9.85 8.55
C VAL A 56 -0.29 -8.34 8.29
N PRO A 57 0.88 -7.80 8.56
CA PRO A 57 1.08 -6.36 8.33
C PRO A 57 1.95 -6.15 7.07
N ALA A 58 1.30 -5.97 5.95
CA ALA A 58 2.05 -5.75 4.68
C ALA A 58 1.23 -4.91 3.70
N ILE A 59 1.80 -4.62 2.56
CA ILE A 59 1.06 -3.80 1.57
C ILE A 59 1.47 -4.17 0.15
N ALA A 60 0.58 -4.08 -0.80
CA ALA A 60 1.01 -4.43 -2.16
C ALA A 60 1.69 -3.21 -2.71
N ILE A 61 2.78 -3.39 -3.41
CA ILE A 61 3.49 -2.20 -3.84
C ILE A 61 2.89 -1.81 -5.17
N ASN A 62 1.75 -1.14 -5.07
CA ASN A 62 1.05 -0.63 -6.27
C ASN A 62 2.08 -0.04 -7.20
N GLY A 63 2.68 -0.89 -7.99
CA GLY A 63 3.75 -0.46 -8.92
C GLY A 63 4.51 -1.71 -9.32
N VAL A 64 4.85 -2.51 -8.33
CA VAL A 64 5.59 -3.78 -8.61
C VAL A 64 4.84 -5.00 -8.03
N VAL A 65 4.63 -5.08 -6.74
CA VAL A 65 3.90 -6.28 -6.19
C VAL A 65 3.37 -6.09 -4.77
N ARG A 66 4.00 -6.73 -3.81
CA ARG A 66 3.54 -6.67 -2.38
C ARG A 66 4.71 -6.98 -1.44
N PHE A 67 4.66 -6.47 -0.23
CA PHE A 67 5.80 -6.73 0.71
C PHE A 67 5.32 -6.85 2.16
N VAL A 68 6.25 -7.00 3.07
CA VAL A 68 5.91 -7.08 4.51
C VAL A 68 6.04 -5.69 5.12
N GLY A 69 5.02 -5.16 5.74
CA GLY A 69 5.16 -3.80 6.32
C GLY A 69 4.07 -3.54 7.37
N ALA A 70 4.40 -3.57 8.62
CA ALA A 70 3.37 -3.28 9.66
C ALA A 70 3.37 -1.77 9.92
N PRO A 71 4.28 -1.31 10.75
CA PRO A 71 4.35 0.14 11.01
C PRO A 71 5.17 0.79 9.90
N SER A 72 5.37 0.09 8.81
CA SER A 72 6.17 0.69 7.69
C SER A 72 5.25 1.22 6.57
N ARG A 73 4.46 2.22 6.86
CA ARG A 73 3.57 2.79 5.81
C ARG A 73 4.41 3.59 4.81
N GLU A 74 5.48 4.18 5.28
CA GLU A 74 6.33 4.97 4.36
C GLU A 74 6.69 4.11 3.15
N GLU A 75 6.99 2.86 3.38
CA GLU A 75 7.34 1.97 2.25
C GLU A 75 6.33 2.17 1.11
N LEU A 76 5.12 2.53 1.46
CA LEU A 76 4.10 2.77 0.41
C LEU A 76 4.42 4.07 -0.31
N PHE A 77 4.83 5.07 0.43
CA PHE A 77 5.17 6.36 -0.22
C PHE A 77 6.28 6.14 -1.27
N GLU A 78 7.20 5.27 -0.98
CA GLU A 78 8.30 4.97 -1.93
C GLU A 78 7.79 4.03 -3.03
N ALA A 79 6.79 3.24 -2.75
CA ALA A 79 6.28 2.28 -3.78
C ALA A 79 5.49 3.04 -4.83
N ILE A 80 4.74 4.03 -4.44
CA ILE A 80 3.96 4.80 -5.45
C ILE A 80 4.94 5.50 -6.39
N ASN A 81 6.04 5.98 -5.86
CA ASN A 81 7.06 6.66 -6.71
C ASN A 81 7.77 5.60 -7.54
N ASP A 82 7.94 4.41 -7.00
CA ASP A 82 8.65 3.43 -7.86
C ASP A 82 7.62 2.66 -8.65
N GLU A 83 6.37 2.90 -8.35
CA GLU A 83 5.25 2.38 -9.19
C GLU A 83 5.07 3.29 -10.41
N MET A 84 4.89 4.57 -10.18
CA MET A 84 4.72 5.51 -11.32
C MET A 84 6.03 5.63 -12.11
N GLU A 85 7.13 5.34 -11.50
CA GLU A 85 8.44 5.43 -12.23
C GLU A 85 8.34 4.72 -13.58
#